data_3G3E
#
_entry.id   3G3E
#
_cell.length_a   51.063
_cell.length_b   82.584
_cell.length_c   96.974
_cell.angle_alpha   102.62
_cell.angle_beta   105.43
_cell.angle_gamma   110.79
#
_symmetry.space_group_name_H-M   'P 1'
#
loop_
_entity.id
_entity.type
_entity.pdbx_description
1 polymer 'D-amino-acid oxidase'
2 non-polymer 'FLAVIN-ADENINE DINUCLEOTIDE'
3 non-polymer 3-hydroxyquinolin-2(1H)-one
4 water water
#
_entity_poly.entity_id   1
_entity_poly.type   'polypeptide(L)'
_entity_poly.pdbx_seq_one_letter_code
;MRVVVIGAGVIGLSTALCIHERYHSVLQPLDIKVYADRFTPLTTTDVAAGLWQPYLSDPNNPQEADWSQQTFDYLLSHVH
SPNAENLGLFLISGYNLFHEAIPDPSWKDTVLGFRKLTPRELDMFPDYGYGWFHTSLILEGKNYLQWLTERLTERGVKFF
QRKVESFEEVAREGADVIVNCTGVWAGALQRDPLLQPGRGQIMKVDAPWMKHFILTHDPERGIYNSPYIIPGTQTVTLGG
IFQLGNWSELNNIQDHNTIWEGCCRLEPTLKNARIIGERTGFRPVRPQIRLEREQLRTGPSNTEVIHNYGHGGYGLTIHW
GCALEAAKLFGRILEEKKLSRMPPSHLLVPR
;
_entity_poly.pdbx_strand_id   A,B,C,D
#
# COMPACT_ATOMS: atom_id res chain seq x y z
N MET A 1 21.08 -13.70 39.82
CA MET A 1 20.49 -12.41 40.31
C MET A 1 19.17 -12.04 39.65
N ARG A 2 18.28 -11.46 40.45
CA ARG A 2 16.96 -11.10 39.94
C ARG A 2 16.85 -9.61 39.65
N VAL A 3 16.70 -9.32 38.37
CA VAL A 3 16.59 -7.95 37.86
C VAL A 3 15.21 -7.65 37.30
N VAL A 4 14.60 -6.59 37.78
CA VAL A 4 13.32 -6.13 37.26
C VAL A 4 13.40 -4.79 36.55
N VAL A 5 13.19 -4.83 35.25
CA VAL A 5 13.06 -3.60 34.42
C VAL A 5 11.61 -3.15 34.40
N ILE A 6 11.40 -1.96 34.92
CA ILE A 6 10.05 -1.34 34.87
C ILE A 6 10.04 -0.43 33.67
N GLY A 7 9.27 -0.80 32.67
CA GLY A 7 9.12 0.01 31.44
C GLY A 7 9.56 -0.75 30.19
N ALA A 8 8.74 -0.63 29.14
CA ALA A 8 8.91 -1.38 27.87
C ALA A 8 8.85 -0.44 26.65
N GLY A 9 9.24 0.80 26.89
CA GLY A 9 9.57 1.72 25.82
C GLY A 9 11.01 1.51 25.44
N VAL A 10 11.54 2.44 24.66
CA VAL A 10 12.92 2.25 24.14
C VAL A 10 13.95 2.09 25.23
N ILE A 11 13.79 2.91 26.25
CA ILE A 11 14.77 2.99 27.32
C ILE A 11 14.81 1.66 28.07
N GLY A 12 13.64 1.19 28.47
CA GLY A 12 13.49 -0.06 29.13
C GLY A 12 14.08 -1.19 28.31
N LEU A 13 13.45 -1.46 27.17
CA LEU A 13 13.83 -2.64 26.38
C LEU A 13 15.32 -2.66 25.98
N SER A 14 15.80 -1.46 25.71
CA SER A 14 17.22 -1.21 25.42
C SER A 14 18.13 -1.62 26.58
N THR A 15 17.89 -1.01 27.72
CA THR A 15 18.67 -1.24 28.89
C THR A 15 18.63 -2.72 29.14
N ALA A 16 17.45 -3.29 29.09
CA ALA A 16 17.28 -4.69 29.40
C ALA A 16 18.30 -5.50 28.57
N LEU A 17 18.24 -5.19 27.28
CA LEU A 17 18.93 -5.94 26.29
C LEU A 17 20.38 -5.79 26.54
N CYS A 18 20.78 -4.53 26.69
CA CYS A 18 22.15 -4.19 26.98
C CYS A 18 22.70 -4.89 28.23
N ILE A 19 21.91 -4.95 29.29
CA ILE A 19 22.39 -5.62 30.51
C ILE A 19 22.52 -7.09 30.29
N HIS A 20 21.58 -7.65 29.54
CA HIS A 20 21.60 -9.08 29.37
C HIS A 20 22.81 -9.44 28.54
N GLU A 21 23.00 -8.68 27.47
CA GLU A 21 24.11 -8.93 26.58
C GLU A 21 25.42 -9.04 27.31
N ARG A 22 25.65 -8.08 28.19
CA ARG A 22 26.98 -7.85 28.77
C ARG A 22 27.28 -8.70 30.02
N TYR A 23 26.26 -9.24 30.68
CA TYR A 23 26.43 -9.88 32.00
C TYR A 23 25.91 -11.28 32.12
N HIS A 24 25.14 -11.70 31.12
CA HIS A 24 24.51 -13.00 31.19
C HIS A 24 25.54 -14.12 31.25
N SER A 25 26.72 -13.90 30.71
CA SER A 25 27.73 -14.95 30.68
C SER A 25 28.49 -15.01 32.00
N VAL A 26 28.29 -13.97 32.81
CA VAL A 26 29.05 -13.79 34.04
C VAL A 26 28.19 -13.82 35.32
N LEU A 27 26.89 -13.98 35.19
CA LEU A 27 26.06 -14.06 36.40
C LEU A 27 25.44 -15.42 36.55
N GLN A 28 25.55 -15.96 37.75
CA GLN A 28 25.13 -17.33 38.05
C GLN A 28 23.86 -17.56 37.29
N PRO A 29 22.71 -17.23 37.89
CA PRO A 29 21.63 -17.02 36.95
C PRO A 29 21.40 -15.52 36.90
N LEU A 30 21.19 -14.99 35.71
CA LEU A 30 20.76 -13.61 35.59
C LEU A 30 19.30 -13.60 35.17
N ASP A 31 18.41 -13.40 36.15
CA ASP A 31 16.96 -13.45 35.93
C ASP A 31 16.44 -12.04 35.72
N ILE A 32 16.05 -11.78 34.48
CA ILE A 32 15.55 -10.48 34.08
C ILE A 32 14.14 -10.60 33.61
N LYS A 33 13.30 -9.77 34.23
CA LYS A 33 11.90 -9.65 33.91
C LYS A 33 11.58 -8.19 33.61
N VAL A 34 10.71 -7.99 32.62
CA VAL A 34 10.24 -6.65 32.27
C VAL A 34 8.82 -6.49 32.75
N TYR A 35 8.61 -5.48 33.60
CA TYR A 35 7.29 -5.09 34.04
C TYR A 35 6.91 -3.77 33.37
N ALA A 36 5.78 -3.75 32.75
CA ALA A 36 5.33 -2.51 32.11
C ALA A 36 3.82 -2.49 32.02
N ASP A 37 3.26 -1.31 32.21
CA ASP A 37 1.82 -1.26 32.17
C ASP A 37 1.28 -1.07 30.76
N ARG A 38 2.09 -0.47 29.89
CA ARG A 38 1.85 -0.46 28.42
C ARG A 38 3.04 -0.93 27.55
N PHE A 39 2.77 -1.76 26.56
CA PHE A 39 3.73 -2.31 25.64
C PHE A 39 3.48 -1.78 24.23
N THR A 40 4.44 -2.07 23.35
CA THR A 40 4.64 -1.46 22.03
C THR A 40 3.57 -0.54 21.62
N PRO A 41 2.71 -0.97 20.72
CA PRO A 41 1.83 -0.08 19.98
C PRO A 41 1.46 1.13 20.85
N LEU A 42 1.42 0.91 22.16
CA LEU A 42 0.87 1.89 23.10
C LEU A 42 1.84 2.69 23.91
N THR A 43 3.09 2.76 23.51
CA THR A 43 4.06 3.57 24.23
C THR A 43 4.32 4.86 23.53
N THR A 44 4.92 5.77 24.25
CA THR A 44 5.36 7.07 23.73
C THR A 44 6.33 6.83 22.60
N THR A 45 7.10 5.76 22.79
CA THR A 45 8.11 5.37 21.84
C THR A 45 7.50 5.08 20.48
N ASP A 46 6.29 4.52 20.43
CA ASP A 46 5.62 4.18 19.15
C ASP A 46 5.00 5.37 18.43
N VAL A 47 4.98 6.53 19.09
CA VAL A 47 4.48 7.80 18.57
C VAL A 47 5.61 8.64 17.95
N ALA A 48 6.83 8.34 18.36
CA ALA A 48 8.01 9.02 17.85
C ALA A 48 8.25 8.70 16.41
N ALA A 49 8.79 9.69 15.70
CA ALA A 49 9.13 9.55 14.28
C ALA A 49 10.44 8.72 14.20
N GLY A 50 11.39 9.09 15.04
CA GLY A 50 12.60 8.28 15.25
C GLY A 50 13.83 8.93 14.63
N LEU A 51 13.73 10.23 14.36
CA LEU A 51 14.81 10.94 13.73
C LEU A 51 15.93 11.21 14.74
N TRP A 52 17.14 10.83 14.38
CA TRP A 52 18.30 11.13 15.23
C TRP A 52 18.61 12.60 15.06
N GLN A 53 18.39 13.37 16.11
CA GLN A 53 18.89 14.77 16.23
C GLN A 53 18.80 15.29 17.66
N PRO A 54 19.95 15.58 18.26
CA PRO A 54 20.01 16.21 19.56
C PRO A 54 19.73 17.71 19.55
N TYR A 55 19.63 18.27 20.74
CA TYR A 55 19.42 19.71 20.92
C TYR A 55 20.54 20.38 20.14
N LEU A 56 20.31 21.60 19.68
CA LEU A 56 21.33 22.31 18.89
C LEU A 56 22.59 22.56 19.72
N SER A 57 22.39 23.02 20.96
CA SER A 57 23.49 23.56 21.80
C SER A 57 23.92 22.65 22.95
N ASP A 58 25.17 22.86 23.34
CA ASP A 58 25.85 22.12 24.42
C ASP A 58 25.11 22.23 25.74
N PRO A 59 24.54 21.11 26.21
CA PRO A 59 23.65 20.91 27.37
C PRO A 59 24.29 21.08 28.78
N ASN A 60 23.54 20.59 29.78
CA ASN A 60 23.96 20.67 31.19
C ASN A 60 25.03 19.62 31.39
N ASN A 61 24.63 18.39 31.03
CA ASN A 61 25.54 17.26 31.03
C ASN A 61 26.03 17.05 29.58
N PRO A 62 27.34 17.26 29.33
CA PRO A 62 27.90 17.05 28.00
C PRO A 62 28.15 15.57 27.74
N GLN A 63 27.78 14.77 28.72
CA GLN A 63 27.89 13.33 28.63
C GLN A 63 26.77 12.81 27.72
N GLU A 64 25.80 13.68 27.52
CA GLU A 64 24.62 13.36 26.73
C GLU A 64 25.02 13.44 25.25
N ALA A 65 25.94 14.34 24.99
CA ALA A 65 26.49 14.50 23.63
C ALA A 65 27.17 13.21 23.20
N ASP A 66 27.87 12.63 24.17
CA ASP A 66 28.66 11.42 23.96
C ASP A 66 27.71 10.25 23.75
N TRP A 67 26.63 10.21 24.56
CA TRP A 67 25.61 9.15 24.44
C TRP A 67 24.85 9.19 23.11
N SER A 68 24.58 10.40 22.61
CA SER A 68 23.86 10.57 21.36
C SER A 68 24.71 10.10 20.22
N GLN A 69 26.00 10.32 20.39
CA GLN A 69 26.93 10.00 19.33
C GLN A 69 27.24 8.53 19.32
N GLN A 70 27.32 7.96 20.51
CA GLN A 70 27.51 6.52 20.62
C GLN A 70 26.33 5.81 19.94
N THR A 71 25.16 6.42 20.04
CA THR A 71 23.96 5.82 19.46
C THR A 71 24.04 5.96 17.93
N PHE A 72 24.38 7.17 17.50
CA PHE A 72 24.49 7.44 16.06
C PHE A 72 25.42 6.44 15.45
N ASP A 73 26.63 6.39 16.03
CA ASP A 73 27.71 5.51 15.51
C ASP A 73 27.27 4.04 15.48
N TYR A 74 26.60 3.64 16.54
CA TYR A 74 26.08 2.27 16.64
C TYR A 74 25.05 1.97 15.54
N LEU A 75 24.13 2.88 15.33
CA LEU A 75 23.10 2.66 14.32
C LEU A 75 23.67 2.68 12.91
N LEU A 76 24.56 3.62 12.66
CA LEU A 76 25.16 3.80 11.35
C LEU A 76 25.86 2.51 10.94
N SER A 77 26.39 1.79 11.91
CA SER A 77 27.14 0.56 11.65
C SER A 77 26.21 -0.61 11.35
N HIS A 78 24.92 -0.44 11.48
CA HIS A 78 23.98 -1.53 11.15
C HIS A 78 22.95 -1.06 10.10
N VAL A 79 23.15 0.13 9.58
CA VAL A 79 22.25 0.69 8.59
C VAL A 79 22.21 -0.18 7.35
N HIS A 80 23.35 -0.78 7.00
CA HIS A 80 23.43 -1.59 5.78
C HIS A 80 23.48 -3.07 6.10
N SER A 81 23.02 -3.45 7.28
CA SER A 81 22.97 -4.87 7.59
C SER A 81 21.60 -5.45 7.28
N PRO A 82 21.56 -6.66 6.71
CA PRO A 82 20.25 -7.29 6.44
C PRO A 82 19.59 -7.70 7.74
N ASN A 83 18.94 -6.72 8.34
CA ASN A 83 18.43 -6.78 9.72
C ASN A 83 17.79 -5.44 9.98
N ALA A 84 18.26 -4.47 9.22
CA ALA A 84 17.94 -3.05 9.39
C ALA A 84 16.46 -2.75 9.17
N GLU A 85 15.82 -3.40 8.20
CA GLU A 85 14.38 -3.15 8.03
C GLU A 85 13.57 -3.79 9.17
N ASN A 86 14.18 -4.74 9.82
CA ASN A 86 13.54 -5.31 11.00
C ASN A 86 13.60 -4.34 12.17
N LEU A 87 14.67 -3.54 12.26
CA LEU A 87 14.71 -2.55 13.36
C LEU A 87 14.17 -1.21 12.94
N GLY A 88 13.72 -1.09 11.69
CA GLY A 88 13.14 0.16 11.19
C GLY A 88 14.17 1.28 11.08
N LEU A 89 15.38 0.89 10.71
CA LEU A 89 16.53 1.80 10.64
C LEU A 89 16.91 2.12 9.23
N PHE A 90 16.95 3.40 8.94
CA PHE A 90 17.36 3.83 7.61
C PHE A 90 17.92 5.18 7.64
N LEU A 91 18.61 5.52 6.56
CA LEU A 91 19.32 6.77 6.41
C LEU A 91 18.36 7.75 5.72
N ILE A 92 18.44 9.01 6.14
CA ILE A 92 17.61 10.06 5.59
C ILE A 92 18.29 11.41 5.68
N SER A 93 18.19 12.19 4.61
CA SER A 93 18.76 13.54 4.55
C SER A 93 17.64 14.52 4.66
N GLY A 94 17.99 15.76 4.98
CA GLY A 94 17.02 16.87 5.10
C GLY A 94 17.50 18.16 5.67
N TYR A 95 16.55 19.04 5.85
CA TYR A 95 16.76 20.46 6.15
C TYR A 95 16.40 20.89 7.54
N ASN A 96 17.28 21.76 8.07
CA ASN A 96 17.00 22.52 9.26
C ASN A 96 16.89 23.98 8.90
N LEU A 97 15.73 24.59 9.16
CA LEU A 97 15.50 25.96 8.70
C LEU A 97 15.35 26.91 9.87
N PHE A 98 16.10 28.03 9.79
CA PHE A 98 16.07 29.10 10.80
C PHE A 98 15.77 30.41 10.13
N HIS A 99 15.30 31.36 10.91
CA HIS A 99 14.99 32.71 10.37
C HIS A 99 16.27 33.58 10.15
N GLU A 100 17.30 33.29 10.92
CA GLU A 100 18.59 33.93 10.76
C GLU A 100 19.72 33.00 11.20
N ALA A 101 20.96 33.46 11.04
CA ALA A 101 22.14 32.64 11.33
C ALA A 101 22.28 32.25 12.81
N ILE A 102 22.94 31.12 12.98
CA ILE A 102 23.07 30.46 14.25
C ILE A 102 24.32 29.60 14.22
N PRO A 103 24.88 29.29 15.38
CA PRO A 103 26.06 28.44 15.35
C PRO A 103 25.82 27.01 14.93
N ASP A 104 26.81 26.45 14.26
CA ASP A 104 26.82 25.03 13.92
C ASP A 104 26.58 24.18 15.15
N PRO A 105 25.81 23.08 14.99
CA PRO A 105 25.60 22.28 16.19
C PRO A 105 26.84 21.53 16.57
N SER A 106 26.90 21.14 17.83
CA SER A 106 28.04 20.38 18.33
C SER A 106 28.22 19.11 17.50
N TRP A 107 27.09 18.49 17.18
CA TRP A 107 27.01 17.19 16.49
C TRP A 107 27.23 17.30 14.98
N LYS A 108 27.73 18.45 14.53
CA LYS A 108 27.83 18.73 13.10
C LYS A 108 28.69 17.68 12.41
N ASP A 109 29.61 17.09 13.18
CA ASP A 109 30.58 16.13 12.64
C ASP A 109 30.17 14.71 12.92
N THR A 110 29.14 14.56 13.74
CA THR A 110 28.68 13.22 14.04
C THR A 110 27.89 12.71 12.87
N VAL A 111 27.06 13.60 12.37
CA VAL A 111 26.18 13.32 11.21
C VAL A 111 26.98 13.29 9.91
N LEU A 112 26.29 12.86 8.87
CA LEU A 112 26.88 12.72 7.55
C LEU A 112 26.63 13.96 6.71
N GLY A 113 27.72 14.47 6.18
CA GLY A 113 27.69 15.52 5.15
C GLY A 113 27.06 16.85 5.55
N PHE A 114 27.30 17.25 6.79
CA PHE A 114 26.74 18.52 7.27
C PHE A 114 27.21 19.70 6.43
N ARG A 115 26.28 20.57 6.09
CA ARG A 115 26.61 21.83 5.44
C ARG A 115 25.50 22.86 5.59
N LYS A 116 25.84 24.08 5.27
CA LYS A 116 24.90 25.18 5.30
C LYS A 116 24.10 25.15 4.05
N LEU A 117 22.84 25.50 4.16
CA LEU A 117 21.94 25.57 2.98
C LEU A 117 22.42 26.68 2.03
N THR A 118 22.45 26.36 0.74
CA THR A 118 22.71 27.33 -0.33
C THR A 118 21.43 28.17 -0.60
N PRO A 119 21.58 29.33 -1.26
CA PRO A 119 20.47 30.24 -1.56
C PRO A 119 19.36 29.65 -2.37
N ARG A 120 19.69 28.80 -3.32
CA ARG A 120 18.67 28.22 -4.21
C ARG A 120 17.81 27.25 -3.44
N GLU A 121 18.41 26.65 -2.42
CA GLU A 121 17.67 25.74 -1.52
C GLU A 121 16.76 26.54 -0.62
N LEU A 122 17.26 27.66 -0.13
CA LEU A 122 16.47 28.53 0.75
C LEU A 122 15.32 29.19 0.00
N ASP A 123 15.41 29.24 -1.31
CA ASP A 123 14.36 29.84 -2.12
C ASP A 123 13.14 28.93 -2.11
N MET A 124 13.36 27.68 -1.74
CA MET A 124 12.26 26.69 -1.68
C MET A 124 11.44 26.91 -0.45
N PHE A 125 12.04 27.60 0.52
CA PHE A 125 11.38 27.88 1.79
C PHE A 125 11.35 29.38 2.06
N PRO A 126 10.37 30.10 1.48
CA PRO A 126 10.22 31.54 1.59
C PRO A 126 10.34 32.12 2.99
N ASP A 127 9.88 31.39 4.00
CA ASP A 127 9.76 31.94 5.37
C ASP A 127 11.03 31.81 6.18
N TYR A 128 11.99 31.10 5.64
CA TYR A 128 13.23 30.90 6.37
C TYR A 128 14.39 31.41 5.50
N GLY A 129 15.42 31.93 6.16
CA GLY A 129 16.54 32.58 5.46
C GLY A 129 17.90 31.94 5.70
N TYR A 130 17.94 30.95 6.57
CA TYR A 130 19.17 30.26 6.90
C TYR A 130 18.86 28.84 7.26
N GLY A 131 19.85 27.97 7.19
CA GLY A 131 19.67 26.58 7.53
C GLY A 131 20.81 25.68 7.18
N TRP A 132 20.55 24.42 7.47
CA TRP A 132 21.46 23.31 7.23
C TRP A 132 20.83 22.23 6.39
N PHE A 133 21.73 21.38 5.90
CA PHE A 133 21.43 20.15 5.25
C PHE A 133 22.41 19.11 5.78
N HIS A 134 21.91 17.94 6.07
CA HIS A 134 22.77 16.82 6.40
C HIS A 134 22.02 15.51 6.27
N THR A 135 22.78 14.42 6.39
CA THR A 135 22.26 13.11 6.42
C THR A 135 22.32 12.58 7.82
N SER A 136 21.21 12.01 8.26
CA SER A 136 21.10 11.39 9.58
C SER A 136 20.40 10.03 9.45
N LEU A 137 19.79 9.61 10.52
CA LEU A 137 19.25 8.24 10.70
C LEU A 137 17.89 8.33 11.32
N ILE A 138 17.00 7.46 10.87
CA ILE A 138 15.72 7.30 11.49
C ILE A 138 15.63 5.90 12.01
N LEU A 139 15.22 5.78 13.26
CA LEU A 139 14.88 4.47 13.90
C LEU A 139 13.47 4.47 14.35
N GLU A 140 12.61 3.76 13.64
CA GLU A 140 11.16 3.75 13.93
C GLU A 140 10.82 2.85 15.11
N GLY A 141 10.21 3.48 16.12
CA GLY A 141 9.91 2.88 17.41
C GLY A 141 9.09 1.64 17.28
N LYS A 142 8.07 1.73 16.44
CA LYS A 142 7.11 0.63 16.38
C LYS A 142 7.91 -0.61 16.04
N ASN A 143 8.86 -0.47 15.13
CA ASN A 143 9.69 -1.61 14.67
C ASN A 143 10.80 -1.97 15.64
N TYR A 144 11.53 -0.95 16.01
CA TYR A 144 12.64 -1.12 16.93
C TYR A 144 12.14 -1.87 18.15
N LEU A 145 11.05 -1.41 18.69
CA LEU A 145 10.52 -1.98 19.94
C LEU A 145 10.18 -3.44 19.80
N GLN A 146 9.70 -3.78 18.60
CA GLN A 146 9.28 -5.16 18.31
C GLN A 146 10.52 -6.03 18.13
N TRP A 147 11.52 -5.44 17.49
CA TRP A 147 12.80 -6.06 17.31
C TRP A 147 13.38 -6.40 18.66
N LEU A 148 13.41 -5.41 19.53
CA LEU A 148 13.98 -5.54 20.89
C LEU A 148 13.28 -6.64 21.66
N THR A 149 11.97 -6.64 21.57
CA THR A 149 11.14 -7.66 22.26
C THR A 149 11.54 -9.09 21.88
N GLU A 150 11.68 -9.31 20.57
CA GLU A 150 12.15 -10.60 19.97
C GLU A 150 13.53 -11.03 20.45
N ARG A 151 14.46 -10.10 20.47
CA ARG A 151 15.79 -10.39 20.99
C ARG A 151 15.65 -10.82 22.44
N LEU A 152 14.90 -10.03 23.18
CA LEU A 152 14.81 -10.24 24.62
C LEU A 152 14.17 -11.56 24.88
N THR A 153 13.13 -11.85 24.11
CA THR A 153 12.35 -13.07 24.33
C THR A 153 13.23 -14.28 24.12
N GLU A 154 14.14 -14.17 23.16
CA GLU A 154 15.05 -15.28 22.85
C GLU A 154 16.10 -15.47 23.92
N ARG A 155 16.32 -14.41 24.71
CA ARG A 155 17.34 -14.43 25.77
C ARG A 155 16.68 -14.81 27.06
N GLY A 156 15.45 -15.27 26.98
CA GLY A 156 14.75 -15.78 28.16
C GLY A 156 14.14 -14.70 29.02
N VAL A 157 14.20 -13.46 28.53
CA VAL A 157 13.64 -12.31 29.30
C VAL A 157 12.12 -12.34 29.22
N LYS A 158 11.51 -12.50 30.40
CA LYS A 158 10.04 -12.61 30.54
C LYS A 158 9.38 -11.25 30.68
N PHE A 159 8.20 -11.13 30.10
CA PHE A 159 7.43 -9.89 30.10
C PHE A 159 6.09 -10.05 30.83
N PHE A 160 5.79 -9.04 31.63
CA PHE A 160 4.53 -9.03 32.39
C PHE A 160 3.86 -7.67 32.27
N GLN A 161 2.56 -7.68 32.12
CA GLN A 161 1.90 -6.39 32.00
C GLN A 161 1.29 -6.08 33.35
N ARG A 162 1.84 -5.06 33.97
CA ARG A 162 1.37 -4.60 35.24
C ARG A 162 1.81 -3.20 35.57
N LYS A 163 0.95 -2.51 36.29
CA LYS A 163 1.29 -1.20 36.77
C LYS A 163 1.87 -1.41 38.16
N VAL A 164 3.13 -1.07 38.25
CA VAL A 164 3.86 -1.09 39.50
C VAL A 164 3.51 0.14 40.33
N GLU A 165 3.04 -0.10 41.54
CA GLU A 165 2.63 0.97 42.45
C GLU A 165 3.77 1.50 43.27
N SER A 166 4.82 0.71 43.43
CA SER A 166 5.96 1.19 44.23
C SER A 166 7.15 0.32 44.03
N PHE A 167 8.32 0.95 44.16
CA PHE A 167 9.61 0.26 44.12
C PHE A 167 9.64 -0.79 45.21
N GLU A 168 8.92 -0.51 46.29
CA GLU A 168 8.91 -1.36 47.48
C GLU A 168 8.23 -2.67 47.18
N GLU A 169 7.13 -2.59 46.45
CA GLU A 169 6.36 -3.79 46.13
C GLU A 169 7.25 -4.71 45.33
N VAL A 170 8.09 -4.15 44.46
CA VAL A 170 8.91 -4.97 43.57
C VAL A 170 10.07 -5.61 44.31
N ALA A 171 10.62 -4.83 45.23
CA ALA A 171 11.72 -5.25 46.08
C ALA A 171 11.23 -6.35 47.01
N ARG A 172 10.06 -6.12 47.58
CA ARG A 172 9.47 -7.09 48.46
C ARG A 172 9.23 -8.39 47.75
N GLU A 173 9.06 -8.34 46.45
CA GLU A 173 8.88 -9.57 45.68
C GLU A 173 10.20 -10.28 45.43
N GLY A 174 11.31 -9.64 45.79
CA GLY A 174 12.61 -10.30 45.71
C GLY A 174 13.50 -9.88 44.58
N ALA A 175 13.23 -8.71 44.05
CA ALA A 175 14.15 -8.10 43.08
C ALA A 175 15.41 -7.62 43.77
N ASP A 176 16.56 -7.87 43.16
CA ASP A 176 17.86 -7.43 43.65
C ASP A 176 18.25 -6.09 43.05
N VAL A 177 17.79 -5.89 41.82
CA VAL A 177 17.98 -4.63 41.11
C VAL A 177 16.74 -4.22 40.33
N ILE A 178 16.34 -2.99 40.50
CA ILE A 178 15.20 -2.43 39.79
C ILE A 178 15.80 -1.45 38.82
N VAL A 179 15.55 -1.64 37.56
CA VAL A 179 15.96 -0.63 36.59
C VAL A 179 14.68 0.17 36.24
N ASN A 180 14.72 1.46 36.59
CA ASN A 180 13.53 2.33 36.44
C ASN A 180 13.53 3.16 35.13
N CYS A 181 12.71 2.69 34.19
CA CYS A 181 12.71 3.22 32.83
C CYS A 181 11.30 3.63 32.46
N THR A 182 10.74 4.38 33.38
CA THR A 182 9.29 4.65 33.40
C THR A 182 8.88 5.95 32.67
N GLY A 183 9.87 6.65 32.11
CA GLY A 183 9.60 7.80 31.27
C GLY A 183 8.84 8.87 32.00
N VAL A 184 7.84 9.43 31.33
CA VAL A 184 7.13 10.58 31.86
C VAL A 184 6.45 10.26 33.18
N TRP A 185 6.25 8.98 33.47
CA TRP A 185 5.46 8.61 34.61
C TRP A 185 6.31 8.26 35.84
N ALA A 186 7.56 8.60 35.82
CA ALA A 186 8.48 8.15 36.88
C ALA A 186 8.12 8.70 38.28
N GLY A 187 7.54 9.88 38.27
CA GLY A 187 7.18 10.68 39.44
C GLY A 187 6.16 9.98 40.30
N ALA A 188 5.43 9.07 39.72
CA ALA A 188 4.48 8.27 40.51
C ALA A 188 5.19 7.20 41.40
N LEU A 189 6.49 6.98 41.20
CA LEU A 189 7.24 5.97 41.93
C LEU A 189 8.17 6.63 42.91
N GLN A 190 8.54 7.85 42.55
CA GLN A 190 9.41 8.67 43.42
C GLN A 190 9.32 10.07 42.92
N ARG A 191 8.74 10.96 43.73
CA ARG A 191 8.40 12.28 43.22
C ARG A 191 9.66 12.98 42.66
N ASP A 192 9.45 13.58 41.51
CA ASP A 192 10.52 14.27 40.78
C ASP A 192 9.94 15.47 40.08
N PRO A 193 10.02 16.64 40.72
CA PRO A 193 9.38 17.86 40.22
C PRO A 193 10.07 18.42 38.96
N LEU A 194 11.24 17.90 38.67
CA LEU A 194 12.03 18.37 37.53
C LEU A 194 11.60 17.67 36.26
N LEU A 195 10.79 16.63 36.43
CA LEU A 195 10.29 15.83 35.30
C LEU A 195 8.89 16.30 34.95
N GLN A 196 8.66 16.64 33.70
CA GLN A 196 7.32 17.00 33.27
C GLN A 196 6.99 16.58 31.85
N PRO A 197 5.69 16.55 31.50
CA PRO A 197 5.36 16.07 30.17
C PRO A 197 5.47 17.14 29.12
N GLY A 198 6.02 16.78 27.98
CA GLY A 198 6.08 17.70 26.87
C GLY A 198 5.17 17.10 25.87
N ARG A 199 3.90 17.47 25.98
CA ARG A 199 2.84 16.87 25.19
C ARG A 199 3.09 17.16 23.75
N GLY A 200 2.98 16.10 22.97
CA GLY A 200 3.02 16.19 21.52
C GLY A 200 1.86 15.49 20.85
N GLN A 201 1.61 15.99 19.66
CA GLN A 201 0.67 15.45 18.74
C GLN A 201 1.34 15.45 17.35
N ILE A 202 1.01 14.38 16.61
CA ILE A 202 1.51 14.24 15.23
C ILE A 202 0.43 13.65 14.38
N MET A 203 0.53 13.92 13.08
CA MET A 203 -0.30 13.30 12.06
C MET A 203 0.58 12.43 11.18
N LYS A 204 0.00 11.31 10.79
CA LYS A 204 0.61 10.45 9.82
C LYS A 204 -0.13 10.55 8.49
N VAL A 205 0.64 10.82 7.45
CA VAL A 205 0.10 11.15 6.15
C VAL A 205 0.71 10.31 5.00
N ASP A 206 -0.06 10.02 3.96
CA ASP A 206 0.51 9.31 2.82
C ASP A 206 1.05 10.31 1.86
N ALA A 207 2.35 10.43 1.86
CA ALA A 207 3.01 11.40 1.01
C ALA A 207 4.37 10.87 0.59
N PRO A 208 4.39 9.72 -0.10
CA PRO A 208 5.57 8.88 -0.35
C PRO A 208 6.60 9.55 -1.30
N TRP A 209 6.21 10.68 -1.86
CA TRP A 209 7.10 11.41 -2.74
C TRP A 209 8.03 12.25 -1.92
N MET A 210 7.81 12.23 -0.62
CA MET A 210 8.63 13.02 0.30
C MET A 210 9.81 12.20 0.80
N LYS A 211 11.00 12.61 0.39
CA LYS A 211 12.23 11.89 0.67
C LYS A 211 13.13 12.57 1.68
N HIS A 212 12.79 13.80 2.06
CA HIS A 212 13.62 14.52 3.04
C HIS A 212 12.84 14.94 4.23
N PHE A 213 13.60 15.15 5.29
CA PHE A 213 13.03 15.77 6.47
C PHE A 213 13.23 17.26 6.42
N ILE A 214 12.31 17.96 7.06
CA ILE A 214 12.35 19.40 7.17
C ILE A 214 11.95 19.72 8.59
N LEU A 215 12.89 20.29 9.32
CA LEU A 215 12.65 20.77 10.66
C LEU A 215 12.82 22.29 10.67
N THR A 216 11.81 22.98 11.20
CA THR A 216 11.88 24.43 11.37
C THR A 216 12.22 24.82 12.81
N HIS A 217 12.87 25.97 12.96
CA HIS A 217 13.26 26.47 14.27
C HIS A 217 12.76 27.89 14.45
N ASP A 218 12.07 28.10 15.55
CA ASP A 218 11.43 29.35 15.86
C ASP A 218 11.61 29.67 17.35
N PRO A 219 12.45 30.64 17.69
CA PRO A 219 12.68 31.03 19.07
C PRO A 219 11.39 31.42 19.79
N GLU A 220 10.45 31.98 19.04
CA GLU A 220 9.15 32.43 19.61
C GLU A 220 8.33 31.25 20.11
N ARG A 221 8.36 30.16 19.35
CA ARG A 221 7.55 28.98 19.65
C ARG A 221 8.30 27.96 20.50
N GLY A 222 9.56 27.80 20.19
CA GLY A 222 10.45 26.96 20.96
C GLY A 222 10.62 25.58 20.38
N ILE A 223 11.57 24.85 20.96
CA ILE A 223 11.86 23.45 20.62
C ILE A 223 10.59 22.63 20.42
N TYR A 224 10.62 21.81 19.39
CA TYR A 224 9.56 20.81 19.05
C TYR A 224 8.22 21.47 18.84
N ASN A 225 8.23 22.81 18.75
CA ASN A 225 6.96 23.55 18.71
C ASN A 225 6.72 24.31 17.46
N SER A 226 7.46 23.95 16.44
CA SER A 226 7.26 24.55 15.13
C SER A 226 7.25 23.42 14.13
N PRO A 227 6.65 23.64 12.94
CA PRO A 227 6.39 22.63 11.93
C PRO A 227 7.57 21.75 11.55
N TYR A 228 7.29 20.46 11.55
CA TYR A 228 8.21 19.46 11.04
C TYR A 228 7.50 18.38 10.23
N ILE A 229 8.26 17.81 9.33
CA ILE A 229 7.83 16.78 8.40
C ILE A 229 9.00 15.80 8.40
N ILE A 230 8.70 14.57 8.75
CA ILE A 230 9.75 13.54 8.82
C ILE A 230 9.22 12.31 8.12
N PRO A 231 9.67 12.05 6.90
CA PRO A 231 9.27 10.85 6.20
C PRO A 231 9.77 9.61 6.91
N GLY A 232 8.89 8.62 6.95
CA GLY A 232 9.16 7.31 7.44
C GLY A 232 9.01 6.25 6.39
N THR A 233 8.89 5.01 6.86
CA THR A 233 8.78 3.85 5.96
C THR A 233 7.40 3.77 5.35
N GLN A 234 6.36 3.93 6.13
CA GLN A 234 5.04 3.69 5.59
C GLN A 234 4.24 4.99 5.41
N THR A 235 4.82 6.11 5.80
CA THR A 235 4.00 7.26 6.11
C THR A 235 4.89 8.42 6.46
N VAL A 236 4.37 9.62 6.23
CA VAL A 236 5.06 10.86 6.60
C VAL A 236 4.46 11.42 7.92
N THR A 237 5.34 11.70 8.86
CA THR A 237 4.96 12.33 10.12
C THR A 237 4.86 13.85 9.96
N LEU A 238 3.70 14.38 10.31
CA LEU A 238 3.53 15.82 10.41
C LEU A 238 3.45 16.15 11.88
N GLY A 239 4.31 17.03 12.35
CA GLY A 239 4.27 17.50 13.73
C GLY A 239 4.64 18.96 13.91
N GLY A 240 4.80 19.35 15.18
CA GLY A 240 5.09 20.72 15.57
C GLY A 240 4.34 21.22 16.82
N ILE A 241 4.15 20.30 17.77
CA ILE A 241 3.41 20.60 19.01
C ILE A 241 4.18 20.22 20.23
N PHE A 242 4.41 21.21 21.09
CA PHE A 242 5.10 20.97 22.37
C PHE A 242 4.43 21.72 23.51
N GLN A 243 3.80 20.99 24.43
CA GLN A 243 2.99 21.64 25.47
C GLN A 243 3.31 21.15 26.86
N LEU A 244 4.22 21.87 27.49
CA LEU A 244 4.74 21.51 28.80
C LEU A 244 3.65 21.52 29.88
N GLY A 245 3.63 20.45 30.63
CA GLY A 245 2.68 20.27 31.72
C GLY A 245 1.33 19.68 31.31
N ASN A 246 1.09 19.55 30.01
CA ASN A 246 -0.23 19.05 29.54
C ASN A 246 -0.30 17.54 29.54
N TRP A 247 -1.22 16.99 30.33
CA TRP A 247 -1.28 15.53 30.53
C TRP A 247 -2.43 14.86 29.78
N SER A 248 -2.98 15.59 28.81
CA SER A 248 -4.10 15.13 28.01
C SER A 248 -3.65 14.24 26.84
N GLU A 249 -3.99 12.98 26.95
CA GLU A 249 -3.72 11.97 25.97
C GLU A 249 -4.97 11.84 25.13
N LEU A 250 -5.13 12.88 24.35
CA LEU A 250 -6.24 12.98 23.47
C LEU A 250 -5.83 13.94 22.36
N ASN A 251 -6.11 13.51 21.14
CA ASN A 251 -5.87 14.34 19.99
C ASN A 251 -6.77 15.57 20.09
N ASN A 252 -6.12 16.71 19.92
CA ASN A 252 -6.79 17.98 19.96
C ASN A 252 -6.91 18.61 18.56
N ILE A 253 -8.14 18.97 18.25
CA ILE A 253 -8.53 19.67 16.99
C ILE A 253 -7.68 20.92 16.69
N GLN A 254 -7.52 21.80 17.65
CA GLN A 254 -6.71 22.97 17.41
C GLN A 254 -5.31 22.58 17.00
N ASP A 255 -4.74 21.59 17.69
CA ASP A 255 -3.34 21.17 17.41
C ASP A 255 -3.24 20.54 16.04
N HIS A 256 -4.23 19.71 15.74
CA HIS A 256 -4.33 19.14 14.39
C HIS A 256 -4.20 20.22 13.35
N ASN A 257 -5.03 21.26 13.50
CA ASN A 257 -5.08 22.32 12.50
C ASN A 257 -3.72 23.03 12.43
N THR A 258 -3.13 23.26 13.61
CA THR A 258 -1.82 23.97 13.70
C THR A 258 -0.71 23.24 12.92
N ILE A 259 -0.71 21.92 13.09
CA ILE A 259 0.22 21.02 12.41
C ILE A 259 -0.06 20.98 10.94
N TRP A 260 -1.29 20.71 10.63
CA TRP A 260 -1.72 20.65 9.23
C TRP A 260 -1.37 21.89 8.44
N GLU A 261 -1.65 23.06 9.01
CA GLU A 261 -1.50 24.32 8.26
C GLU A 261 -0.06 24.82 8.26
N GLY A 262 0.70 24.45 9.27
CA GLY A 262 2.12 24.83 9.29
C GLY A 262 2.91 23.98 8.31
N CYS A 263 2.60 22.69 8.26
CA CYS A 263 3.28 21.78 7.34
C CYS A 263 2.90 22.00 5.87
N CYS A 264 1.64 22.33 5.64
CA CYS A 264 1.17 22.64 4.28
C CYS A 264 1.76 23.88 3.77
N ARG A 265 2.10 24.77 4.71
CA ARG A 265 2.77 26.02 4.35
C ARG A 265 4.21 25.70 4.04
N LEU A 266 4.80 24.90 4.90
CA LEU A 266 6.18 24.46 4.74
C LEU A 266 6.38 23.70 3.39
N GLU A 267 5.42 22.86 3.05
CA GLU A 267 5.47 22.15 1.78
C GLU A 267 4.06 21.95 1.19
N PRO A 268 3.68 22.82 0.24
CA PRO A 268 2.36 22.90 -0.37
C PRO A 268 1.85 21.61 -1.00
N THR A 269 2.77 20.69 -1.33
CA THR A 269 2.41 19.40 -1.92
C THR A 269 1.58 18.52 -0.98
N LEU A 270 1.69 18.83 0.31
CA LEU A 270 1.00 18.10 1.37
C LEU A 270 -0.51 18.23 1.27
N LYS A 271 -0.98 19.34 0.70
CA LYS A 271 -2.43 19.63 0.71
C LYS A 271 -3.32 18.45 0.31
N ASN A 272 -2.89 17.63 -0.64
CA ASN A 272 -3.70 16.49 -1.04
C ASN A 272 -3.19 15.16 -0.48
N ALA A 273 -2.38 15.22 0.57
CA ALA A 273 -1.85 14.01 1.20
C ALA A 273 -2.95 13.43 2.03
N ARG A 274 -3.19 12.15 1.89
CA ARG A 274 -4.25 11.49 2.64
C ARG A 274 -3.81 11.29 4.11
N ILE A 275 -4.72 11.55 5.03
CA ILE A 275 -4.41 11.42 6.46
C ILE A 275 -4.70 10.03 6.91
N ILE A 276 -3.71 9.41 7.55
CA ILE A 276 -3.78 7.99 7.88
C ILE A 276 -4.09 7.84 9.34
N GLY A 277 -3.48 8.69 10.14
CA GLY A 277 -3.67 8.63 11.58
C GLY A 277 -3.14 9.84 12.31
N GLU A 278 -3.40 9.86 13.60
CA GLU A 278 -3.09 10.99 14.48
C GLU A 278 -2.88 10.49 15.88
N ARG A 279 -1.82 10.93 16.52
CA ARG A 279 -1.48 10.40 17.84
C ARG A 279 -0.87 11.47 18.74
N THR A 280 -1.16 11.33 20.03
CA THR A 280 -0.55 12.19 21.05
C THR A 280 0.44 11.39 21.91
N GLY A 281 1.44 12.06 22.48
CA GLY A 281 2.33 11.39 23.41
C GLY A 281 3.02 12.33 24.36
N PHE A 282 3.70 11.78 25.36
CA PHE A 282 4.32 12.57 26.37
C PHE A 282 5.84 12.50 26.38
N ARG A 283 6.46 13.54 25.90
CA ARG A 283 7.88 13.63 26.05
C ARG A 283 8.16 13.70 27.55
N PRO A 284 9.07 12.82 28.06
CA PRO A 284 9.49 12.99 29.45
C PRO A 284 10.55 14.10 29.59
N VAL A 285 10.09 15.34 29.70
CA VAL A 285 11.00 16.49 29.75
C VAL A 285 11.71 16.62 31.10
N ARG A 286 12.99 16.94 31.07
CA ARG A 286 13.76 17.13 32.31
C ARG A 286 15.06 17.93 32.00
N PRO A 287 15.55 18.69 32.97
CA PRO A 287 16.75 19.46 32.62
C PRO A 287 17.95 18.56 32.24
N GLN A 288 17.97 17.38 32.84
CA GLN A 288 18.93 16.34 32.56
C GLN A 288 18.22 14.97 32.52
N ILE A 289 18.81 14.03 31.82
CA ILE A 289 18.34 12.67 31.94
C ILE A 289 18.78 12.28 33.33
N ARG A 290 17.96 11.53 34.02
CA ARG A 290 18.36 10.94 35.27
C ARG A 290 18.82 9.54 35.01
N LEU A 291 20.12 9.38 34.98
CA LEU A 291 20.75 8.09 34.77
C LEU A 291 21.72 7.89 35.90
N GLU A 292 21.26 7.20 36.93
CA GLU A 292 22.07 7.07 38.13
C GLU A 292 21.58 5.97 39.04
N ARG A 293 22.43 5.63 39.99
CA ARG A 293 22.10 4.65 41.02
C ARG A 293 21.50 5.28 42.25
N GLU A 294 20.82 4.41 42.99
CA GLU A 294 20.20 4.74 44.27
C GLU A 294 19.90 3.45 45.02
N GLN A 295 20.24 3.39 46.29
CA GLN A 295 19.86 2.23 47.08
C GLN A 295 18.59 2.57 47.84
N LEU A 296 17.56 1.78 47.58
CA LEU A 296 16.31 1.83 48.33
C LEU A 296 16.51 1.06 49.61
N ARG A 297 15.95 1.61 50.66
CA ARG A 297 16.20 1.10 51.99
C ARG A 297 15.42 -0.15 52.31
N THR A 298 14.12 0.01 52.17
CA THR A 298 13.11 -1.04 52.38
C THR A 298 13.55 -2.35 53.05
N GLY A 299 13.33 -2.42 54.36
CA GLY A 299 13.58 -3.62 55.16
C GLY A 299 15.00 -3.82 55.66
N PRO A 300 15.35 -5.08 56.01
CA PRO A 300 16.70 -5.43 56.47
C PRO A 300 17.68 -5.39 55.30
N SER A 301 17.09 -5.35 54.12
CA SER A 301 17.83 -5.43 52.90
C SER A 301 17.63 -4.14 52.12
N ASN A 302 18.73 -3.64 51.58
CA ASN A 302 18.66 -2.52 50.69
C ASN A 302 18.60 -3.01 49.23
N THR A 303 17.77 -2.33 48.45
CA THR A 303 17.58 -2.65 47.04
C THR A 303 18.28 -1.64 46.13
N GLU A 304 18.96 -2.16 45.14
CA GLU A 304 19.66 -1.31 44.19
C GLU A 304 18.70 -0.86 43.06
N VAL A 305 18.73 0.42 42.79
CA VAL A 305 17.91 1.04 41.74
C VAL A 305 18.80 1.78 40.74
N ILE A 306 18.59 1.48 39.45
CA ILE A 306 19.19 2.21 38.37
C ILE A 306 18.08 3.03 37.72
N HIS A 307 18.15 4.35 37.85
CA HIS A 307 17.13 5.21 37.24
C HIS A 307 17.54 5.47 35.86
N ASN A 308 16.61 5.40 34.91
CA ASN A 308 16.97 5.78 33.54
C ASN A 308 15.79 6.39 32.81
N TYR A 309 15.58 7.67 33.02
CA TYR A 309 14.45 8.36 32.49
C TYR A 309 14.68 9.81 32.35
N GLY A 310 13.73 10.41 31.64
CA GLY A 310 13.72 11.84 31.43
C GLY A 310 14.47 12.20 30.19
N HIS A 311 14.16 11.51 29.12
CA HIS A 311 14.91 11.67 27.88
C HIS A 311 14.26 12.60 26.89
N GLY A 312 13.28 13.37 27.36
CA GLY A 312 12.64 14.45 26.55
C GLY A 312 12.17 14.02 25.18
N GLY A 313 12.58 14.77 24.17
CA GLY A 313 12.29 14.49 22.74
C GLY A 313 13.50 13.92 21.97
N TYR A 314 14.41 13.26 22.70
CA TYR A 314 15.56 12.72 22.06
C TYR A 314 15.98 11.35 22.56
N GLY A 315 14.97 10.61 22.98
CA GLY A 315 15.14 9.28 23.54
C GLY A 315 15.64 8.22 22.58
N LEU A 316 15.04 8.20 21.38
CA LEU A 316 15.59 7.34 20.33
C LEU A 316 17.00 7.80 19.92
N THR A 317 17.16 9.09 19.82
CA THR A 317 18.49 9.69 19.50
C THR A 317 19.57 9.27 20.48
N ILE A 318 19.18 9.00 21.74
CA ILE A 318 20.18 8.87 22.84
C ILE A 318 20.27 7.51 23.49
N HIS A 319 19.27 6.69 23.19
CA HIS A 319 18.93 5.49 23.95
C HIS A 319 20.08 4.53 24.14
N TRP A 320 20.90 4.36 23.12
CA TRP A 320 21.94 3.29 23.18
C TRP A 320 23.06 3.62 24.15
N GLY A 321 23.50 4.87 24.11
CA GLY A 321 24.55 5.36 25.00
C GLY A 321 24.08 5.30 26.44
N CYS A 322 22.81 5.59 26.65
CA CYS A 322 22.24 5.52 28.00
C CYS A 322 22.20 4.08 28.45
N ALA A 323 21.87 3.22 27.51
CA ALA A 323 21.67 1.80 27.79
C ALA A 323 22.97 1.19 28.18
N LEU A 324 24.06 1.70 27.60
CA LEU A 324 25.39 1.18 27.88
C LEU A 324 25.88 1.74 29.20
N GLU A 325 25.49 2.98 29.48
CA GLU A 325 25.85 3.64 30.73
C GLU A 325 25.14 2.97 31.87
N ALA A 326 23.87 2.68 31.65
CA ALA A 326 23.07 1.90 32.60
C ALA A 326 23.71 0.53 32.86
N ALA A 327 24.32 -0.02 31.83
CA ALA A 327 24.98 -1.31 31.92
C ALA A 327 26.23 -1.23 32.74
N LYS A 328 26.94 -0.12 32.69
CA LYS A 328 28.15 0.03 33.51
C LYS A 328 27.75 0.16 34.96
N LEU A 329 26.69 0.89 35.22
CA LEU A 329 26.22 1.06 36.59
C LEU A 329 25.88 -0.29 37.20
N PHE A 330 25.35 -1.18 36.36
CA PHE A 330 24.91 -2.49 36.82
C PHE A 330 26.13 -3.32 37.18
N GLY A 331 27.17 -3.18 36.34
CA GLY A 331 28.37 -3.94 36.50
C GLY A 331 29.09 -3.51 37.75
N ARG A 332 28.93 -2.23 38.09
CA ARG A 332 29.49 -1.69 39.34
C ARG A 332 28.78 -2.25 40.56
N ILE A 333 27.46 -2.39 40.42
CA ILE A 333 26.65 -2.99 41.47
C ILE A 333 27.15 -4.40 41.71
N LEU A 334 27.48 -5.09 40.63
CA LEU A 334 27.92 -6.49 40.72
C LEU A 334 29.26 -6.56 41.42
N GLU A 335 30.14 -5.64 41.08
CA GLU A 335 31.47 -5.59 41.68
C GLU A 335 31.43 -5.23 43.15
N GLU A 336 30.32 -4.67 43.60
CA GLU A 336 30.11 -4.39 45.02
C GLU A 336 29.63 -5.61 45.76
N LYS A 337 28.77 -6.37 45.08
CA LYS A 337 28.19 -7.58 45.64
C LYS A 337 29.27 -8.64 45.55
N LYS A 338 30.39 -8.23 44.97
CA LYS A 338 31.48 -9.14 44.72
C LYS A 338 30.90 -10.37 44.01
N LEU A 339 30.08 -10.09 43.00
CA LEU A 339 29.45 -11.12 42.18
C LEU A 339 30.13 -11.21 40.82
N SER A 340 31.39 -10.82 40.78
CA SER A 340 32.19 -10.92 39.58
C SER A 340 33.67 -10.59 39.79
N MET B 1 -3.42 26.41 -38.90
CA MET B 1 -2.40 25.44 -39.42
C MET B 1 -2.58 24.03 -38.84
N ARG B 2 -2.26 23.04 -39.65
CA ARG B 2 -2.38 21.65 -39.22
C ARG B 2 -1.03 21.04 -38.88
N VAL B 3 -0.89 20.72 -37.61
CA VAL B 3 0.34 20.14 -37.07
C VAL B 3 0.15 18.71 -36.61
N VAL B 4 1.00 17.83 -37.06
CA VAL B 4 0.96 16.47 -36.58
C VAL B 4 2.20 16.12 -35.78
N VAL B 5 2.02 15.86 -34.49
CA VAL B 5 3.09 15.31 -33.67
C VAL B 5 3.00 13.80 -33.73
N ILE B 6 4.11 13.21 -34.18
CA ILE B 6 4.30 11.74 -34.20
C ILE B 6 5.06 11.36 -32.95
N GLY B 7 4.37 10.71 -32.03
CA GLY B 7 4.98 10.20 -30.79
C GLY B 7 4.38 10.78 -29.53
N ALA B 8 4.09 9.90 -28.57
CA ALA B 8 3.42 10.24 -27.33
C ALA B 8 4.20 9.85 -26.07
N GLY B 9 5.51 9.79 -26.23
CA GLY B 9 6.46 9.74 -25.14
C GLY B 9 6.74 11.14 -24.68
N VAL B 10 7.72 11.31 -23.81
CA VAL B 10 7.90 12.63 -23.17
C VAL B 10 8.14 13.73 -24.21
N ILE B 11 8.93 13.37 -25.20
CA ILE B 11 9.39 14.35 -26.21
C ILE B 11 8.18 14.82 -27.01
N GLY B 12 7.42 13.89 -27.53
CA GLY B 12 6.23 14.22 -28.28
C GLY B 12 5.30 15.09 -27.49
N LEU B 13 4.77 14.55 -26.39
CA LEU B 13 3.73 15.23 -25.57
C LEU B 13 4.16 16.59 -25.02
N SER B 14 5.44 16.68 -24.68
CA SER B 14 6.13 17.93 -24.34
C SER B 14 6.12 19.01 -25.42
N THR B 15 6.70 18.62 -26.55
CA THR B 15 6.82 19.48 -27.72
C THR B 15 5.44 19.93 -28.10
N ALA B 16 4.48 19.02 -28.03
CA ALA B 16 3.13 19.31 -28.41
C ALA B 16 2.63 20.46 -27.59
N LEU B 17 2.81 20.26 -26.29
CA LEU B 17 2.29 21.14 -25.27
C LEU B 17 2.99 22.45 -25.41
N CYS B 18 4.30 22.38 -25.53
CA CYS B 18 5.08 23.60 -25.69
C CYS B 18 4.65 24.43 -26.93
N ILE B 19 4.38 23.75 -28.04
CA ILE B 19 4.03 24.48 -29.28
C ILE B 19 2.66 25.09 -29.13
N HIS B 20 1.77 24.37 -28.48
CA HIS B 20 0.43 24.85 -28.33
C HIS B 20 0.39 26.05 -27.42
N GLU B 21 1.12 25.94 -26.32
CA GLU B 21 1.23 27.05 -25.35
C GLU B 21 1.63 28.33 -26.01
N ARG B 22 2.64 28.25 -26.86
CA ARG B 22 3.32 29.44 -27.34
C ARG B 22 2.72 30.07 -28.61
N TYR B 23 1.90 29.31 -29.34
CA TYR B 23 1.42 29.76 -30.68
C TYR B 23 -0.07 29.74 -30.85
N HIS B 24 -0.78 29.12 -29.93
CA HIS B 24 -2.22 28.95 -30.10
C HIS B 24 -2.90 30.30 -30.20
N SER B 25 -2.34 31.32 -29.54
CA SER B 25 -2.99 32.64 -29.46
C SER B 25 -2.72 33.42 -30.74
N VAL B 26 -1.75 32.93 -31.51
CA VAL B 26 -1.28 33.65 -32.69
C VAL B 26 -1.52 32.94 -34.00
N LEU B 27 -2.10 31.75 -33.97
CA LEU B 27 -2.38 31.05 -35.21
C LEU B 27 -3.86 30.93 -35.45
N GLN B 28 -4.26 31.29 -36.67
CA GLN B 28 -5.66 31.34 -37.07
C GLN B 28 -6.32 30.15 -36.41
N PRO B 29 -6.37 29.00 -37.09
CA PRO B 29 -6.59 27.88 -36.22
C PRO B 29 -5.27 27.12 -36.12
N LEU B 30 -4.91 26.73 -34.90
CA LEU B 30 -3.78 25.84 -34.73
C LEU B 30 -4.34 24.46 -34.43
N ASP B 31 -4.34 23.61 -35.45
CA ASP B 31 -4.84 22.25 -35.30
C ASP B 31 -3.66 21.31 -35.05
N ILE B 32 -3.61 20.81 -33.82
CA ILE B 32 -2.60 19.85 -33.40
C ILE B 32 -3.21 18.49 -33.04
N LYS B 33 -2.70 17.47 -33.72
CA LYS B 33 -3.10 16.12 -33.45
C LYS B 33 -1.86 15.31 -33.12
N VAL B 34 -2.00 14.37 -32.19
CA VAL B 34 -0.89 13.47 -31.88
C VAL B 34 -1.18 12.08 -32.43
N TYR B 35 -0.23 11.60 -33.24
CA TYR B 35 -0.23 10.23 -33.73
C TYR B 35 0.86 9.44 -33.00
N ALA B 36 0.49 8.31 -32.45
CA ALA B 36 1.48 7.48 -31.78
C ALA B 36 1.02 6.05 -31.80
N ASP B 37 1.95 5.13 -31.98
CA ASP B 37 1.47 3.75 -32.05
C ASP B 37 1.36 3.09 -30.67
N ARG B 38 2.14 3.62 -29.73
CA ARG B 38 1.96 3.32 -28.29
C ARG B 38 1.82 4.52 -27.36
N PHE B 39 0.84 4.46 -26.46
CA PHE B 39 0.64 5.51 -25.50
C PHE B 39 1.05 5.08 -24.09
N THR B 40 1.02 6.06 -23.17
CA THR B 40 1.62 6.02 -21.81
C THR B 40 2.12 4.70 -21.40
N PRO B 41 1.32 3.93 -20.67
CA PRO B 41 1.82 2.78 -19.93
C PRO B 41 2.84 2.04 -20.71
N LEU B 42 2.73 2.11 -22.04
CA LEU B 42 3.59 1.31 -22.95
C LEU B 42 4.73 1.99 -23.67
N THR B 43 5.17 3.14 -23.17
CA THR B 43 6.27 3.87 -23.80
C THR B 43 7.51 3.65 -23.03
N THR B 44 8.60 3.99 -23.70
CA THR B 44 9.93 3.94 -23.10
C THR B 44 9.97 4.86 -21.88
N THR B 45 9.23 5.95 -22.06
CA THR B 45 9.18 6.99 -21.05
C THR B 45 8.60 6.43 -19.79
N ASP B 46 7.77 5.39 -19.88
CA ASP B 46 7.09 4.84 -18.66
C ASP B 46 7.94 3.84 -17.89
N VAL B 47 9.10 3.53 -18.46
CA VAL B 47 10.05 2.59 -17.90
C VAL B 47 11.20 3.36 -17.24
N ALA B 48 11.31 4.64 -17.60
CA ALA B 48 12.30 5.53 -16.99
C ALA B 48 12.03 5.81 -15.54
N ALA B 49 13.09 5.83 -14.73
CA ALA B 49 12.99 6.21 -13.32
C ALA B 49 12.55 7.67 -13.24
N GLY B 50 13.30 8.49 -13.98
CA GLY B 50 13.00 9.91 -14.13
C GLY B 50 14.01 10.83 -13.46
N LEU B 51 15.17 10.27 -13.16
CA LEU B 51 16.13 11.02 -12.38
C LEU B 51 16.85 12.03 -13.25
N TRP B 52 16.86 13.28 -12.82
CA TRP B 52 17.54 14.31 -13.62
C TRP B 52 18.99 14.13 -13.36
N GLN B 53 19.70 13.71 -14.40
CA GLN B 53 21.20 13.70 -14.42
C GLN B 53 21.79 13.53 -15.82
N PRO B 54 22.54 14.56 -16.30
CA PRO B 54 23.20 14.47 -17.57
C PRO B 54 24.50 13.67 -17.53
N TYR B 55 25.03 13.43 -18.72
CA TYR B 55 26.32 12.80 -18.86
C TYR B 55 27.31 13.61 -17.99
N LEU B 56 28.36 12.97 -17.50
CA LEU B 56 29.29 13.66 -16.61
C LEU B 56 29.99 14.81 -17.34
N SER B 57 30.41 14.51 -18.57
CA SER B 57 31.33 15.38 -19.32
C SER B 57 30.70 16.16 -20.47
N ASP B 58 31.36 17.26 -20.77
CA ASP B 58 30.94 18.22 -21.83
C ASP B 58 30.86 17.51 -23.18
N PRO B 59 29.63 17.45 -23.74
CA PRO B 59 29.25 16.72 -24.96
C PRO B 59 29.69 17.32 -26.31
N ASN B 60 29.06 16.81 -27.37
CA ASN B 60 29.35 17.25 -28.73
C ASN B 60 28.75 18.62 -28.92
N ASN B 61 27.44 18.65 -28.65
CA ASN B 61 26.67 19.89 -28.64
C ASN B 61 26.57 20.35 -27.18
N PRO B 62 27.16 21.49 -26.85
CA PRO B 62 27.06 22.01 -25.48
C PRO B 62 25.72 22.71 -25.25
N GLN B 63 24.90 22.70 -26.30
CA GLN B 63 23.57 23.26 -26.26
C GLN B 63 22.68 22.32 -25.44
N GLU B 64 23.17 21.11 -25.30
CA GLU B 64 22.46 20.07 -24.59
C GLU B 64 22.57 20.35 -23.10
N ALA B 65 23.70 20.92 -22.72
CA ALA B 65 23.93 21.31 -21.32
C ALA B 65 22.93 22.42 -20.89
N ASP B 66 22.63 23.27 -21.87
CA ASP B 66 21.76 24.42 -21.63
C ASP B 66 20.36 23.91 -21.51
N TRP B 67 20.01 22.95 -22.38
CA TRP B 67 18.67 22.33 -22.39
C TRP B 67 18.39 21.58 -21.12
N SER B 68 19.39 20.85 -20.63
CA SER B 68 19.24 20.04 -19.41
C SER B 68 19.01 20.96 -18.23
N GLN B 69 19.71 22.08 -18.26
CA GLN B 69 19.61 23.01 -17.18
C GLN B 69 18.25 23.73 -17.25
N GLN B 70 17.84 24.14 -18.44
CA GLN B 70 16.52 24.81 -18.57
C GLN B 70 15.40 23.90 -18.00
N THR B 71 15.60 22.58 -18.14
CA THR B 71 14.63 21.61 -17.69
C THR B 71 14.71 21.55 -16.16
N PHE B 72 15.94 21.48 -15.65
CA PHE B 72 16.14 21.42 -14.20
C PHE B 72 15.46 22.62 -13.55
N ASP B 73 15.83 23.79 -14.06
CA ASP B 73 15.34 25.07 -13.51
C ASP B 73 13.82 25.15 -13.53
N TYR B 74 13.26 24.73 -14.65
CA TYR B 74 11.82 24.74 -14.85
C TYR B 74 11.06 23.77 -13.92
N LEU B 75 11.69 22.64 -13.62
CA LEU B 75 11.07 21.64 -12.73
C LEU B 75 11.18 22.05 -11.27
N LEU B 76 12.33 22.59 -10.94
CA LEU B 76 12.63 23.03 -9.58
C LEU B 76 11.63 24.10 -9.19
N SER B 77 11.20 24.88 -10.18
CA SER B 77 10.26 26.00 -9.92
C SER B 77 8.83 25.52 -9.69
N HIS B 78 8.58 24.24 -9.89
CA HIS B 78 7.23 23.72 -9.68
C HIS B 78 7.26 22.57 -8.69
N VAL B 79 8.43 22.36 -8.11
CA VAL B 79 8.59 21.24 -7.17
C VAL B 79 7.71 21.39 -5.95
N HIS B 80 7.44 22.63 -5.56
CA HIS B 80 6.66 22.90 -4.37
C HIS B 80 5.33 23.49 -4.74
N SER B 81 4.87 23.24 -5.96
CA SER B 81 3.54 23.68 -6.35
C SER B 81 2.52 22.56 -6.13
N PRO B 82 1.32 22.92 -5.66
CA PRO B 82 0.29 21.87 -5.49
C PRO B 82 -0.26 21.41 -6.83
N ASN B 83 0.50 20.51 -7.43
CA ASN B 83 0.36 20.13 -8.83
C ASN B 83 1.42 19.10 -9.05
N ALA B 84 2.47 19.24 -8.23
CA ALA B 84 3.71 18.45 -8.38
C ALA B 84 3.47 16.96 -8.32
N GLU B 85 2.61 16.49 -7.40
CA GLU B 85 2.34 15.03 -7.30
C GLU B 85 1.53 14.53 -8.48
N ASN B 86 0.84 15.44 -9.12
CA ASN B 86 0.16 15.10 -10.37
C ASN B 86 1.12 14.91 -11.53
N LEU B 87 2.26 15.62 -11.53
CA LEU B 87 3.27 15.37 -12.58
C LEU B 87 4.32 14.37 -12.16
N GLY B 88 4.22 13.91 -10.92
CA GLY B 88 5.19 12.95 -10.36
C GLY B 88 6.55 13.51 -10.13
N LEU B 89 6.56 14.78 -9.70
CA LEU B 89 7.82 15.55 -9.55
C LEU B 89 8.14 15.73 -8.06
N PHE B 90 9.38 15.37 -7.70
CA PHE B 90 9.84 15.50 -6.34
C PHE B 90 11.31 15.59 -6.25
N LEU B 91 11.78 16.06 -5.10
CA LEU B 91 13.22 16.34 -4.88
C LEU B 91 13.83 15.08 -4.27
N ILE B 92 15.04 14.78 -4.62
CA ILE B 92 15.71 13.59 -4.06
C ILE B 92 17.25 13.73 -4.10
N SER B 93 17.89 13.39 -3.01
CA SER B 93 19.33 13.51 -2.86
C SER B 93 19.83 12.10 -2.97
N GLY B 94 21.13 12.00 -3.25
CA GLY B 94 21.83 10.72 -3.34
C GLY B 94 23.25 10.79 -3.82
N TYR B 95 23.78 9.61 -4.09
CA TYR B 95 25.18 9.33 -4.31
C TYR B 95 25.59 8.96 -5.70
N ASN B 96 26.72 9.53 -6.12
CA ASN B 96 27.41 9.04 -7.30
C ASN B 96 28.72 8.48 -6.80
N LEU B 97 28.98 7.20 -7.10
CA LEU B 97 30.18 6.48 -6.61
C LEU B 97 31.08 6.03 -7.77
N PHE B 98 32.37 6.34 -7.59
CA PHE B 98 33.45 6.03 -8.56
C PHE B 98 34.55 5.28 -7.84
N HIS B 99 35.37 4.57 -8.63
CA HIS B 99 36.48 3.80 -8.06
C HIS B 99 37.72 4.67 -7.78
N GLU B 100 37.83 5.77 -8.50
CA GLU B 100 38.84 6.80 -8.22
C GLU B 100 38.34 8.20 -8.59
N ALA B 101 39.19 9.19 -8.33
CA ALA B 101 38.81 10.60 -8.55
C ALA B 101 38.60 10.93 -10.02
N ILE B 102 37.79 11.96 -10.20
CA ILE B 102 37.29 12.33 -11.50
C ILE B 102 36.93 13.81 -11.42
N PRO B 103 36.85 14.48 -12.57
CA PRO B 103 36.42 15.87 -12.48
C PRO B 103 34.93 16.10 -12.15
N ASP B 104 34.69 17.18 -11.44
CA ASP B 104 33.35 17.64 -11.15
C ASP B 104 32.54 17.71 -12.42
N PRO B 105 31.24 17.38 -12.36
CA PRO B 105 30.49 17.52 -13.60
C PRO B 105 30.25 18.98 -13.96
N SER B 106 29.94 19.23 -15.22
CA SER B 106 29.63 20.58 -15.67
C SER B 106 28.46 21.14 -14.89
N TRP B 107 27.52 20.24 -14.63
CA TRP B 107 26.23 20.58 -14.02
C TRP B 107 26.32 20.64 -12.49
N LYS B 108 27.55 20.71 -11.99
CA LYS B 108 27.75 20.67 -10.55
C LYS B 108 27.01 21.80 -9.85
N ASP B 109 26.80 22.92 -10.57
CA ASP B 109 26.14 24.12 -10.02
C ASP B 109 24.64 24.16 -10.37
N THR B 110 24.24 23.33 -11.28
CA THR B 110 22.84 23.35 -11.70
C THR B 110 22.03 22.68 -10.61
N VAL B 111 22.57 21.57 -10.13
CA VAL B 111 21.97 20.82 -9.03
C VAL B 111 22.08 21.56 -7.70
N LEU B 112 21.42 20.99 -6.69
CA LEU B 112 21.39 21.54 -5.34
C LEU B 112 22.44 20.85 -4.47
N GLY B 113 23.26 21.68 -3.83
CA GLY B 113 24.15 21.23 -2.76
C GLY B 113 25.19 20.20 -3.15
N PHE B 114 25.77 20.36 -4.32
CA PHE B 114 26.81 19.45 -4.79
C PHE B 114 28.01 19.44 -3.85
N ARG B 115 28.50 18.25 -3.59
CA ARG B 115 29.76 18.12 -2.87
C ARG B 115 30.35 16.74 -3.02
N LYS B 116 31.62 16.64 -2.70
CA LYS B 116 32.35 15.39 -2.68
C LYS B 116 31.96 14.58 -1.49
N LEU B 117 31.88 13.28 -1.67
CA LEU B 117 31.56 12.36 -0.56
C LEU B 117 32.70 12.38 0.46
N THR B 118 32.33 12.44 1.73
CA THR B 118 33.28 12.33 2.86
C THR B 118 33.58 10.85 3.10
N PRO B 119 34.69 10.56 3.81
CA PRO B 119 35.18 9.19 4.08
C PRO B 119 34.18 8.29 4.76
N ARG B 120 33.47 8.83 5.73
CA ARG B 120 32.53 8.02 6.52
C ARG B 120 31.37 7.58 5.67
N GLU B 121 31.11 8.36 4.63
CA GLU B 121 30.04 8.06 3.69
C GLU B 121 30.55 6.99 2.77
N LEU B 122 31.82 7.12 2.37
CA LEU B 122 32.41 6.13 1.44
C LEU B 122 32.59 4.79 2.14
N ASP B 123 32.67 4.82 3.46
CA ASP B 123 32.80 3.57 4.21
C ASP B 123 31.52 2.73 4.10
N MET B 124 30.44 3.36 3.67
CA MET B 124 29.16 2.67 3.53
C MET B 124 29.16 1.86 2.25
N PHE B 125 30.07 2.20 1.34
CA PHE B 125 30.17 1.56 0.02
C PHE B 125 31.59 1.04 -0.22
N PRO B 126 31.90 -0.14 0.32
CA PRO B 126 33.25 -0.73 0.31
C PRO B 126 33.90 -0.77 -1.06
N ASP B 127 33.12 -0.92 -2.11
CA ASP B 127 33.70 -1.12 -3.44
C ASP B 127 34.04 0.14 -4.18
N TYR B 128 33.65 1.27 -3.63
CA TYR B 128 33.94 2.56 -4.26
C TYR B 128 34.74 3.44 -3.29
N GLY B 129 35.60 4.27 -3.86
CA GLY B 129 36.55 5.07 -3.07
C GLY B 129 36.44 6.56 -3.30
N TYR B 130 35.53 6.95 -4.17
CA TYR B 130 35.31 8.37 -4.44
C TYR B 130 33.86 8.56 -4.83
N GLY B 131 33.40 9.79 -4.77
CA GLY B 131 32.06 10.10 -5.15
C GLY B 131 31.57 11.47 -4.79
N TRP B 132 30.33 11.69 -5.20
CA TRP B 132 29.59 12.91 -4.93
C TRP B 132 28.32 12.63 -4.11
N PHE B 133 27.76 13.72 -3.57
CA PHE B 133 26.45 13.78 -3.04
C PHE B 133 25.84 15.08 -3.59
N HIS B 134 24.59 15.01 -3.96
CA HIS B 134 23.82 16.25 -4.27
C HIS B 134 22.34 15.99 -4.22
N THR B 135 21.58 17.06 -4.38
CA THR B 135 20.18 16.97 -4.49
C THR B 135 19.78 17.29 -5.94
N SER B 136 18.89 16.46 -6.45
CA SER B 136 18.37 16.61 -7.79
C SER B 136 16.84 16.39 -7.74
N LEU B 137 16.30 16.02 -8.89
CA LEU B 137 14.91 15.98 -9.15
C LEU B 137 14.57 14.69 -9.84
N ILE B 138 13.40 14.11 -9.51
CA ILE B 138 12.86 12.99 -10.23
C ILE B 138 11.54 13.39 -10.81
N LEU B 139 11.39 13.11 -12.10
CA LEU B 139 10.10 13.29 -12.76
C LEU B 139 9.63 11.95 -13.29
N GLU B 140 8.64 11.36 -12.68
CA GLU B 140 8.16 10.01 -13.08
C GLU B 140 7.25 10.00 -14.32
N GLY B 141 7.75 9.33 -15.35
CA GLY B 141 7.12 9.25 -16.68
C GLY B 141 5.66 8.87 -16.60
N LYS B 142 5.38 7.81 -15.88
CA LYS B 142 4.04 7.31 -15.95
C LYS B 142 3.13 8.50 -15.65
N ASN B 143 3.46 9.27 -14.60
CA ASN B 143 2.64 10.42 -14.18
C ASN B 143 2.74 11.61 -15.09
N TYR B 144 3.98 12.03 -15.32
CA TYR B 144 4.22 13.19 -16.20
C TYR B 144 3.40 13.07 -17.49
N LEU B 145 3.48 11.89 -18.06
CA LEU B 145 2.87 11.64 -19.37
C LEU B 145 1.35 11.79 -19.27
N GLN B 146 0.85 11.41 -18.12
CA GLN B 146 -0.59 11.40 -17.89
C GLN B 146 -1.03 12.84 -17.69
N TRP B 147 -0.19 13.57 -16.97
CA TRP B 147 -0.39 14.99 -16.73
C TRP B 147 -0.39 15.71 -18.06
N LEU B 148 0.64 15.40 -18.89
CA LEU B 148 0.80 16.08 -20.21
C LEU B 148 -0.39 15.83 -21.10
N THR B 149 -0.90 14.58 -21.03
CA THR B 149 -2.10 14.16 -21.81
C THR B 149 -3.34 14.97 -21.46
N GLU B 150 -3.50 15.22 -20.16
CA GLU B 150 -4.64 16.00 -19.60
C GLU B 150 -4.58 17.45 -19.98
N ARG B 151 -3.37 18.01 -19.95
CA ARG B 151 -3.20 19.40 -20.36
C ARG B 151 -3.59 19.52 -21.81
N LEU B 152 -3.05 18.61 -22.60
CA LEU B 152 -3.22 18.63 -24.06
C LEU B 152 -4.67 18.46 -24.43
N THR B 153 -5.33 17.52 -23.78
CA THR B 153 -6.71 17.20 -24.09
C THR B 153 -7.57 18.43 -23.83
N GLU B 154 -7.23 19.19 -22.82
CA GLU B 154 -7.99 20.40 -22.51
C GLU B 154 -7.77 21.47 -23.56
N ARG B 155 -6.63 21.41 -24.23
CA ARG B 155 -6.26 22.43 -25.23
C ARG B 155 -6.75 22.01 -26.58
N GLY B 156 -7.61 20.99 -26.60
CA GLY B 156 -8.22 20.54 -27.87
C GLY B 156 -7.31 19.68 -28.73
N VAL B 157 -6.20 19.24 -28.14
CA VAL B 157 -5.28 18.38 -28.85
C VAL B 157 -5.83 16.97 -28.90
N LYS B 158 -6.05 16.50 -30.13
CA LYS B 158 -6.64 15.19 -30.40
C LYS B 158 -5.56 14.13 -30.54
N PHE B 159 -5.87 12.94 -30.05
CA PHE B 159 -4.93 11.82 -30.03
C PHE B 159 -5.48 10.68 -30.87
N PHE B 160 -4.60 10.03 -31.61
CA PHE B 160 -4.97 8.89 -32.43
C PHE B 160 -3.91 7.77 -32.31
N GLN B 161 -4.36 6.54 -32.18
CA GLN B 161 -3.39 5.48 -32.09
C GLN B 161 -3.16 4.87 -33.43
N ARG B 162 -1.98 5.15 -33.97
CA ARG B 162 -1.61 4.60 -35.25
C ARG B 162 -0.13 4.57 -35.49
N LYS B 163 0.29 3.57 -36.24
CA LYS B 163 1.66 3.47 -36.68
C LYS B 163 1.74 4.10 -38.03
N VAL B 164 2.47 5.20 -38.06
CA VAL B 164 2.70 5.97 -39.25
C VAL B 164 3.80 5.29 -40.05
N GLU B 165 3.50 4.99 -41.31
CA GLU B 165 4.45 4.29 -42.16
C GLU B 165 5.39 5.26 -42.87
N SER B 166 5.00 6.50 -43.01
CA SER B 166 5.84 7.44 -43.70
C SER B 166 5.40 8.86 -43.44
N PHE B 167 6.37 9.76 -43.53
CA PHE B 167 6.12 11.19 -43.43
C PHE B 167 5.21 11.59 -44.57
N GLU B 168 5.34 10.86 -45.68
CA GLU B 168 4.60 11.17 -46.91
C GLU B 168 3.12 10.97 -46.66
N GLU B 169 2.78 9.87 -46.01
CA GLU B 169 1.38 9.54 -45.79
C GLU B 169 0.76 10.62 -44.95
N VAL B 170 1.54 11.19 -44.04
CA VAL B 170 1.01 12.25 -43.16
C VAL B 170 0.82 13.57 -43.91
N ALA B 171 1.80 13.87 -44.72
CA ALA B 171 1.79 15.12 -45.50
C ALA B 171 0.65 15.06 -46.49
N ARG B 172 0.49 13.90 -47.11
CA ARG B 172 -0.58 13.71 -48.09
C ARG B 172 -1.96 13.92 -47.45
N GLU B 173 -2.02 13.68 -46.16
CA GLU B 173 -3.27 13.84 -45.42
C GLU B 173 -3.53 15.31 -45.10
N GLY B 174 -2.57 16.16 -45.44
CA GLY B 174 -2.78 17.59 -45.27
C GLY B 174 -2.12 18.24 -44.07
N ALA B 175 -1.12 17.56 -43.51
CA ALA B 175 -0.28 18.16 -42.43
C ALA B 175 0.65 19.22 -43.01
N ASP B 176 0.73 20.35 -42.31
CA ASP B 176 1.59 21.48 -42.70
C ASP B 176 2.95 21.36 -42.03
N VAL B 177 2.90 20.86 -40.81
CA VAL B 177 4.11 20.56 -40.04
C VAL B 177 4.06 19.20 -39.38
N ILE B 178 5.12 18.43 -39.56
CA ILE B 178 5.22 17.14 -38.89
C ILE B 178 6.30 17.28 -37.85
N VAL B 179 5.93 17.02 -36.60
CA VAL B 179 6.92 17.00 -35.51
C VAL B 179 7.22 15.54 -35.24
N ASN B 180 8.48 15.19 -35.50
CA ASN B 180 8.94 13.80 -35.41
C ASN B 180 9.61 13.47 -34.09
N CYS B 181 8.88 12.80 -33.23
CA CYS B 181 9.29 12.54 -31.84
C CYS B 181 9.08 11.08 -31.58
N THR B 182 9.69 10.29 -32.46
CA THR B 182 9.49 8.86 -32.56
C THR B 182 10.54 8.03 -31.80
N GLY B 183 11.48 8.70 -31.14
CA GLY B 183 12.45 8.02 -30.27
C GLY B 183 13.28 6.99 -31.00
N VAL B 184 13.36 5.78 -30.44
CA VAL B 184 14.28 4.77 -30.95
C VAL B 184 13.84 4.31 -32.30
N TRP B 185 12.61 4.63 -32.68
CA TRP B 185 12.05 4.03 -33.88
C TRP B 185 12.10 4.99 -35.03
N ALA B 186 12.86 6.07 -34.89
CA ALA B 186 12.78 7.15 -35.90
C ALA B 186 13.31 6.70 -37.29
N GLY B 187 14.28 5.79 -37.26
CA GLY B 187 14.90 5.21 -38.45
C GLY B 187 13.93 4.58 -39.43
N ALA B 188 12.80 4.10 -38.95
CA ALA B 188 11.84 3.52 -39.84
C ALA B 188 11.21 4.60 -40.74
N LEU B 189 11.36 5.86 -40.38
CA LEU B 189 10.69 6.93 -41.11
C LEU B 189 11.66 7.64 -42.00
N GLN B 190 12.90 7.55 -41.60
CA GLN B 190 13.97 8.12 -42.39
C GLN B 190 15.24 7.56 -41.85
N ARG B 191 15.92 6.74 -42.66
CA ARG B 191 17.01 5.96 -42.11
C ARG B 191 18.06 6.87 -41.40
N ASP B 192 18.47 6.44 -40.23
CA ASP B 192 19.44 7.16 -39.44
C ASP B 192 20.37 6.18 -38.72
N PRO B 193 21.48 5.83 -39.34
CA PRO B 193 22.44 4.83 -38.80
C PRO B 193 23.12 5.28 -37.49
N LEU B 194 23.01 6.57 -37.17
CA LEU B 194 23.62 7.10 -35.96
C LEU B 194 22.72 6.83 -34.73
N LEU B 195 21.50 6.39 -35.03
CA LEU B 195 20.52 6.14 -33.97
C LEU B 195 20.50 4.68 -33.68
N GLN B 196 20.61 4.31 -32.43
CA GLN B 196 20.49 2.89 -32.10
C GLN B 196 19.88 2.69 -30.72
N PRO B 197 19.44 1.46 -30.41
CA PRO B 197 18.82 1.25 -29.14
C PRO B 197 19.79 0.95 -28.06
N GLY B 198 19.61 1.59 -26.93
CA GLY B 198 20.37 1.25 -25.71
C GLY B 198 19.41 0.48 -24.82
N ARG B 199 19.38 -0.82 -25.03
CA ARG B 199 18.44 -1.66 -24.30
C ARG B 199 18.72 -1.56 -22.81
N GLY B 200 17.63 -1.38 -22.09
CA GLY B 200 17.63 -1.43 -20.65
C GLY B 200 16.57 -2.32 -20.08
N GLN B 201 16.90 -2.78 -18.89
CA GLN B 201 16.00 -3.56 -18.07
C GLN B 201 16.11 -2.94 -16.62
N ILE B 202 14.98 -2.96 -15.93
CA ILE B 202 14.91 -2.54 -14.57
C ILE B 202 13.99 -3.44 -13.79
N MET B 203 14.21 -3.51 -12.47
CA MET B 203 13.26 -4.09 -11.52
C MET B 203 12.66 -2.98 -10.70
N LYS B 204 11.40 -3.17 -10.34
CA LYS B 204 10.75 -2.32 -9.38
C LYS B 204 10.48 -3.15 -8.14
N VAL B 205 10.94 -2.63 -7.03
CA VAL B 205 10.97 -3.34 -5.74
C VAL B 205 10.36 -2.52 -4.61
N ASP B 206 9.78 -3.18 -3.62
CA ASP B 206 9.20 -2.43 -2.46
C ASP B 206 10.23 -2.28 -1.37
N ALA B 207 10.82 -1.09 -1.29
CA ALA B 207 11.88 -0.84 -0.36
C ALA B 207 11.80 0.62 0.14
N PRO B 208 10.66 0.95 0.73
CA PRO B 208 10.21 2.32 1.06
C PRO B 208 11.04 3.00 2.14
N TRP B 209 12.00 2.27 2.72
CA TRP B 209 12.94 2.86 3.66
C TRP B 209 14.10 3.50 2.92
N MET B 210 14.09 3.32 1.61
CA MET B 210 15.15 3.84 0.73
C MET B 210 14.80 5.25 0.26
N LYS B 211 15.57 6.22 0.75
CA LYS B 211 15.30 7.65 0.55
C LYS B 211 16.32 8.37 -0.32
N HIS B 212 17.41 7.69 -0.69
CA HIS B 212 18.41 8.26 -1.60
C HIS B 212 18.60 7.47 -2.86
N PHE B 213 19.20 8.13 -3.82
CA PHE B 213 19.63 7.40 -5.02
C PHE B 213 21.06 7.06 -4.93
N ILE B 214 21.45 5.99 -5.60
CA ILE B 214 22.83 5.58 -5.67
C ILE B 214 23.14 5.20 -7.10
N LEU B 215 23.99 6.00 -7.71
CA LEU B 215 24.50 5.67 -9.05
C LEU B 215 25.97 5.29 -9.02
N THR B 216 26.30 4.13 -9.56
CA THR B 216 27.70 3.71 -9.63
C THR B 216 28.28 3.95 -11.01
N HIS B 217 29.58 4.18 -11.05
CA HIS B 217 30.26 4.44 -12.32
C HIS B 217 31.49 3.56 -12.49
N ASP B 218 31.46 2.85 -13.61
CA ASP B 218 32.46 1.84 -13.93
C ASP B 218 32.89 1.98 -15.38
N PRO B 219 34.12 2.45 -15.61
CA PRO B 219 34.64 2.60 -16.96
C PRO B 219 34.61 1.28 -17.75
N GLU B 220 34.83 0.17 -17.06
CA GLU B 220 34.85 -1.16 -17.69
C GLU B 220 33.48 -1.50 -18.29
N ARG B 221 32.41 -1.16 -17.57
CA ARG B 221 31.06 -1.52 -17.97
C ARG B 221 30.41 -0.44 -18.81
N GLY B 222 30.71 0.79 -18.43
CA GLY B 222 30.22 1.98 -19.13
C GLY B 222 28.91 2.58 -18.65
N ILE B 223 28.60 3.73 -19.24
CA ILE B 223 27.36 4.44 -18.93
C ILE B 223 26.12 3.52 -18.81
N TYR B 224 25.27 3.81 -17.82
CA TYR B 224 23.99 3.07 -17.58
C TYR B 224 24.16 1.58 -17.40
N ASN B 225 25.41 1.14 -17.26
CA ASN B 225 25.71 -0.32 -17.29
C ASN B 225 26.27 -0.90 -16.02
N SER B 226 26.11 -0.12 -14.97
CA SER B 226 26.52 -0.55 -13.66
C SER B 226 25.37 -0.25 -12.69
N PRO B 227 25.38 -0.87 -11.52
CA PRO B 227 24.27 -0.85 -10.59
C PRO B 227 23.77 0.53 -10.19
N TYR B 228 22.48 0.70 -10.31
CA TYR B 228 21.80 1.84 -9.75
C TYR B 228 20.50 1.46 -8.96
N ILE B 229 20.14 2.34 -8.04
CA ILE B 229 18.96 2.23 -7.21
C ILE B 229 18.43 3.66 -7.16
N ILE B 230 17.23 3.84 -7.55
CA ILE B 230 16.59 5.16 -7.64
C ILE B 230 15.20 5.01 -7.03
N PRO B 231 15.01 5.42 -5.77
CA PRO B 231 13.73 5.46 -5.16
C PRO B 231 12.74 6.33 -5.88
N GLY B 232 11.55 5.81 -6.07
CA GLY B 232 10.42 6.55 -6.60
C GLY B 232 9.29 6.77 -5.61
N THR B 233 8.14 7.14 -6.12
CA THR B 233 6.98 7.35 -5.28
C THR B 233 6.37 6.09 -4.73
N GLN B 234 6.26 5.06 -5.57
CA GLN B 234 5.53 3.86 -5.13
C GLN B 234 6.46 2.66 -4.95
N THR B 235 7.72 2.85 -5.26
CA THR B 235 8.55 1.70 -5.59
C THR B 235 9.94 2.20 -5.84
N VAL B 236 10.92 1.31 -5.62
CA VAL B 236 12.34 1.56 -5.89
C VAL B 236 12.69 0.89 -7.24
N THR B 237 13.39 1.64 -8.07
CA THR B 237 13.91 1.13 -9.35
C THR B 237 15.34 0.61 -9.20
N LEU B 238 15.53 -0.64 -9.58
CA LEU B 238 16.80 -1.35 -9.62
C LEU B 238 17.15 -1.49 -11.08
N GLY B 239 18.31 -0.98 -11.45
CA GLY B 239 18.83 -1.13 -12.80
C GLY B 239 20.34 -1.26 -12.90
N GLY B 240 20.83 -1.16 -14.12
CA GLY B 240 22.22 -1.30 -14.41
C GLY B 240 22.48 -2.17 -15.62
N ILE B 241 21.68 -1.95 -16.66
CA ILE B 241 21.82 -2.64 -17.93
C ILE B 241 21.77 -1.66 -19.11
N PHE B 242 22.80 -1.75 -19.94
CA PHE B 242 22.85 -1.01 -21.20
C PHE B 242 23.44 -1.87 -22.30
N GLN B 243 22.61 -2.18 -23.30
CA GLN B 243 22.99 -3.07 -24.39
C GLN B 243 22.73 -2.46 -25.76
N LEU B 244 23.78 -1.88 -26.33
CA LEU B 244 23.67 -1.19 -27.60
C LEU B 244 23.40 -2.19 -28.74
N GLY B 245 22.41 -1.83 -29.56
CA GLY B 245 21.95 -2.60 -30.68
C GLY B 245 20.97 -3.73 -30.36
N ASN B 246 20.65 -3.97 -29.10
CA ASN B 246 19.72 -5.07 -28.73
C ASN B 246 18.27 -4.63 -28.84
N TRP B 247 17.52 -5.24 -29.74
CA TRP B 247 16.12 -4.81 -29.96
C TRP B 247 15.11 -5.74 -29.31
N SER B 248 15.57 -6.51 -28.33
CA SER B 248 14.69 -7.46 -27.63
C SER B 248 13.93 -6.85 -26.44
N GLU B 249 12.64 -6.67 -26.66
CA GLU B 249 11.74 -6.10 -25.69
C GLU B 249 11.17 -7.27 -24.88
N LEU B 250 12.04 -7.84 -24.10
CA LEU B 250 11.69 -9.00 -23.33
C LEU B 250 12.59 -9.02 -22.10
N ASN B 251 12.00 -9.21 -20.95
CA ASN B 251 12.81 -9.31 -19.74
C ASN B 251 13.65 -10.56 -19.87
N ASN B 252 14.94 -10.35 -19.64
CA ASN B 252 15.96 -11.38 -19.61
C ASN B 252 16.43 -11.75 -18.19
N ILE B 253 16.34 -13.05 -17.96
CA ILE B 253 16.82 -13.70 -16.72
C ILE B 253 18.26 -13.35 -16.32
N GLN B 254 19.20 -13.43 -17.23
CA GLN B 254 20.54 -13.04 -16.86
C GLN B 254 20.59 -11.62 -16.38
N ASP B 255 19.92 -10.72 -17.08
CA ASP B 255 20.02 -9.30 -16.74
C ASP B 255 19.35 -9.06 -15.40
N HIS B 256 18.25 -9.76 -15.18
CA HIS B 256 17.56 -9.71 -13.88
C HIS B 256 18.50 -10.00 -12.77
N ASN B 257 19.26 -11.08 -12.95
CA ASN B 257 20.23 -11.54 -11.93
C ASN B 257 21.32 -10.53 -11.77
N THR B 258 21.78 -10.01 -12.91
CA THR B 258 22.86 -8.99 -12.87
C THR B 258 22.46 -7.79 -12.00
N ILE B 259 21.25 -7.28 -12.26
CA ILE B 259 20.68 -6.10 -11.57
C ILE B 259 20.48 -6.41 -10.11
N TRP B 260 19.86 -7.55 -9.89
CA TRP B 260 19.51 -7.95 -8.53
C TRP B 260 20.78 -8.04 -7.67
N GLU B 261 21.80 -8.71 -8.20
CA GLU B 261 22.99 -9.01 -7.40
C GLU B 261 23.92 -7.83 -7.28
N GLY B 262 23.89 -6.93 -8.26
CA GLY B 262 24.71 -5.73 -8.20
C GLY B 262 24.12 -4.78 -7.17
N CYS B 263 22.78 -4.73 -7.14
CA CYS B 263 22.10 -3.77 -6.25
C CYS B 263 22.14 -4.26 -4.80
N CYS B 264 22.01 -5.56 -4.63
CA CYS B 264 22.06 -6.15 -3.31
C CYS B 264 23.42 -5.97 -2.73
N ARG B 265 24.41 -5.93 -3.62
CA ARG B 265 25.78 -5.76 -3.17
C ARG B 265 25.92 -4.34 -2.74
N LEU B 266 25.38 -3.47 -3.57
CA LEU B 266 25.41 -2.01 -3.35
C LEU B 266 24.73 -1.66 -2.03
N GLU B 267 23.58 -2.28 -1.80
CA GLU B 267 22.82 -2.07 -0.59
C GLU B 267 22.13 -3.34 -0.07
N PRO B 268 22.81 -4.04 0.86
CA PRO B 268 22.40 -5.35 1.38
C PRO B 268 20.96 -5.41 1.87
N THR B 269 20.41 -4.25 2.24
CA THR B 269 19.04 -4.18 2.79
C THR B 269 18.00 -4.62 1.75
N LEU B 270 18.40 -4.57 0.49
CA LEU B 270 17.52 -4.93 -0.63
C LEU B 270 17.15 -6.38 -0.63
N LYS B 271 17.97 -7.23 -0.03
CA LYS B 271 17.79 -8.67 -0.14
C LYS B 271 16.35 -9.10 0.17
N ASN B 272 15.71 -8.46 1.11
CA ASN B 272 14.35 -8.88 1.45
C ASN B 272 13.32 -7.90 0.89
N ALA B 273 13.70 -7.17 -0.14
CA ALA B 273 12.75 -6.24 -0.79
C ALA B 273 11.88 -7.02 -1.75
N ARG B 274 10.58 -6.84 -1.64
CA ARG B 274 9.63 -7.59 -2.50
C ARG B 274 9.65 -7.06 -3.93
N ILE B 275 9.70 -7.98 -4.90
CA ILE B 275 9.79 -7.57 -6.34
C ILE B 275 8.40 -7.35 -6.86
N ILE B 276 8.18 -6.17 -7.43
CA ILE B 276 6.85 -5.74 -7.84
C ILE B 276 6.69 -5.88 -9.33
N GLY B 277 7.75 -5.56 -10.07
CA GLY B 277 7.71 -5.67 -11.51
C GLY B 277 9.05 -5.48 -12.17
N GLU B 278 9.08 -5.68 -13.49
CA GLU B 278 10.29 -5.77 -14.28
C GLU B 278 9.97 -5.34 -15.69
N ARG B 279 10.82 -4.49 -16.24
CA ARG B 279 10.53 -3.89 -17.52
C ARG B 279 11.76 -3.61 -18.30
N THR B 280 11.64 -3.70 -19.61
CA THR B 280 12.71 -3.46 -20.56
C THR B 280 12.31 -2.27 -21.40
N GLY B 281 13.30 -1.55 -21.94
CA GLY B 281 13.01 -0.42 -22.81
C GLY B 281 14.18 -0.01 -23.67
N PHE B 282 13.92 0.87 -24.65
CA PHE B 282 14.98 1.26 -25.57
C PHE B 282 15.42 2.72 -25.46
N ARG B 283 16.56 2.93 -24.87
CA ARG B 283 17.15 4.26 -24.93
C ARG B 283 17.43 4.60 -26.39
N PRO B 284 16.93 5.75 -26.89
CA PRO B 284 17.24 6.13 -28.28
C PRO B 284 18.60 6.78 -28.34
N VAL B 285 19.62 5.93 -28.44
CA VAL B 285 21.04 6.35 -28.39
C VAL B 285 21.49 6.99 -29.69
N ARG B 286 22.15 8.13 -29.56
CA ARG B 286 22.69 8.84 -30.72
C ARG B 286 23.87 9.76 -30.26
N PRO B 287 24.80 10.07 -31.16
CA PRO B 287 25.91 10.91 -30.69
C PRO B 287 25.44 12.30 -30.24
N GLN B 288 24.39 12.76 -30.92
CA GLN B 288 23.71 14.02 -30.61
C GLN B 288 22.21 13.81 -30.71
N ILE B 289 21.46 14.59 -29.95
CA ILE B 289 20.02 14.67 -30.18
C ILE B 289 19.84 15.25 -31.57
N ARG B 290 18.89 14.75 -32.32
CA ARG B 290 18.54 15.39 -33.58
C ARG B 290 17.36 16.31 -33.38
N LEU B 291 17.66 17.59 -33.27
CA LEU B 291 16.64 18.61 -33.06
C LEU B 291 16.81 19.64 -34.12
N GLU B 292 16.11 19.45 -35.23
CA GLU B 292 16.31 20.33 -36.36
C GLU B 292 15.15 20.30 -37.33
N ARG B 293 15.21 21.22 -38.26
CA ARG B 293 14.22 21.29 -39.32
C ARG B 293 14.68 20.55 -40.57
N GLU B 294 13.68 20.31 -41.40
CA GLU B 294 13.88 19.66 -42.69
C GLU B 294 12.62 19.82 -43.50
N GLN B 295 12.77 20.21 -44.77
CA GLN B 295 11.59 20.27 -45.63
C GLN B 295 11.53 18.99 -46.44
N LEU B 296 10.44 18.25 -46.24
CA LEU B 296 10.13 17.11 -47.09
C LEU B 296 9.59 17.63 -48.40
N ARG B 297 9.98 16.98 -49.48
CA ARG B 297 9.70 17.46 -50.82
C ARG B 297 8.27 17.17 -51.25
N THR B 298 7.93 15.87 -51.13
CA THR B 298 6.61 15.28 -51.46
C THR B 298 5.55 16.16 -52.17
N GLY B 299 5.50 16.01 -53.49
CA GLY B 299 4.50 16.69 -54.33
C GLY B 299 4.79 18.15 -54.68
N PRO B 300 3.74 18.88 -55.13
CA PRO B 300 3.90 20.29 -55.52
C PRO B 300 4.17 21.15 -54.29
N SER B 301 3.95 20.51 -53.14
CA SER B 301 4.03 21.15 -51.86
C SER B 301 5.14 20.49 -51.04
N ASN B 302 5.93 21.35 -50.40
CA ASN B 302 6.93 20.86 -49.49
C ASN B 302 6.36 20.90 -48.08
N THR B 303 6.68 19.86 -47.31
CA THR B 303 6.22 19.75 -45.95
C THR B 303 7.35 20.01 -44.99
N GLU B 304 7.05 20.81 -43.97
CA GLU B 304 8.01 21.13 -42.92
C GLU B 304 8.06 20.04 -41.85
N VAL B 305 9.27 19.68 -41.45
CA VAL B 305 9.47 18.64 -40.45
C VAL B 305 10.41 19.16 -39.38
N ILE B 306 9.98 18.99 -38.14
CA ILE B 306 10.84 19.27 -37.00
C ILE B 306 11.19 17.89 -36.40
N HIS B 307 12.45 17.49 -36.52
CA HIS B 307 12.88 16.24 -35.88
C HIS B 307 13.22 16.48 -34.43
N ASN B 308 12.75 15.61 -33.57
CA ASN B 308 13.13 15.74 -32.17
C ASN B 308 13.25 14.37 -31.52
N TYR B 309 14.44 13.79 -31.72
CA TYR B 309 14.71 12.43 -31.25
C TYR B 309 16.15 12.14 -31.03
N GLY B 310 16.35 11.03 -30.36
CA GLY B 310 17.70 10.57 -30.09
C GLY B 310 18.19 11.09 -28.77
N HIS B 311 17.34 10.95 -27.76
CA HIS B 311 17.67 11.51 -26.44
C HIS B 311 18.33 10.55 -25.45
N GLY B 312 18.80 9.41 -25.93
CA GLY B 312 19.52 8.43 -25.09
C GLY B 312 18.87 8.08 -23.75
N GLY B 313 19.66 8.15 -22.70
CA GLY B 313 19.21 7.94 -21.34
C GLY B 313 19.02 9.22 -20.54
N TYR B 314 18.63 10.29 -21.21
CA TYR B 314 18.52 11.56 -20.53
C TYR B 314 17.42 12.43 -21.08
N GLY B 315 16.44 11.73 -21.63
CA GLY B 315 15.27 12.34 -22.21
C GLY B 315 14.41 13.10 -21.22
N LEU B 316 14.14 12.51 -20.04
CA LEU B 316 13.39 13.27 -19.00
C LEU B 316 14.25 14.46 -18.47
N THR B 317 15.52 14.19 -18.30
CA THR B 317 16.48 15.22 -17.92
C THR B 317 16.48 16.46 -18.85
N ILE B 318 16.22 16.21 -20.14
CA ILE B 318 16.50 17.21 -21.17
C ILE B 318 15.25 17.76 -21.89
N HIS B 319 14.14 17.08 -21.68
CA HIS B 319 12.94 17.22 -22.49
C HIS B 319 12.37 18.62 -22.64
N TRP B 320 12.51 19.43 -21.62
CA TRP B 320 11.84 20.74 -21.64
C TRP B 320 12.58 21.78 -22.50
N GLY B 321 13.90 21.76 -22.39
CA GLY B 321 14.75 22.60 -23.22
C GLY B 321 14.60 22.24 -24.69
N CYS B 322 14.51 20.94 -24.97
CA CYS B 322 14.35 20.50 -26.34
C CYS B 322 13.00 20.96 -26.82
N ALA B 323 12.03 20.86 -25.93
CA ALA B 323 10.66 21.20 -26.27
C ALA B 323 10.55 22.68 -26.60
N LEU B 324 11.34 23.49 -25.91
CA LEU B 324 11.30 24.96 -26.15
C LEU B 324 12.09 25.35 -27.41
N GLU B 325 13.13 24.58 -27.65
CA GLU B 325 13.93 24.72 -28.87
C GLU B 325 13.07 24.35 -30.07
N ALA B 326 12.37 23.23 -29.98
CA ALA B 326 11.47 22.79 -31.06
C ALA B 326 10.40 23.82 -31.30
N ALA B 327 10.06 24.51 -30.24
CA ALA B 327 9.01 25.54 -30.34
C ALA B 327 9.56 26.78 -31.07
N LYS B 328 10.83 27.09 -30.87
CA LYS B 328 11.40 28.19 -31.64
C LYS B 328 11.41 27.79 -33.11
N LEU B 329 11.86 26.58 -33.40
CA LEU B 329 11.95 26.16 -34.78
C LEU B 329 10.61 26.28 -35.47
N PHE B 330 9.55 26.04 -34.71
CA PHE B 330 8.18 26.08 -35.25
C PHE B 330 7.79 27.54 -35.55
N GLY B 331 8.23 28.42 -34.67
CA GLY B 331 7.94 29.85 -34.79
C GLY B 331 8.61 30.40 -36.02
N ARG B 332 9.78 29.87 -36.32
CA ARG B 332 10.57 30.30 -37.49
C ARG B 332 9.89 29.85 -38.76
N ILE B 333 9.26 28.69 -38.68
CA ILE B 333 8.53 28.15 -39.81
C ILE B 333 7.34 29.06 -40.09
N LEU B 334 6.76 29.55 -39.01
CA LEU B 334 5.61 30.44 -39.13
C LEU B 334 6.02 31.76 -39.75
N GLU B 335 7.16 32.28 -39.31
CA GLU B 335 7.69 33.55 -39.83
C GLU B 335 8.10 33.44 -41.30
N GLU B 336 8.23 32.21 -41.77
CA GLU B 336 8.57 31.99 -43.18
C GLU B 336 7.30 31.95 -44.00
N LYS B 337 6.27 31.39 -43.41
CA LYS B 337 4.99 31.30 -44.07
C LYS B 337 4.34 32.66 -43.94
N LYS B 338 5.06 33.54 -43.28
CA LYS B 338 4.56 34.87 -42.97
C LYS B 338 3.16 34.72 -42.38
N LEU B 339 3.10 33.83 -41.38
CA LEU B 339 1.87 33.53 -40.65
C LEU B 339 1.95 34.15 -39.27
N SER B 340 2.71 35.22 -39.16
CA SER B 340 2.80 35.96 -37.90
C SER B 340 3.64 37.22 -38.01
N MET C 1 11.70 -32.99 -31.48
CA MET C 1 10.86 -32.16 -32.40
C MET C 1 10.92 -30.67 -32.06
N ARG C 2 10.80 -29.85 -33.09
CA ARG C 2 10.86 -28.41 -32.91
C ARG C 2 9.47 -27.77 -33.01
N VAL C 3 9.04 -27.23 -31.88
CA VAL C 3 7.74 -26.59 -31.76
C VAL C 3 7.86 -25.09 -31.52
N VAL C 4 7.13 -24.34 -32.31
CA VAL C 4 7.09 -22.91 -32.11
C VAL C 4 5.72 -22.42 -31.74
N VAL C 5 5.63 -21.85 -30.54
CA VAL C 5 4.42 -21.19 -30.04
C VAL C 5 4.54 -19.72 -30.35
N ILE C 6 3.56 -19.27 -31.12
CA ILE C 6 3.41 -17.85 -31.44
C ILE C 6 2.38 -17.29 -30.48
N GLY C 7 2.87 -16.46 -29.56
CA GLY C 7 1.98 -15.78 -28.62
C GLY C 7 2.32 -16.09 -27.19
N ALA C 8 2.33 -15.03 -26.37
CA ALA C 8 2.73 -15.15 -24.95
C ALA C 8 1.68 -14.57 -24.00
N GLY C 9 0.46 -14.49 -24.50
CA GLY C 9 -0.71 -14.32 -23.65
C GLY C 9 -1.09 -15.62 -22.98
N VAL C 10 -2.27 -15.70 -22.40
CA VAL C 10 -2.61 -16.86 -21.58
C VAL C 10 -2.61 -18.11 -22.41
N ILE C 11 -3.16 -17.96 -23.59
CA ILE C 11 -3.40 -19.11 -24.49
C ILE C 11 -2.04 -19.71 -24.91
N GLY C 12 -1.15 -18.87 -25.36
CA GLY C 12 0.14 -19.31 -25.73
C GLY C 12 0.85 -19.99 -24.58
N LEU C 13 1.10 -19.23 -23.53
CA LEU C 13 1.91 -19.75 -22.43
C LEU C 13 1.32 -21.03 -21.81
N SER C 14 0.02 -21.05 -21.73
CA SER C 14 -0.75 -22.20 -21.25
C SER C 14 -0.53 -23.48 -22.07
N THR C 15 -0.85 -23.34 -23.36
CA THR C 15 -0.67 -24.41 -24.36
C THR C 15 0.77 -24.87 -24.28
N ALA C 16 1.67 -23.93 -24.26
CA ALA C 16 3.07 -24.26 -24.30
C ALA C 16 3.41 -25.21 -23.13
N LEU C 17 2.98 -24.75 -21.95
CA LEU C 17 3.22 -25.43 -20.70
C LEU C 17 2.55 -26.77 -20.80
N CYS C 18 1.29 -26.75 -21.20
CA CYS C 18 0.54 -28.01 -21.30
C CYS C 18 1.18 -29.04 -22.23
N ILE C 19 1.74 -28.57 -23.34
CA ILE C 19 2.35 -29.48 -24.31
C ILE C 19 3.64 -30.01 -23.76
N HIS C 20 4.35 -29.15 -23.06
CA HIS C 20 5.64 -29.56 -22.55
C HIS C 20 5.40 -30.59 -21.48
N GLU C 21 4.45 -30.30 -20.59
CA GLU C 21 4.16 -31.21 -19.48
C GLU C 21 3.91 -32.63 -19.96
N ARG C 22 3.11 -32.74 -21.01
CA ARG C 22 2.53 -34.02 -21.39
C ARG C 22 3.38 -34.86 -22.36
N TYR C 23 4.36 -34.24 -23.00
CA TYR C 23 5.11 -34.91 -24.08
C TYR C 23 6.61 -34.89 -23.90
N HIS C 24 7.08 -34.07 -22.97
CA HIS C 24 8.52 -33.91 -22.85
C HIS C 24 9.21 -35.24 -22.52
N SER C 25 8.50 -36.14 -21.86
CA SER C 25 9.08 -37.38 -21.40
C SER C 25 9.08 -38.40 -22.54
N VAL C 26 8.33 -38.06 -23.58
CA VAL C 26 8.11 -38.98 -24.70
C VAL C 26 8.63 -38.54 -26.07
N LEU C 27 9.23 -37.36 -26.13
CA LEU C 27 9.81 -36.89 -27.40
C LEU C 27 11.30 -36.76 -27.31
N GLN C 28 11.95 -37.33 -28.31
CA GLN C 28 13.41 -37.42 -28.34
C GLN C 28 13.96 -36.13 -27.76
N PRO C 29 14.18 -35.11 -28.60
CA PRO C 29 14.19 -33.83 -27.94
C PRO C 29 12.89 -33.10 -28.30
N LEU C 30 12.25 -32.52 -27.29
CA LEU C 30 11.12 -31.65 -27.56
C LEU C 30 11.60 -30.21 -27.41
N ASP C 31 11.87 -29.57 -28.53
CA ASP C 31 12.38 -28.19 -28.53
C ASP C 31 11.21 -27.25 -28.73
N ILE C 32 10.88 -26.54 -27.66
CA ILE C 32 9.82 -25.55 -27.68
C ILE C 32 10.36 -24.13 -27.45
N LYS C 33 9.98 -23.27 -28.38
CA LYS C 33 10.31 -21.86 -28.31
C LYS C 33 9.05 -21.00 -28.41
N VAL C 34 9.05 -19.89 -27.66
CA VAL C 34 7.91 -19.00 -27.71
C VAL C 34 8.34 -17.74 -28.43
N TYR C 35 7.61 -17.44 -29.51
CA TYR C 35 7.74 -16.22 -30.25
C TYR C 35 6.52 -15.33 -29.98
N ALA C 36 6.78 -14.13 -29.54
CA ALA C 36 5.70 -13.20 -29.31
C ALA C 36 6.19 -11.80 -29.48
N ASP C 37 5.35 -10.94 -30.04
CA ASP C 37 5.80 -9.59 -30.23
C ASP C 37 5.59 -8.69 -29.01
N ARG C 38 4.62 -9.02 -28.18
CA ARG C 38 4.49 -8.48 -26.83
C ARG C 38 4.39 -9.53 -25.74
N PHE C 39 5.07 -9.30 -24.63
CA PHE C 39 5.07 -10.19 -23.46
C PHE C 39 4.45 -9.51 -22.27
N THR C 40 4.16 -10.28 -21.22
CA THR C 40 3.32 -9.94 -20.06
C THR C 40 2.78 -8.57 -20.05
N PRO C 41 3.39 -7.65 -19.27
CA PRO C 41 2.74 -6.39 -18.87
C PRO C 41 1.89 -5.87 -20.01
N LEU C 42 2.31 -6.19 -21.23
CA LEU C 42 1.74 -5.59 -22.43
C LEU C 42 0.78 -6.41 -23.23
N THR C 43 0.24 -7.49 -22.67
CA THR C 43 -0.72 -8.34 -23.37
C THR C 43 -2.13 -8.03 -22.95
N THR C 44 -3.05 -8.38 -23.79
CA THR C 44 -4.47 -8.27 -23.51
C THR C 44 -4.73 -9.00 -22.21
N THR C 45 -3.98 -10.07 -21.99
CA THR C 45 -4.21 -10.93 -20.82
C THR C 45 -3.94 -10.14 -19.55
N ASP C 46 -3.03 -9.19 -19.61
CA ASP C 46 -2.71 -8.40 -18.43
C ASP C 46 -3.70 -7.29 -18.13
N VAL C 47 -4.66 -7.06 -19.00
CA VAL C 47 -5.72 -6.07 -18.82
C VAL C 47 -7.00 -6.74 -18.27
N ALA C 48 -7.04 -8.06 -18.37
CA ALA C 48 -8.18 -8.85 -17.88
C ALA C 48 -8.24 -8.83 -16.36
N ALA C 49 -9.47 -8.79 -15.84
CA ALA C 49 -9.67 -8.83 -14.40
C ALA C 49 -9.36 -10.26 -13.94
N GLY C 50 -9.85 -11.21 -14.72
CA GLY C 50 -9.52 -12.61 -14.52
C GLY C 50 -10.64 -13.43 -13.89
N LEU C 51 -11.83 -12.85 -13.92
CA LEU C 51 -13.00 -13.51 -13.34
C LEU C 51 -13.48 -14.69 -14.17
N TRP C 52 -13.64 -15.82 -13.52
CA TRP C 52 -14.19 -16.99 -14.21
C TRP C 52 -15.68 -16.89 -14.33
N GLN C 53 -16.13 -16.67 -15.55
CA GLN C 53 -17.56 -16.67 -15.89
C GLN C 53 -17.80 -16.73 -17.42
N PRO C 54 -18.32 -17.84 -17.89
CA PRO C 54 -18.72 -18.04 -19.27
C PRO C 54 -19.96 -17.24 -19.68
N TYR C 55 -20.25 -17.26 -20.97
CA TYR C 55 -21.50 -16.69 -21.48
C TYR C 55 -22.64 -17.35 -20.67
N LEU C 56 -23.78 -16.67 -20.59
CA LEU C 56 -24.93 -17.19 -19.81
C LEU C 56 -25.53 -18.45 -20.45
N SER C 57 -25.62 -18.42 -21.78
CA SER C 57 -26.36 -19.45 -22.55
C SER C 57 -25.50 -20.42 -23.35
N ASP C 58 -26.08 -21.60 -23.57
CA ASP C 58 -25.46 -22.70 -24.34
C ASP C 58 -25.05 -22.25 -25.75
N PRO C 59 -23.73 -22.22 -26.03
CA PRO C 59 -23.06 -21.72 -27.26
C PRO C 59 -23.21 -22.57 -28.54
N ASN C 60 -22.33 -22.27 -29.49
CA ASN C 60 -22.31 -22.97 -30.79
C ASN C 60 -21.69 -24.32 -30.58
N ASN C 61 -20.49 -24.25 -30.00
CA ASN C 61 -19.78 -25.45 -29.58
C ASN C 61 -20.00 -25.64 -28.07
N PRO C 62 -20.66 -26.74 -27.68
CA PRO C 62 -20.90 -26.99 -26.26
C PRO C 62 -19.68 -27.64 -25.63
N GLN C 63 -18.66 -27.77 -26.45
CA GLN C 63 -17.37 -28.29 -25.99
C GLN C 63 -16.68 -27.19 -25.17
N GLU C 64 -17.14 -25.98 -25.41
CA GLU C 64 -16.58 -24.80 -24.75
C GLU C 64 -17.02 -24.81 -23.29
N ALA C 65 -18.23 -25.34 -23.08
CA ALA C 65 -18.77 -25.48 -21.71
C ALA C 65 -17.89 -26.47 -20.92
N ASP C 66 -17.45 -27.49 -21.62
CA ASP C 66 -16.68 -28.52 -20.96
C ASP C 66 -15.32 -27.94 -20.62
N TRP C 67 -14.77 -27.17 -21.55
CA TRP C 67 -13.44 -26.49 -21.39
C TRP C 67 -13.42 -25.47 -20.24
N SER C 68 -14.49 -24.72 -20.11
CA SER C 68 -14.60 -23.72 -19.07
C SER C 68 -14.65 -24.42 -17.73
N GLN C 69 -15.34 -25.55 -17.72
CA GLN C 69 -15.56 -26.24 -16.49
C GLN C 69 -14.29 -26.97 -16.09
N GLN C 70 -13.61 -27.53 -17.08
CA GLN C 70 -12.32 -28.17 -16.79
C GLN C 70 -11.36 -27.17 -16.15
N THR C 71 -11.44 -25.92 -16.60
CA THR C 71 -10.54 -24.85 -16.10
C THR C 71 -10.98 -24.50 -14.67
N PHE C 72 -12.29 -24.32 -14.49
CA PHE C 72 -12.80 -24.06 -13.14
C PHE C 72 -12.30 -25.12 -12.16
N ASP C 73 -12.51 -26.36 -12.55
CA ASP C 73 -12.22 -27.51 -11.64
C ASP C 73 -10.76 -27.56 -11.34
N TYR C 74 -9.99 -27.27 -12.36
CA TYR C 74 -8.53 -27.27 -12.22
C TYR C 74 -8.05 -26.19 -11.26
N LEU C 75 -8.64 -25.00 -11.38
CA LEU C 75 -8.23 -23.85 -10.57
C LEU C 75 -8.65 -24.01 -9.12
N LEU C 76 -9.85 -24.55 -8.96
CA LEU C 76 -10.45 -24.71 -7.64
C LEU C 76 -9.58 -25.66 -6.84
N SER C 77 -8.93 -26.59 -7.54
CA SER C 77 -8.15 -27.61 -6.88
C SER C 77 -6.83 -27.08 -6.42
N HIS C 78 -6.47 -25.87 -6.81
CA HIS C 78 -5.21 -25.26 -6.41
C HIS C 78 -5.43 -23.93 -5.69
N VAL C 79 -6.68 -23.62 -5.40
CA VAL C 79 -7.02 -22.36 -4.77
C VAL C 79 -6.41 -22.30 -3.37
N HIS C 80 -6.28 -23.45 -2.74
CA HIS C 80 -5.78 -23.48 -1.36
C HIS C 80 -4.41 -24.08 -1.31
N SER C 81 -3.70 -24.02 -2.42
CA SER C 81 -2.31 -24.49 -2.42
C SER C 81 -1.35 -23.32 -2.19
N PRO C 82 -0.30 -23.55 -1.38
CA PRO C 82 0.68 -22.46 -1.19
C PRO C 82 1.52 -22.28 -2.45
N ASN C 83 0.94 -21.51 -3.34
CA ASN C 83 1.40 -21.39 -4.72
C ASN C 83 0.43 -20.44 -5.41
N ALA C 84 -0.76 -20.41 -4.83
CA ALA C 84 -1.92 -19.72 -5.39
C ALA C 84 -1.67 -18.25 -5.54
N GLU C 85 -1.06 -17.59 -4.54
CA GLU C 85 -0.83 -16.14 -4.64
C GLU C 85 0.26 -15.84 -5.67
N ASN C 86 1.05 -16.85 -6.00
CA ASN C 86 1.98 -16.69 -7.11
C ASN C 86 1.24 -16.70 -8.45
N LEU C 87 0.15 -17.47 -8.56
CA LEU C 87 -0.58 -17.47 -9.82
C LEU C 87 -1.68 -16.43 -9.88
N GLY C 88 -1.88 -15.75 -8.75
CA GLY C 88 -2.90 -14.71 -8.64
C GLY C 88 -4.31 -15.24 -8.52
N LEU C 89 -4.42 -16.42 -7.90
CA LEU C 89 -5.66 -17.21 -7.91
C LEU C 89 -6.35 -17.11 -6.59
N PHE C 90 -7.56 -16.63 -6.61
CA PHE C 90 -8.33 -16.59 -5.36
C PHE C 90 -9.79 -16.75 -5.60
N LEU C 91 -10.52 -16.95 -4.51
CA LEU C 91 -11.97 -17.25 -4.53
C LEU C 91 -12.69 -15.92 -4.28
N ILE C 92 -13.77 -15.68 -5.01
CA ILE C 92 -14.55 -14.46 -4.86
C ILE C 92 -16.04 -14.63 -5.16
N SER C 93 -16.87 -14.12 -4.27
CA SER C 93 -18.32 -14.22 -4.41
C SER C 93 -18.77 -12.88 -4.91
N GLY C 94 -19.98 -12.85 -5.46
CA GLY C 94 -20.59 -11.63 -6.00
C GLY C 94 -21.92 -11.85 -6.74
N TYR C 95 -22.35 -10.77 -7.38
CA TYR C 95 -23.68 -10.61 -7.92
C TYR C 95 -23.72 -10.44 -9.41
N ASN C 96 -24.73 -11.09 -9.99
CA ASN C 96 -25.15 -10.87 -11.35
C ASN C 96 -26.55 -10.27 -11.32
N LEU C 97 -26.70 -9.10 -11.88
CA LEU C 97 -27.96 -8.34 -11.81
C LEU C 97 -28.56 -8.17 -13.21
N PHE C 98 -29.86 -8.46 -13.29
CA PHE C 98 -30.67 -8.35 -14.49
C PHE C 98 -31.89 -7.50 -14.19
N HIS C 99 -32.50 -7.00 -15.26
CA HIS C 99 -33.70 -6.16 -15.09
C HIS C 99 -35.00 -7.01 -14.89
N GLU C 100 -34.96 -8.23 -15.41
CA GLU C 100 -36.03 -9.20 -15.18
C GLU C 100 -35.48 -10.62 -15.18
N ALA C 101 -36.38 -11.57 -14.93
CA ALA C 101 -35.99 -12.98 -14.81
C ALA C 101 -35.48 -13.59 -16.13
N ILE C 102 -34.65 -14.60 -15.92
CA ILE C 102 -33.85 -15.18 -16.98
C ILE C 102 -33.56 -16.62 -16.55
N PRO C 103 -33.24 -17.50 -17.51
CA PRO C 103 -32.87 -18.85 -17.07
C PRO C 103 -31.52 -18.94 -16.39
N ASP C 104 -31.44 -19.87 -15.44
CA ASP C 104 -30.18 -20.23 -14.77
C ASP C 104 -29.10 -20.53 -15.79
N PRO C 105 -27.84 -20.17 -15.50
CA PRO C 105 -26.85 -20.50 -16.50
C PRO C 105 -26.55 -22.00 -16.49
N SER C 106 -26.00 -22.46 -17.60
CA SER C 106 -25.61 -23.86 -17.73
C SER C 106 -24.69 -24.23 -16.61
N TRP C 107 -23.74 -23.32 -16.36
CA TRP C 107 -22.65 -23.49 -15.39
C TRP C 107 -23.06 -23.27 -13.94
N LYS C 108 -24.37 -23.26 -13.69
CA LYS C 108 -24.89 -22.96 -12.38
C LYS C 108 -24.34 -23.95 -11.36
N ASP C 109 -23.99 -25.16 -11.80
CA ASP C 109 -23.51 -26.23 -10.88
C ASP C 109 -22.01 -26.37 -10.87
N THR C 110 -21.37 -25.65 -11.76
CA THR C 110 -19.92 -25.67 -11.84
C THR C 110 -19.37 -24.81 -10.76
N VAL C 111 -19.96 -23.63 -10.63
CA VAL C 111 -19.61 -22.67 -9.58
C VAL C 111 -20.05 -23.13 -8.19
N LEU C 112 -19.60 -22.35 -7.21
CA LEU C 112 -19.89 -22.63 -5.81
C LEU C 112 -21.06 -21.82 -5.30
N GLY C 113 -22.05 -22.55 -4.78
CA GLY C 113 -23.18 -21.98 -4.02
C GLY C 113 -24.13 -21.10 -4.79
N PHE C 114 -24.40 -21.49 -6.03
CA PHE C 114 -25.27 -20.68 -6.89
C PHE C 114 -26.63 -20.52 -6.29
N ARG C 115 -27.14 -19.31 -6.33
CA ARG C 115 -28.55 -19.10 -5.97
C ARG C 115 -29.07 -17.78 -6.49
N LYS C 116 -30.36 -17.65 -6.43
CA LYS C 116 -31.07 -16.44 -6.85
C LYS C 116 -31.00 -15.40 -5.78
N LEU C 117 -30.86 -14.15 -6.19
CA LEU C 117 -30.79 -13.06 -5.22
C LEU C 117 -32.12 -12.91 -4.45
N THR C 118 -32.02 -12.72 -3.15
CA THR C 118 -33.18 -12.42 -2.31
C THR C 118 -33.56 -10.92 -2.45
N PRO C 119 -34.78 -10.55 -2.03
CA PRO C 119 -35.30 -9.18 -2.17
C PRO C 119 -34.53 -8.14 -1.45
N ARG C 120 -34.01 -8.49 -0.27
CA ARG C 120 -33.26 -7.54 0.54
C ARG C 120 -31.94 -7.21 -0.11
N GLU C 121 -31.42 -8.18 -0.87
CA GLU C 121 -30.16 -7.99 -1.60
C GLU C 121 -30.45 -7.11 -2.79
N LEU C 122 -31.59 -7.35 -3.43
CA LEU C 122 -31.96 -6.57 -4.63
C LEU C 122 -32.30 -5.13 -4.28
N ASP C 123 -32.58 -4.90 -3.00
CA ASP C 123 -32.88 -3.55 -2.54
C ASP C 123 -31.63 -2.70 -2.54
N MET C 124 -30.47 -3.37 -2.62
CA MET C 124 -29.16 -2.69 -2.61
C MET C 124 -28.86 -2.15 -3.97
N PHE C 125 -29.56 -2.70 -4.94
CA PHE C 125 -29.37 -2.31 -6.33
C PHE C 125 -30.69 -1.89 -6.96
N PRO C 126 -31.11 -0.63 -6.71
CA PRO C 126 -32.38 -0.09 -7.17
C PRO C 126 -32.71 -0.34 -8.63
N ASP C 127 -31.70 -0.34 -9.49
CA ASP C 127 -31.95 -0.37 -10.95
C ASP C 127 -32.16 -1.77 -11.49
N TYR C 128 -31.90 -2.77 -10.66
CA TYR C 128 -32.08 -4.14 -11.10
C TYR C 128 -33.12 -4.83 -10.21
N GLY C 129 -33.81 -5.82 -10.78
CA GLY C 129 -34.92 -6.48 -10.08
C GLY C 129 -34.78 -7.99 -9.95
N TYR C 130 -33.75 -8.52 -10.57
CA TYR C 130 -33.50 -9.96 -10.54
C TYR C 130 -32.02 -10.22 -10.59
N GLY C 131 -31.60 -11.41 -10.19
CA GLY C 131 -30.19 -11.72 -10.20
C GLY C 131 -29.78 -12.97 -9.49
N TRP C 132 -28.46 -13.17 -9.50
CA TRP C 132 -27.82 -14.30 -8.85
C TRP C 132 -26.76 -13.85 -7.89
N PHE C 133 -26.36 -14.82 -7.07
CA PHE C 133 -25.24 -14.77 -6.21
C PHE C 133 -24.56 -16.11 -6.30
N HIS C 134 -23.25 -16.08 -6.39
CA HIS C 134 -22.45 -17.31 -6.32
C HIS C 134 -21.02 -17.01 -5.99
N THR C 135 -20.27 -18.07 -5.73
CA THR C 135 -18.86 -17.98 -5.57
C THR C 135 -18.13 -18.54 -6.81
N SER C 136 -17.15 -17.76 -7.26
CA SER C 136 -16.35 -18.15 -8.38
C SER C 136 -14.85 -17.91 -8.06
N LEU C 137 -14.07 -17.79 -9.10
CA LEU C 137 -12.59 -17.71 -9.03
C LEU C 137 -12.11 -16.57 -9.86
N ILE C 138 -11.03 -15.94 -9.39
CA ILE C 138 -10.31 -14.93 -10.13
C ILE C 138 -8.90 -15.41 -10.31
N LEU C 139 -8.47 -15.36 -11.57
CA LEU C 139 -7.08 -15.60 -11.94
C LEU C 139 -6.52 -14.36 -12.58
N GLU C 140 -5.64 -13.66 -11.90
CA GLU C 140 -5.08 -12.37 -12.40
C GLU C 140 -3.94 -12.56 -13.37
N GLY C 141 -4.18 -12.11 -14.60
CA GLY C 141 -3.30 -12.31 -15.77
C GLY C 141 -1.89 -11.89 -15.53
N LYS C 142 -1.73 -10.73 -14.92
CA LYS C 142 -0.39 -10.21 -14.74
C LYS C 142 0.38 -11.26 -13.98
N ASN C 143 -0.26 -11.89 -12.99
CA ASN C 143 0.45 -12.85 -12.14
C ASN C 143 0.59 -14.21 -12.78
N TYR C 144 -0.55 -14.71 -13.21
CA TYR C 144 -0.63 -15.99 -13.89
C TYR C 144 0.45 -16.10 -15.00
N LEU C 145 0.50 -15.07 -15.81
CA LEU C 145 1.42 -15.02 -16.95
C LEU C 145 2.89 -15.11 -16.50
N GLN C 146 3.17 -14.43 -15.41
CA GLN C 146 4.51 -14.44 -14.83
C GLN C 146 4.83 -15.83 -14.26
N TRP C 147 3.84 -16.41 -13.61
CA TRP C 147 3.92 -17.75 -13.10
C TRP C 147 4.21 -18.72 -14.24
N LEU C 148 3.41 -18.60 -15.27
CA LEU C 148 3.58 -19.49 -16.45
C LEU C 148 4.97 -19.35 -17.05
N THR C 149 5.46 -18.11 -17.15
CA THR C 149 6.81 -17.81 -17.72
C THR C 149 7.93 -18.51 -16.95
N GLU C 150 7.81 -18.49 -15.62
CA GLU C 150 8.78 -19.17 -14.70
C GLU C 150 8.75 -20.67 -14.86
N ARG C 151 7.57 -21.25 -14.92
CA ARG C 151 7.48 -22.68 -15.10
C ARG C 151 8.18 -23.05 -16.40
N LEU C 152 7.82 -22.33 -17.46
CA LEU C 152 8.33 -22.60 -18.82
C LEU C 152 9.82 -22.45 -18.91
N THR C 153 10.33 -21.42 -18.25
CA THR C 153 11.74 -21.13 -18.30
C THR C 153 12.51 -22.26 -17.64
N GLU C 154 11.94 -22.82 -16.57
CA GLU C 154 12.59 -23.94 -15.90
C GLU C 154 12.57 -25.19 -16.76
N ARG C 155 11.63 -25.25 -17.71
CA ARG C 155 11.48 -26.44 -18.55
C ARG C 155 12.31 -26.30 -19.79
N GLY C 156 13.12 -25.27 -19.81
CA GLY C 156 14.04 -25.06 -20.94
C GLY C 156 13.38 -24.40 -22.15
N VAL C 157 12.15 -23.92 -21.94
CA VAL C 157 11.40 -23.21 -23.00
C VAL C 157 11.96 -21.81 -23.18
N LYS C 158 12.51 -21.58 -24.38
CA LYS C 158 13.14 -20.30 -24.74
C LYS C 158 12.13 -19.31 -25.31
N PHE C 159 12.34 -18.05 -24.96
CA PHE C 159 11.44 -16.99 -25.37
C PHE C 159 12.19 -16.04 -26.26
N PHE C 160 11.50 -15.56 -27.30
CA PHE C 160 12.05 -14.56 -28.21
C PHE C 160 11.02 -13.49 -28.54
N GLN C 161 11.45 -12.25 -28.60
CA GLN C 161 10.51 -11.19 -28.90
C GLN C 161 10.64 -10.85 -30.35
N ARG C 162 9.62 -11.23 -31.10
CA ARG C 162 9.57 -10.91 -32.51
C ARG C 162 8.18 -10.94 -33.06
N LYS C 163 7.94 -10.10 -34.06
CA LYS C 163 6.69 -10.13 -34.75
C LYS C 163 6.89 -11.08 -35.90
N VAL C 164 6.13 -12.15 -35.88
CA VAL C 164 6.13 -13.13 -36.96
C VAL C 164 5.28 -12.61 -38.10
N GLU C 165 5.86 -12.54 -39.28
CA GLU C 165 5.16 -12.03 -40.48
C GLU C 165 4.38 -13.13 -41.19
N SER C 166 4.79 -14.37 -41.02
CA SER C 166 4.09 -15.47 -41.71
C SER C 166 4.46 -16.80 -41.11
N PHE C 167 3.48 -17.71 -41.18
CA PHE C 167 3.66 -19.10 -40.77
C PHE C 167 4.78 -19.69 -41.60
N GLU C 168 4.93 -19.19 -42.80
CA GLU C 168 5.94 -19.71 -43.75
C GLU C 168 7.35 -19.41 -43.25
N GLU C 169 7.56 -18.20 -42.77
CA GLU C 169 8.87 -17.81 -42.31
C GLU C 169 9.27 -18.71 -41.17
N VAL C 170 8.31 -19.13 -40.35
CA VAL C 170 8.61 -19.94 -39.16
C VAL C 170 8.91 -21.37 -39.57
N ALA C 171 8.13 -21.83 -40.54
CA ALA C 171 8.30 -23.19 -41.07
C ALA C 171 9.64 -23.30 -41.75
N ARG C 172 9.95 -22.30 -42.56
CA ARG C 172 11.21 -22.27 -43.28
C ARG C 172 12.40 -22.29 -42.35
N GLU C 173 12.21 -21.82 -41.13
CA GLU C 173 13.27 -21.84 -40.12
C GLU C 173 13.43 -23.20 -39.49
N GLY C 174 12.52 -24.11 -39.82
CA GLY C 174 12.66 -25.48 -39.36
C GLY C 174 11.75 -25.90 -38.23
N ALA C 175 10.64 -25.18 -38.06
CA ALA C 175 9.61 -25.62 -37.11
C ALA C 175 8.82 -26.80 -37.65
N ASP C 176 8.55 -27.76 -36.79
CA ASP C 176 7.77 -28.95 -37.17
C ASP C 176 6.31 -28.74 -36.87
N VAL C 177 6.07 -28.01 -35.78
CA VAL C 177 4.71 -27.63 -35.38
C VAL C 177 4.67 -26.19 -34.95
N ILE C 178 3.71 -25.46 -35.47
CA ILE C 178 3.50 -24.07 -35.11
C ILE C 178 2.23 -24.06 -34.30
N VAL C 179 2.27 -23.56 -33.07
CA VAL C 179 1.04 -23.39 -32.29
C VAL C 179 0.71 -21.89 -32.38
N ASN C 180 -0.45 -21.62 -32.98
CA ASN C 180 -0.91 -20.24 -33.23
C ASN C 180 -1.87 -19.71 -32.16
N CYS C 181 -1.32 -18.88 -31.28
CA CYS C 181 -2.02 -18.37 -30.12
C CYS C 181 -1.96 -16.87 -30.08
N THR C 182 -2.31 -16.31 -31.23
CA THR C 182 -2.03 -14.91 -31.56
C THR C 182 -3.18 -13.98 -31.26
N GLY C 183 -4.25 -14.54 -30.70
CA GLY C 183 -5.35 -13.74 -30.21
C GLY C 183 -5.95 -12.87 -31.28
N VAL C 184 -6.21 -11.60 -30.95
CA VAL C 184 -6.96 -10.70 -31.84
C VAL C 184 -6.22 -10.46 -33.11
N TRP C 185 -4.94 -10.83 -33.15
CA TRP C 185 -4.13 -10.48 -34.29
C TRP C 185 -3.91 -11.64 -35.24
N ALA C 186 -4.70 -12.68 -35.08
CA ALA C 186 -4.44 -13.93 -35.82
C ALA C 186 -4.62 -13.74 -37.33
N GLY C 187 -5.52 -12.84 -37.68
CA GLY C 187 -5.87 -12.54 -39.06
C GLY C 187 -4.70 -12.12 -39.88
N ALA C 188 -3.75 -11.44 -39.28
CA ALA C 188 -2.52 -11.04 -40.01
C ALA C 188 -1.64 -12.21 -40.46
N LEU C 189 -1.95 -13.44 -40.00
CA LEU C 189 -1.15 -14.61 -40.36
C LEU C 189 -1.92 -15.48 -41.30
N GLN C 190 -3.22 -15.38 -41.20
CA GLN C 190 -4.14 -16.11 -42.08
C GLN C 190 -5.49 -15.45 -41.92
N ARG C 191 -5.96 -14.84 -43.00
CA ARG C 191 -7.15 -14.01 -42.90
C ARG C 191 -8.32 -14.81 -42.35
N ASP C 192 -9.00 -14.18 -41.41
CA ASP C 192 -10.12 -14.77 -40.68
C ASP C 192 -11.21 -13.73 -40.37
N PRO C 193 -12.17 -13.60 -41.24
CA PRO C 193 -13.15 -12.52 -41.14
C PRO C 193 -14.08 -12.66 -39.93
N LEU C 194 -14.10 -13.86 -39.37
CA LEU C 194 -14.98 -14.17 -38.25
C LEU C 194 -14.34 -13.72 -36.94
N LEU C 195 -13.08 -13.32 -37.02
CA LEU C 195 -12.37 -12.83 -35.85
C LEU C 195 -12.41 -11.33 -35.88
N GLN C 196 -12.77 -10.72 -34.76
CA GLN C 196 -12.73 -9.26 -34.63
C GLN C 196 -12.47 -8.78 -33.21
N PRO C 197 -11.91 -7.56 -33.07
CA PRO C 197 -11.66 -7.04 -31.74
C PRO C 197 -12.90 -6.56 -30.99
N GLY C 198 -12.99 -6.97 -29.74
CA GLY C 198 -14.03 -6.43 -28.88
C GLY C 198 -13.32 -5.50 -27.91
N ARG C 199 -13.23 -4.25 -28.31
CA ARG C 199 -12.43 -3.28 -27.60
C ARG C 199 -12.99 -3.08 -26.21
N GLY C 200 -12.09 -3.14 -25.24
CA GLY C 200 -12.42 -2.81 -23.89
C GLY C 200 -11.52 -1.77 -23.26
N GLN C 201 -12.09 -1.13 -22.27
CA GLN C 201 -11.41 -0.19 -21.40
C GLN C 201 -11.88 -0.44 -19.96
N ILE C 202 -10.92 -0.39 -19.06
CA ILE C 202 -11.14 -0.57 -17.66
C ILE C 202 -10.38 0.48 -16.89
N MET C 203 -10.87 0.76 -15.69
CA MET C 203 -10.18 1.58 -14.68
C MET C 203 -9.81 0.70 -13.51
N LYS C 204 -8.64 0.97 -12.96
CA LYS C 204 -8.27 0.31 -11.74
C LYS C 204 -8.34 1.32 -10.61
N VAL C 205 -9.05 0.97 -9.57
CA VAL C 205 -9.31 1.92 -8.50
C VAL C 205 -8.89 1.36 -7.13
N ASP C 206 -8.54 2.22 -6.17
CA ASP C 206 -8.29 1.77 -4.78
C ASP C 206 -9.56 1.76 -3.94
N ALA C 207 -10.14 0.58 -3.81
CA ALA C 207 -11.40 0.44 -3.12
C ALA C 207 -11.47 -0.90 -2.34
N PRO C 208 -10.52 -1.09 -1.43
CA PRO C 208 -10.18 -2.36 -0.76
C PRO C 208 -11.29 -2.84 0.18
N TRP C 209 -12.31 -2.02 0.34
CA TRP C 209 -13.44 -2.42 1.16
C TRP C 209 -14.45 -3.24 0.34
N MET C 210 -14.18 -3.27 -0.95
CA MET C 210 -14.98 -4.03 -1.90
C MET C 210 -14.53 -5.50 -1.96
N LYS C 211 -15.44 -6.36 -1.48
CA LYS C 211 -15.15 -7.78 -1.37
C LYS C 211 -15.96 -8.67 -2.31
N HIS C 212 -16.88 -8.08 -3.06
CA HIS C 212 -17.67 -8.82 -4.03
C HIS C 212 -17.58 -8.29 -5.40
N PHE C 213 -17.94 -9.13 -6.35
CA PHE C 213 -18.08 -8.65 -7.72
C PHE C 213 -19.52 -8.34 -8.01
N ILE C 214 -19.70 -7.43 -8.93
CA ILE C 214 -21.03 -7.08 -9.38
C ILE C 214 -20.96 -6.94 -10.88
N LEU C 215 -21.67 -7.85 -11.52
CA LEU C 215 -21.85 -7.81 -12.97
C LEU C 215 -23.28 -7.47 -13.30
N THR C 216 -23.48 -6.44 -14.11
CA THR C 216 -24.81 -6.10 -14.60
C THR C 216 -25.03 -6.64 -16.01
N HIS C 217 -26.29 -6.90 -16.33
CA HIS C 217 -26.66 -7.37 -17.65
C HIS C 217 -27.77 -6.53 -18.23
N ASP C 218 -27.51 -6.06 -19.43
CA ASP C 218 -28.43 -5.17 -20.15
C ASP C 218 -28.55 -5.59 -21.63
N PRO C 219 -29.71 -6.12 -22.02
CA PRO C 219 -29.90 -6.55 -23.40
C PRO C 219 -29.68 -5.42 -24.42
N GLU C 220 -30.00 -4.19 -24.00
CA GLU C 220 -29.87 -2.98 -24.86
C GLU C 220 -28.40 -2.69 -25.15
N ARG C 221 -27.55 -2.89 -24.17
CA ARG C 221 -26.11 -2.59 -24.31
C ARG C 221 -25.28 -3.80 -24.71
N GLY C 222 -25.68 -4.96 -24.24
CA GLY C 222 -25.07 -6.22 -24.63
C GLY C 222 -23.94 -6.68 -23.75
N ILE C 223 -23.54 -7.92 -23.99
CA ILE C 223 -22.43 -8.53 -23.30
C ILE C 223 -21.29 -7.52 -23.10
N TYR C 224 -20.68 -7.60 -21.92
CA TYR C 224 -19.45 -6.86 -21.50
C TYR C 224 -19.63 -5.39 -21.66
N ASN C 225 -20.87 -4.96 -21.91
CA ASN C 225 -21.09 -3.56 -22.26
C ASN C 225 -21.95 -2.81 -21.26
N SER C 226 -22.06 -3.36 -20.07
CA SER C 226 -22.73 -2.67 -18.98
C SER C 226 -21.83 -2.77 -17.75
N PRO C 227 -22.03 -1.88 -16.78
CA PRO C 227 -21.19 -1.71 -15.64
C PRO C 227 -20.84 -2.97 -14.86
N TYR C 228 -19.55 -3.12 -14.65
CA TYR C 228 -19.05 -4.14 -13.76
C TYR C 228 -17.95 -3.58 -12.83
N ILE C 229 -17.83 -4.25 -11.70
CA ILE C 229 -16.88 -4.04 -10.64
C ILE C 229 -16.31 -5.40 -10.19
N ILE C 230 -15.02 -5.56 -10.30
CA ILE C 230 -14.40 -6.85 -9.97
C ILE C 230 -13.21 -6.53 -9.11
N PRO C 231 -13.37 -6.73 -7.80
CA PRO C 231 -12.24 -6.63 -6.93
C PRO C 231 -11.17 -7.61 -7.23
N GLY C 232 -9.93 -7.08 -7.24
CA GLY C 232 -8.71 -7.89 -7.36
C GLY C 232 -7.87 -7.87 -6.10
N THR C 233 -6.61 -8.25 -6.26
CA THR C 233 -5.69 -8.32 -5.13
C THR C 233 -5.20 -6.93 -4.74
N GLN C 234 -4.87 -6.10 -5.71
CA GLN C 234 -4.24 -4.85 -5.38
C GLN C 234 -5.09 -3.65 -5.67
N THR C 235 -6.31 -3.91 -6.17
CA THR C 235 -7.06 -2.88 -6.87
C THR C 235 -8.39 -3.41 -7.35
N VAL C 236 -9.36 -2.51 -7.48
CA VAL C 236 -10.65 -2.85 -8.01
C VAL C 236 -10.74 -2.47 -9.52
N THR C 237 -11.13 -3.41 -10.34
CA THR C 237 -11.32 -3.14 -11.76
C THR C 237 -12.75 -2.58 -12.01
N LEU C 238 -12.81 -1.42 -12.63
CA LEU C 238 -14.11 -0.84 -13.09
C LEU C 238 -14.13 -0.98 -14.58
N GLY C 239 -15.19 -1.59 -15.09
CA GLY C 239 -15.40 -1.72 -16.52
C GLY C 239 -16.81 -1.61 -17.03
N GLY C 240 -17.00 -1.99 -18.28
CA GLY C 240 -18.29 -1.92 -18.91
C GLY C 240 -18.27 -1.37 -20.31
N ILE C 241 -17.24 -1.74 -21.06
CA ILE C 241 -17.08 -1.26 -22.44
C ILE C 241 -16.81 -2.41 -23.38
N PHE C 242 -17.61 -2.48 -24.42
CA PHE C 242 -17.39 -3.46 -25.49
C PHE C 242 -17.69 -2.84 -26.85
N GLN C 243 -16.66 -2.68 -27.65
CA GLN C 243 -16.79 -2.01 -28.94
C GLN C 243 -16.26 -2.85 -30.08
N LEU C 244 -17.16 -3.54 -30.76
CA LEU C 244 -16.79 -4.46 -31.85
C LEU C 244 -16.26 -3.72 -33.06
N GLY C 245 -15.12 -4.18 -33.54
CA GLY C 245 -14.41 -3.61 -34.67
C GLY C 245 -13.48 -2.45 -34.34
N ASN C 246 -13.46 -2.00 -33.10
CA ASN C 246 -12.62 -0.80 -32.75
C ASN C 246 -11.16 -1.18 -32.42
N TRP C 247 -10.23 -0.74 -33.26
CA TRP C 247 -8.82 -1.14 -33.07
C TRP C 247 -7.96 -0.07 -32.39
N SER C 248 -8.59 0.85 -31.70
CA SER C 248 -7.88 1.95 -31.01
C SER C 248 -7.39 1.58 -29.62
N GLU C 249 -6.10 1.36 -29.51
CA GLU C 249 -5.47 1.00 -28.25
C GLU C 249 -5.06 2.31 -27.60
N LEU C 250 -6.08 3.00 -27.14
CA LEU C 250 -5.86 4.28 -26.54
C LEU C 250 -7.06 4.49 -25.61
N ASN C 251 -6.76 4.87 -24.37
CA ASN C 251 -7.83 5.19 -23.42
C ASN C 251 -8.63 6.34 -23.96
N ASN C 252 -9.94 6.15 -23.93
CA ASN C 252 -10.90 7.15 -24.37
C ASN C 252 -11.63 7.78 -23.18
N ILE C 253 -11.57 9.10 -23.16
CA ILE C 253 -12.32 9.98 -22.22
C ILE C 253 -13.83 9.69 -22.07
N GLN C 254 -14.53 9.58 -23.17
CA GLN C 254 -15.95 9.22 -23.08
C GLN C 254 -16.12 7.88 -22.36
N ASP C 255 -15.31 6.90 -22.71
CA ASP C 255 -15.47 5.54 -22.12
C ASP C 255 -15.14 5.59 -20.64
N HIS C 256 -14.10 6.33 -20.34
CA HIS C 256 -13.74 6.57 -18.95
C HIS C 256 -14.92 7.05 -18.14
N ASN C 257 -15.58 8.08 -18.67
CA ASN C 257 -16.73 8.66 -18.00
C ASN C 257 -17.83 7.63 -17.85
N THR C 258 -18.09 6.91 -18.95
CA THR C 258 -19.18 5.89 -18.98
C THR C 258 -19.02 4.84 -17.85
N ILE C 259 -17.80 4.35 -17.72
CA ILE C 259 -17.40 3.35 -16.71
C ILE C 259 -17.52 3.97 -15.35
N TRP C 260 -16.88 5.09 -15.21
CA TRP C 260 -16.89 5.78 -13.92
C TRP C 260 -18.32 6.02 -13.38
N GLU C 261 -19.22 6.51 -14.22
CA GLU C 261 -20.58 6.90 -13.79
C GLU C 261 -21.53 5.71 -13.67
N GLY C 262 -21.31 4.70 -14.48
CA GLY C 262 -22.09 3.49 -14.35
C GLY C 262 -21.74 2.78 -13.06
N CYS C 263 -20.47 2.69 -12.77
CA CYS C 263 -20.01 1.99 -11.56
C CYS C 263 -20.36 2.74 -10.27
N CYS C 264 -20.19 4.06 -10.31
CA CYS C 264 -20.56 4.89 -9.15
C CYS C 264 -22.04 4.80 -8.90
N ARG C 265 -22.79 4.56 -9.97
CA ARG C 265 -24.24 4.43 -9.80
C ARG C 265 -24.48 3.10 -9.14
N LEU C 266 -23.80 2.10 -9.68
CA LEU C 266 -23.91 0.71 -9.20
C LEU C 266 -23.53 0.62 -7.71
N GLU C 267 -22.47 1.31 -7.35
CA GLU C 267 -22.01 1.34 -5.95
C GLU C 267 -21.42 2.70 -5.56
N PRO C 268 -22.25 3.54 -4.90
CA PRO C 268 -21.97 4.94 -4.55
C PRO C 268 -20.67 5.13 -3.77
N THR C 269 -20.26 4.09 -3.06
CA THR C 269 -19.04 4.16 -2.25
C THR C 269 -17.81 4.47 -3.08
N LEU C 270 -17.91 4.16 -4.38
CA LEU C 270 -16.84 4.34 -5.35
C LEU C 270 -16.46 5.79 -5.57
N LYS C 271 -17.38 6.70 -5.33
CA LYS C 271 -17.11 8.11 -5.64
C LYS C 271 -15.77 8.66 -5.12
N ASN C 272 -15.32 8.22 -3.96
CA ASN C 272 -14.08 8.69 -3.41
C ASN C 272 -12.96 7.64 -3.52
N ALA C 273 -13.10 6.71 -4.46
CA ALA C 273 -12.07 5.69 -4.67
C ALA C 273 -11.01 6.33 -5.54
N ARG C 274 -9.75 6.20 -5.14
CA ARG C 274 -8.65 6.79 -5.87
C ARG C 274 -8.35 6.00 -7.14
N ILE C 275 -8.23 6.69 -8.25
CA ILE C 275 -7.92 6.05 -9.56
C ILE C 275 -6.46 5.81 -9.70
N ILE C 276 -6.12 4.55 -9.99
CA ILE C 276 -4.73 4.08 -10.03
C ILE C 276 -4.24 3.91 -11.44
N GLY C 277 -5.11 3.47 -12.33
CA GLY C 277 -4.77 3.34 -13.72
C GLY C 277 -5.95 3.03 -14.61
N GLU C 278 -5.66 2.97 -15.90
CA GLU C 278 -6.67 2.83 -16.95
C GLU C 278 -6.04 2.13 -18.12
N ARG C 279 -6.74 1.14 -18.61
CA ARG C 279 -6.21 0.34 -19.71
C ARG C 279 -7.25 -0.05 -20.76
N THR C 280 -6.78 -0.18 -22.00
CA THR C 280 -7.57 -0.67 -23.11
C THR C 280 -7.02 -1.99 -23.60
N GLY C 281 -7.89 -2.84 -24.14
CA GLY C 281 -7.47 -4.11 -24.71
C GLY C 281 -8.41 -4.67 -25.74
N PHE C 282 -7.95 -5.66 -26.50
CA PHE C 282 -8.78 -6.25 -27.50
C PHE C 282 -9.23 -7.69 -27.21
N ARG C 283 -10.50 -7.83 -26.88
CA ARG C 283 -11.05 -9.16 -26.85
C ARG C 283 -10.98 -9.73 -28.25
N PRO C 284 -10.34 -10.94 -28.40
CA PRO C 284 -10.45 -11.66 -29.70
C PRO C 284 -11.83 -12.32 -29.88
N VAL C 285 -12.77 -11.52 -30.35
CA VAL C 285 -14.14 -11.97 -30.54
C VAL C 285 -14.30 -12.87 -31.77
N ARG C 286 -15.08 -13.95 -31.63
CA ARG C 286 -15.27 -14.89 -32.73
C ARG C 286 -16.49 -15.77 -32.41
N PRO C 287 -17.24 -16.21 -33.42
CA PRO C 287 -18.43 -17.00 -33.05
C PRO C 287 -18.09 -18.25 -32.25
N GLN C 288 -16.95 -18.83 -32.56
CA GLN C 288 -16.37 -20.00 -31.89
C GLN C 288 -14.88 -19.80 -31.69
N ILE C 289 -14.32 -20.41 -30.66
CA ILE C 289 -12.88 -20.46 -30.56
C ILE C 289 -12.43 -21.28 -31.75
N ARG C 290 -11.30 -20.90 -32.34
CA ARG C 290 -10.69 -21.75 -33.34
C ARG C 290 -9.60 -22.61 -32.74
N LEU C 291 -9.95 -23.85 -32.46
CA LEU C 291 -9.01 -24.77 -31.82
C LEU C 291 -8.95 -26.01 -32.67
N GLU C 292 -8.00 -26.02 -33.59
CA GLU C 292 -7.98 -27.08 -34.61
C GLU C 292 -6.66 -27.19 -35.31
N ARG C 293 -6.52 -28.29 -36.02
CA ARG C 293 -5.31 -28.53 -36.82
C ARG C 293 -5.44 -28.05 -38.25
N GLU C 294 -4.28 -27.90 -38.85
CA GLU C 294 -4.15 -27.51 -40.24
C GLU C 294 -2.72 -27.79 -40.70
N GLN C 295 -2.59 -28.40 -41.86
CA GLN C 295 -1.25 -28.59 -42.43
C GLN C 295 -1.00 -27.50 -43.44
N LEU C 296 0.02 -26.71 -43.17
CA LEU C 296 0.55 -25.72 -44.11
C LEU C 296 1.40 -26.44 -45.15
N ARG C 297 1.18 -26.12 -46.42
CA ARG C 297 1.94 -26.77 -47.48
C ARG C 297 3.40 -26.46 -47.55
N THR C 298 3.64 -25.16 -47.68
CA THR C 298 4.97 -24.58 -47.83
C THR C 298 6.12 -25.55 -48.12
N GLY C 299 6.45 -25.69 -49.39
CA GLY C 299 7.62 -26.49 -49.82
C GLY C 299 7.40 -27.99 -49.98
N PRO C 300 8.51 -28.77 -49.98
CA PRO C 300 8.43 -30.23 -50.15
C PRO C 300 7.87 -30.84 -48.89
N SER C 301 7.87 -30.01 -47.86
CA SER C 301 7.47 -30.42 -46.53
C SER C 301 6.21 -29.69 -46.11
N ASN C 302 5.29 -30.43 -45.53
CA ASN C 302 4.10 -29.81 -44.96
C ASN C 302 4.32 -29.57 -43.46
N THR C 303 3.88 -28.40 -43.00
CA THR C 303 4.03 -28.00 -41.61
C THR C 303 2.73 -28.10 -40.87
N GLU C 304 2.79 -28.68 -39.69
CA GLU C 304 1.61 -28.82 -38.84
C GLU C 304 1.35 -27.55 -38.00
N VAL C 305 0.08 -27.16 -37.98
CA VAL C 305 -0.37 -25.97 -37.28
C VAL C 305 -1.51 -26.33 -36.34
N ILE C 306 -1.38 -25.90 -35.09
CA ILE C 306 -2.50 -26.00 -34.16
C ILE C 306 -2.93 -24.56 -33.95
N HIS C 307 -4.14 -24.19 -34.37
CA HIS C 307 -4.64 -22.84 -34.11
C HIS C 307 -5.24 -22.87 -32.76
N ASN C 308 -5.01 -21.83 -31.96
CA ASN C 308 -5.70 -21.71 -30.69
C ASN C 308 -6.04 -20.27 -30.33
N TYR C 309 -7.12 -19.78 -30.90
CA TYR C 309 -7.44 -18.36 -30.75
C TYR C 309 -8.91 -18.06 -30.88
N GLY C 310 -9.22 -16.81 -30.54
CA GLY C 310 -10.56 -16.30 -30.67
C GLY C 310 -11.38 -16.62 -29.44
N HIS C 311 -10.82 -16.32 -28.28
CA HIS C 311 -11.46 -16.66 -27.01
C HIS C 311 -12.28 -15.52 -26.35
N GLY C 312 -12.58 -14.49 -27.13
CA GLY C 312 -13.41 -13.39 -26.73
C GLY C 312 -13.05 -12.82 -25.38
N GLY C 313 -14.05 -12.75 -24.50
CA GLY C 313 -13.87 -12.20 -23.16
C GLY C 313 -13.88 -13.26 -22.08
N TYR C 314 -13.50 -14.47 -22.45
CA TYR C 314 -13.56 -15.57 -21.53
C TYR C 314 -12.38 -16.48 -21.61
N GLY C 315 -11.26 -15.91 -22.06
CA GLY C 315 -10.05 -16.67 -22.29
C GLY C 315 -9.38 -17.15 -21.02
N LEU C 316 -9.41 -16.32 -19.96
CA LEU C 316 -8.94 -16.86 -18.68
C LEU C 316 -9.85 -17.97 -18.20
N THR C 317 -11.14 -17.75 -18.38
CA THR C 317 -12.20 -18.68 -17.94
C THR C 317 -12.06 -20.05 -18.58
N ILE C 318 -11.45 -20.05 -19.78
CA ILE C 318 -11.51 -21.22 -20.64
C ILE C 318 -10.14 -21.83 -20.94
N HIS C 319 -9.11 -21.06 -20.65
CA HIS C 319 -7.75 -21.33 -21.13
C HIS C 319 -7.26 -22.75 -20.87
N TRP C 320 -7.62 -23.35 -19.77
CA TRP C 320 -6.95 -24.62 -19.39
C TRP C 320 -7.49 -25.80 -20.18
N GLY C 321 -8.79 -25.78 -20.41
CA GLY C 321 -9.42 -26.83 -21.21
C GLY C 321 -8.98 -26.73 -22.64
N CYS C 322 -8.72 -25.51 -23.09
CA CYS C 322 -8.28 -25.31 -24.48
C CYS C 322 -6.88 -25.80 -24.59
N ALA C 323 -6.12 -25.59 -23.54
CA ALA C 323 -4.69 -25.96 -23.53
C ALA C 323 -4.57 -27.48 -23.51
N LEU C 324 -5.50 -28.14 -22.86
CA LEU C 324 -5.46 -29.60 -22.84
C LEU C 324 -5.96 -30.21 -24.14
N GLU C 325 -6.89 -29.52 -24.76
CA GLU C 325 -7.40 -29.88 -26.08
C GLU C 325 -6.32 -29.71 -27.15
N ALA C 326 -5.63 -28.59 -27.09
CA ALA C 326 -4.52 -28.32 -27.98
C ALA C 326 -3.41 -29.34 -27.81
N ALA C 327 -3.26 -29.84 -26.58
CA ALA C 327 -2.27 -30.89 -26.26
C ALA C 327 -2.67 -32.25 -26.80
N LYS C 328 -3.98 -32.51 -26.90
CA LYS C 328 -4.40 -33.76 -27.52
C LYS C 328 -4.09 -33.69 -29.00
N LEU C 329 -4.38 -32.55 -29.61
CA LEU C 329 -4.16 -32.40 -31.05
C LEU C 329 -2.69 -32.62 -31.38
N PHE C 330 -1.84 -32.25 -30.45
CA PHE C 330 -0.40 -32.35 -30.67
C PHE C 330 -0.02 -33.83 -30.61
N GLY C 331 -0.62 -34.52 -29.66
CA GLY C 331 -0.33 -35.91 -29.43
C GLY C 331 -0.75 -36.75 -30.63
N ARG C 332 -1.80 -36.29 -31.29
CA ARG C 332 -2.30 -36.92 -32.53
C ARG C 332 -1.31 -36.72 -33.65
N ILE C 333 -0.78 -35.50 -33.74
CA ILE C 333 0.23 -35.17 -34.71
C ILE C 333 1.39 -36.15 -34.56
N LEU C 334 1.75 -36.42 -33.30
CA LEU C 334 2.91 -37.26 -32.97
C LEU C 334 2.64 -38.70 -33.40
N GLU C 335 1.41 -39.12 -33.14
CA GLU C 335 0.99 -40.47 -33.53
C GLU C 335 0.96 -40.65 -35.05
N GLU C 336 0.89 -39.56 -35.78
CA GLU C 336 0.89 -39.61 -37.24
C GLU C 336 2.32 -39.72 -37.73
N LYS C 337 3.20 -39.02 -37.03
CA LYS C 337 4.61 -38.98 -37.39
C LYS C 337 5.21 -40.26 -36.86
N LYS C 338 4.33 -41.05 -36.25
CA LYS C 338 4.74 -42.28 -35.59
C LYS C 338 5.96 -41.96 -34.74
N LEU C 339 5.82 -40.88 -33.98
CA LEU C 339 6.85 -40.42 -33.05
C LEU C 339 6.47 -40.79 -31.61
N SER C 340 5.63 -41.82 -31.49
CA SER C 340 5.26 -42.32 -30.17
C SER C 340 4.49 -43.63 -30.23
N MET D 1 -29.51 20.30 30.62
CA MET D 1 -29.11 19.20 31.54
C MET D 1 -27.68 18.80 31.27
N ARG D 2 -27.00 18.39 32.34
CA ARG D 2 -25.62 17.98 32.25
C ARG D 2 -25.49 16.46 32.26
N VAL D 3 -25.04 15.93 31.14
CA VAL D 3 -24.85 14.51 30.98
C VAL D 3 -23.36 14.18 30.82
N VAL D 4 -22.91 13.21 31.59
CA VAL D 4 -21.55 12.72 31.45
C VAL D 4 -21.51 11.27 30.99
N VAL D 5 -21.00 11.05 29.77
CA VAL D 5 -20.71 9.69 29.27
C VAL D 5 -19.27 9.29 29.62
N ILE D 6 -19.18 8.23 30.40
CA ILE D 6 -17.87 7.64 30.81
C ILE D 6 -17.63 6.50 29.85
N GLY D 7 -16.68 6.71 28.96
CA GLY D 7 -16.29 5.68 28.00
C GLY D 7 -16.37 6.19 26.57
N ALA D 8 -15.30 5.90 25.80
CA ALA D 8 -15.14 6.38 24.42
C ALA D 8 -14.86 5.25 23.43
N GLY D 9 -15.29 4.06 23.83
CA GLY D 9 -15.39 2.92 22.94
C GLY D 9 -16.68 3.03 22.17
N VAL D 10 -17.08 1.96 21.48
CA VAL D 10 -18.22 2.05 20.58
C VAL D 10 -19.49 2.34 21.38
N ILE D 11 -19.60 1.71 22.55
CA ILE D 11 -20.80 1.84 23.37
C ILE D 11 -20.98 3.31 23.80
N GLY D 12 -19.96 3.85 24.43
CA GLY D 12 -19.98 5.22 24.85
C GLY D 12 -20.31 6.19 23.76
N LEU D 13 -19.45 6.22 22.72
CA LEU D 13 -19.58 7.22 21.67
C LEU D 13 -20.92 7.15 20.94
N SER D 14 -21.38 5.92 20.75
CA SER D 14 -22.69 5.58 20.20
C SER D 14 -23.84 6.16 21.00
N THR D 15 -23.88 5.73 22.27
CA THR D 15 -24.97 6.15 23.19
C THR D 15 -24.99 7.69 23.22
N ALA D 16 -23.80 8.26 23.29
CA ALA D 16 -23.66 9.71 23.34
C ALA D 16 -24.41 10.35 22.16
N LEU D 17 -24.03 9.84 20.99
CA LEU D 17 -24.52 10.34 19.73
C LEU D 17 -26.02 10.10 19.70
N CYS D 18 -26.41 8.87 20.00
CA CYS D 18 -27.83 8.57 20.02
C CYS D 18 -28.64 9.51 20.95
N ILE D 19 -28.10 9.81 22.11
CA ILE D 19 -28.81 10.64 23.09
C ILE D 19 -28.88 12.07 22.62
N HIS D 20 -27.84 12.49 21.95
CA HIS D 20 -27.78 13.87 21.54
C HIS D 20 -28.71 14.07 20.36
N GLU D 21 -28.70 13.09 19.45
CA GLU D 21 -29.59 13.12 18.29
C GLU D 21 -31.04 13.30 18.67
N ARG D 22 -31.46 12.51 19.64
CA ARG D 22 -32.87 12.35 19.96
C ARG D 22 -33.43 13.43 20.94
N TYR D 23 -32.59 14.10 21.71
CA TYR D 23 -33.06 14.99 22.78
C TYR D 23 -32.57 16.40 22.73
N HIS D 24 -31.59 16.65 21.88
CA HIS D 24 -30.95 17.98 21.85
C HIS D 24 -31.99 19.06 21.48
N SER D 25 -32.99 18.68 20.70
CA SER D 25 -33.96 19.66 20.24
C SER D 25 -35.00 19.93 21.33
N VAL D 26 -35.00 19.09 22.36
CA VAL D 26 -36.04 19.14 23.40
C VAL D 26 -35.51 19.43 24.80
N LEU D 27 -34.20 19.60 24.93
CA LEU D 27 -33.64 19.92 26.24
C LEU D 27 -33.05 21.33 26.26
N GLN D 28 -33.43 22.08 27.28
CA GLN D 28 -33.07 23.49 27.42
C GLN D 28 -31.65 23.58 26.94
N PRO D 29 -30.67 23.44 27.84
CA PRO D 29 -29.40 23.09 27.21
C PRO D 29 -29.16 21.65 27.51
N LEU D 30 -28.74 20.89 26.51
CA LEU D 30 -28.29 19.52 26.75
C LEU D 30 -26.79 19.54 26.69
N ASP D 31 -26.16 19.50 27.86
CA ASP D 31 -24.69 19.52 27.95
C ASP D 31 -24.21 18.09 28.13
N ILE D 32 -23.52 17.62 27.10
CA ILE D 32 -22.91 16.29 27.09
C ILE D 32 -21.38 16.37 26.93
N LYS D 33 -20.73 15.72 27.88
CA LYS D 33 -19.32 15.58 27.89
C LYS D 33 -18.92 14.11 27.99
N VAL D 34 -17.86 13.77 27.27
CA VAL D 34 -17.34 12.39 27.30
C VAL D 34 -16.05 12.34 28.08
N TYR D 35 -16.08 11.54 29.13
CA TYR D 35 -14.86 11.26 29.95
C TYR D 35 -14.38 9.86 29.64
N ALA D 36 -13.14 9.75 29.24
CA ALA D 36 -12.58 8.41 29.00
C ALA D 36 -11.13 8.40 29.29
N ASP D 37 -10.64 7.29 29.82
CA ASP D 37 -9.25 7.29 30.10
C ASP D 37 -8.38 6.91 28.89
N ARG D 38 -8.97 6.10 28.01
CA ARG D 38 -8.38 5.83 26.67
C ARG D 38 -9.33 6.11 25.49
N PHE D 39 -8.78 6.75 24.48
CA PHE D 39 -9.54 7.08 23.26
C PHE D 39 -9.01 6.29 22.04
N THR D 40 -9.79 6.38 20.96
CA THR D 40 -9.73 5.51 19.76
C THR D 40 -8.61 4.52 19.73
N PRO D 41 -7.49 4.87 19.09
CA PRO D 41 -6.48 3.87 18.76
C PRO D 41 -6.32 2.87 19.89
N LEU D 42 -6.53 3.32 21.11
CA LEU D 42 -6.24 2.51 22.29
C LEU D 42 -7.41 1.80 22.96
N THR D 43 -8.54 1.71 22.31
CA THR D 43 -9.69 1.03 22.93
C THR D 43 -9.82 -0.39 22.43
N THR D 44 -10.55 -1.17 23.20
CA THR D 44 -10.90 -2.55 22.87
C THR D 44 -11.58 -2.58 21.51
N THR D 45 -12.29 -1.49 21.28
CA THR D 45 -13.14 -1.35 20.08
C THR D 45 -12.27 -1.29 18.88
N ASP D 46 -11.05 -0.77 19.02
CA ASP D 46 -10.09 -0.65 17.88
C ASP D 46 -9.33 -1.92 17.51
N VAL D 47 -9.46 -2.91 18.38
CA VAL D 47 -8.84 -4.23 18.20
C VAL D 47 -9.82 -5.16 17.48
N ALA D 48 -11.07 -4.80 17.59
CA ALA D 48 -12.15 -5.63 17.06
C ALA D 48 -12.05 -5.67 15.53
N ALA D 49 -12.41 -6.79 14.90
CA ALA D 49 -12.44 -6.89 13.44
C ALA D 49 -13.67 -6.12 12.93
N GLY D 50 -14.80 -6.34 13.60
CA GLY D 50 -15.99 -5.56 13.36
C GLY D 50 -17.06 -6.34 12.64
N LEU D 51 -16.93 -7.66 12.66
CA LEU D 51 -17.87 -8.51 11.90
C LEU D 51 -19.19 -8.63 12.63
N TRP D 52 -20.25 -8.42 11.91
CA TRP D 52 -21.58 -8.61 12.51
C TRP D 52 -21.89 -10.11 12.58
N GLN D 53 -21.89 -10.61 13.82
CA GLN D 53 -22.42 -11.94 14.10
C GLN D 53 -22.70 -12.18 15.58
N PRO D 54 -23.99 -12.42 15.93
CA PRO D 54 -24.36 -12.81 17.28
C PRO D 54 -24.01 -14.23 17.63
N TYR D 55 -24.18 -14.55 18.91
CA TYR D 55 -24.08 -15.93 19.41
C TYR D 55 -25.01 -16.76 18.55
N LEU D 56 -24.73 -18.06 18.44
CA LEU D 56 -25.55 -18.93 17.56
C LEU D 56 -26.97 -19.10 18.10
N SER D 57 -27.04 -19.29 19.40
CA SER D 57 -28.28 -19.68 20.07
C SER D 57 -28.98 -18.58 20.88
N ASP D 58 -30.29 -18.77 21.00
CA ASP D 58 -31.18 -17.86 21.75
C ASP D 58 -30.74 -17.67 23.22
N PRO D 59 -30.27 -16.45 23.56
CA PRO D 59 -29.68 -16.03 24.83
C PRO D 59 -30.62 -15.96 26.06
N ASN D 60 -30.13 -15.27 27.09
CA ASN D 60 -30.85 -15.10 28.35
C ASN D 60 -31.92 -14.06 28.12
N ASN D 61 -31.44 -12.92 27.62
CA ASN D 61 -32.33 -11.83 27.19
C ASN D 61 -32.49 -11.91 25.68
N PRO D 62 -33.71 -12.18 25.18
CA PRO D 62 -33.95 -12.24 23.74
C PRO D 62 -34.16 -10.84 23.17
N GLN D 63 -33.99 -9.89 24.06
CA GLN D 63 -34.01 -8.48 23.67
C GLN D 63 -32.71 -8.11 22.98
N GLU D 64 -31.70 -8.96 23.19
CA GLU D 64 -30.41 -8.79 22.61
C GLU D 64 -30.46 -9.15 21.12
N ALA D 65 -31.31 -10.12 20.81
CA ALA D 65 -31.53 -10.54 19.42
C ALA D 65 -32.14 -9.38 18.62
N ASP D 66 -32.95 -8.60 19.32
CA ASP D 66 -33.67 -7.50 18.69
C ASP D 66 -32.72 -6.38 18.45
N TRP D 67 -31.85 -6.13 19.44
CA TRP D 67 -30.80 -5.09 19.38
C TRP D 67 -29.73 -5.37 18.33
N SER D 68 -29.37 -6.64 18.17
CA SER D 68 -28.40 -7.06 17.11
C SER D 68 -29.01 -6.86 15.76
N GLN D 69 -30.29 -7.13 15.67
CA GLN D 69 -30.95 -6.99 14.39
C GLN D 69 -31.20 -5.55 14.01
N GLN D 70 -31.56 -4.74 14.98
CA GLN D 70 -31.74 -3.30 14.75
C GLN D 70 -30.39 -2.68 14.25
N THR D 71 -29.29 -3.26 14.70
CA THR D 71 -27.95 -2.72 14.35
C THR D 71 -27.67 -3.18 12.91
N PHE D 72 -27.94 -4.44 12.63
CA PHE D 72 -27.74 -4.97 11.29
C PHE D 72 -28.52 -4.11 10.26
N ASP D 73 -29.81 -3.97 10.55
CA ASP D 73 -30.74 -3.26 9.65
C ASP D 73 -30.27 -1.84 9.44
N TYR D 74 -29.86 -1.21 10.51
CA TYR D 74 -29.40 0.17 10.48
C TYR D 74 -28.14 0.30 9.63
N LEU D 75 -27.21 -0.64 9.77
CA LEU D 75 -25.94 -0.56 9.02
C LEU D 75 -26.13 -0.84 7.53
N LEU D 76 -26.97 -1.82 7.26
CA LEU D 76 -27.24 -2.28 5.94
C LEU D 76 -27.82 -1.11 5.18
N SER D 77 -28.59 -0.27 5.87
CA SER D 77 -29.26 0.85 5.21
C SER D 77 -28.31 2.00 4.90
N HIS D 78 -27.06 1.90 5.34
CA HIS D 78 -26.04 2.92 4.99
C HIS D 78 -24.82 2.31 4.30
N VAL D 79 -24.93 1.04 3.96
CA VAL D 79 -23.82 0.33 3.35
C VAL D 79 -23.47 0.91 2.02
N HIS D 80 -24.46 1.48 1.34
CA HIS D 80 -24.26 2.00 0.00
C HIS D 80 -24.40 3.47 0.00
N SER D 81 -24.18 4.10 1.14
CA SER D 81 -24.18 5.57 1.20
C SER D 81 -22.76 6.14 1.12
N PRO D 82 -22.60 7.24 0.37
CA PRO D 82 -21.25 7.83 0.26
C PRO D 82 -20.86 8.49 1.58
N ASN D 83 -20.39 7.66 2.47
CA ASN D 83 -20.22 7.99 3.88
C ASN D 83 -19.68 6.75 4.53
N ALA D 84 -20.01 5.63 3.87
CA ALA D 84 -19.73 4.29 4.35
C ALA D 84 -18.25 4.04 4.58
N GLU D 85 -17.37 4.48 3.66
CA GLU D 85 -15.94 4.24 3.89
C GLU D 85 -15.44 5.07 5.04
N ASN D 86 -16.14 6.15 5.32
CA ASN D 86 -15.78 6.95 6.47
C ASN D 86 -16.13 6.23 7.79
N LEU D 87 -17.21 5.44 7.80
CA LEU D 87 -17.50 4.66 9.01
C LEU D 87 -16.82 3.34 9.03
N GLY D 88 -16.19 2.95 7.91
CA GLY D 88 -15.54 1.63 7.81
C GLY D 88 -16.51 0.48 7.68
N LEU D 89 -17.57 0.77 6.93
CA LEU D 89 -18.71 -0.16 6.80
C LEU D 89 -18.82 -0.82 5.43
N PHE D 90 -18.77 -2.13 5.40
CA PHE D 90 -18.88 -2.78 4.12
C PHE D 90 -19.47 -4.10 4.29
N LEU D 91 -19.87 -4.66 3.15
CA LEU D 91 -20.55 -5.98 3.06
C LEU D 91 -19.49 -7.08 2.89
N ILE D 92 -19.70 -8.21 3.53
CA ILE D 92 -18.72 -9.27 3.35
C ILE D 92 -19.33 -10.63 3.60
N SER D 93 -19.05 -11.57 2.71
CA SER D 93 -19.62 -12.90 2.76
C SER D 93 -18.55 -13.82 3.32
N GLY D 94 -18.98 -15.01 3.75
CA GLY D 94 -18.07 -16.04 4.27
C GLY D 94 -18.70 -17.24 4.93
N TYR D 95 -17.84 -18.01 5.57
CA TYR D 95 -18.12 -19.31 6.04
C TYR D 95 -18.15 -19.49 7.55
N ASN D 96 -19.11 -20.28 8.01
CA ASN D 96 -19.09 -20.78 9.37
C ASN D 96 -18.94 -22.27 9.27
N LEU D 97 -17.87 -22.82 9.84
CA LEU D 97 -17.57 -24.27 9.76
C LEU D 97 -17.68 -24.97 11.11
N PHE D 98 -18.42 -26.09 11.07
CA PHE D 98 -18.65 -26.97 12.22
C PHE D 98 -18.20 -28.39 11.91
N HIS D 99 -17.95 -29.16 12.97
CA HIS D 99 -17.53 -30.55 12.78
C HIS D 99 -18.72 -31.49 12.46
N GLU D 100 -19.91 -31.09 12.90
CA GLU D 100 -21.14 -31.80 12.57
C GLU D 100 -22.31 -30.83 12.50
N ALA D 101 -23.48 -31.36 12.19
CA ALA D 101 -24.68 -30.52 12.03
C ALA D 101 -25.13 -29.84 13.34
N ILE D 102 -25.85 -28.75 13.15
CA ILE D 102 -26.25 -27.88 14.22
C ILE D 102 -27.49 -27.12 13.75
N PRO D 103 -28.29 -26.58 14.69
CA PRO D 103 -29.43 -25.78 14.22
C PRO D 103 -29.07 -24.43 13.62
N ASP D 104 -29.86 -24.06 12.61
CA ASP D 104 -29.75 -22.74 12.02
C ASP D 104 -29.75 -21.68 13.10
N PRO D 105 -29.00 -20.59 12.91
CA PRO D 105 -29.06 -19.57 13.96
C PRO D 105 -30.37 -18.81 13.94
N SER D 106 -30.71 -18.18 15.05
CA SER D 106 -31.90 -17.35 15.11
C SER D 106 -31.86 -16.30 14.02
N TRP D 107 -30.67 -15.73 13.84
CA TRP D 107 -30.44 -14.57 12.96
C TRP D 107 -30.25 -14.99 11.50
N LYS D 108 -30.69 -16.20 11.18
CA LYS D 108 -30.51 -16.73 9.83
C LYS D 108 -31.19 -15.86 8.78
N ASP D 109 -32.26 -15.19 9.18
CA ASP D 109 -33.05 -14.34 8.28
C ASP D 109 -32.66 -12.88 8.37
N THR D 110 -31.86 -12.53 9.36
CA THR D 110 -31.44 -11.15 9.53
C THR D 110 -30.40 -10.85 8.49
N VAL D 111 -29.48 -11.79 8.35
CA VAL D 111 -28.37 -11.72 7.41
C VAL D 111 -28.86 -11.95 5.97
N LEU D 112 -27.95 -11.74 5.04
CA LEU D 112 -28.24 -11.85 3.61
C LEU D 112 -27.82 -13.22 3.10
N GLY D 113 -28.77 -13.86 2.43
CA GLY D 113 -28.49 -15.08 1.66
C GLY D 113 -27.98 -16.29 2.43
N PHE D 114 -28.48 -16.44 3.64
CA PHE D 114 -28.09 -17.57 4.44
C PHE D 114 -28.40 -18.90 3.76
N ARG D 115 -27.43 -19.80 3.84
CA ARG D 115 -27.61 -21.16 3.38
C ARG D 115 -26.55 -22.09 3.93
N LYS D 116 -26.82 -23.37 3.81
CA LYS D 116 -25.92 -24.42 4.25
C LYS D 116 -24.87 -24.60 3.23
N LEU D 117 -23.66 -24.92 3.70
CA LEU D 117 -22.53 -25.18 2.79
C LEU D 117 -22.73 -26.44 1.96
N THR D 118 -22.45 -26.33 0.66
CA THR D 118 -22.48 -27.47 -0.24
C THR D 118 -21.18 -28.29 -0.09
N PRO D 119 -21.19 -29.55 -0.54
CA PRO D 119 -20.09 -30.48 -0.35
C PRO D 119 -18.78 -30.01 -0.94
N ARG D 120 -18.87 -29.39 -2.10
CA ARG D 120 -17.67 -28.95 -2.83
C ARG D 120 -17.00 -27.80 -2.11
N GLU D 121 -17.79 -27.06 -1.36
CA GLU D 121 -17.28 -25.98 -0.54
C GLU D 121 -16.60 -26.62 0.67
N LEU D 122 -17.23 -27.64 1.24
CA LEU D 122 -16.69 -28.27 2.44
C LEU D 122 -15.39 -28.97 2.12
N ASP D 123 -15.21 -29.34 0.85
CA ASP D 123 -14.00 -30.05 0.46
C ASP D 123 -12.80 -29.09 0.58
N MET D 124 -13.09 -27.80 0.64
CA MET D 124 -12.03 -26.80 0.76
C MET D 124 -11.52 -26.75 2.18
N PHE D 125 -12.31 -27.27 3.10
CA PHE D 125 -11.94 -27.25 4.51
C PHE D 125 -12.00 -28.66 5.12
N PRO D 126 -10.95 -29.47 4.88
CA PRO D 126 -10.86 -30.87 5.25
C PRO D 126 -11.30 -31.18 6.68
N ASP D 127 -11.07 -30.26 7.59
CA ASP D 127 -11.27 -30.56 9.02
C ASP D 127 -12.69 -30.35 9.49
N TYR D 128 -13.51 -29.78 8.62
CA TYR D 128 -14.89 -29.50 9.01
C TYR D 128 -15.83 -30.18 8.00
N GLY D 129 -17.00 -30.61 8.50
CA GLY D 129 -17.92 -31.39 7.69
C GLY D 129 -19.28 -30.77 7.48
N TYR D 130 -19.50 -29.61 8.10
CA TYR D 130 -20.78 -28.93 8.02
C TYR D 130 -20.54 -27.45 8.14
N GLY D 131 -21.50 -26.64 7.71
CA GLY D 131 -21.34 -25.23 7.81
C GLY D 131 -22.35 -24.40 7.08
N TRP D 132 -22.15 -23.11 7.19
CA TRP D 132 -22.98 -22.12 6.54
C TRP D 132 -22.16 -21.21 5.63
N PHE D 133 -22.90 -20.48 4.83
CA PHE D 133 -22.47 -19.40 4.04
C PHE D 133 -23.53 -18.31 4.14
N HIS D 134 -23.08 -17.08 4.31
CA HIS D 134 -23.95 -15.92 4.23
C HIS D 134 -23.19 -14.64 4.01
N THR D 135 -23.98 -13.60 3.72
CA THR D 135 -23.50 -12.28 3.66
C THR D 135 -23.90 -11.48 4.92
N SER D 136 -22.90 -10.82 5.47
CA SER D 136 -23.05 -9.99 6.67
C SER D 136 -22.31 -8.66 6.43
N LEU D 137 -21.97 -7.99 7.52
CA LEU D 137 -21.47 -6.64 7.51
C LEU D 137 -20.25 -6.56 8.39
N ILE D 138 -19.30 -5.71 8.03
CA ILE D 138 -18.18 -5.40 8.90
C ILE D 138 -18.20 -3.91 9.11
N LEU D 139 -18.05 -3.54 10.37
CA LEU D 139 -17.85 -2.15 10.79
C LEU D 139 -16.55 -2.05 11.52
N GLU D 140 -15.57 -1.42 10.91
CA GLU D 140 -14.20 -1.35 11.52
C GLU D 140 -14.05 -0.22 12.54
N GLY D 141 -13.73 -0.64 13.78
CA GLY D 141 -13.76 0.21 14.99
C GLY D 141 -12.89 1.41 14.85
N LYS D 142 -11.72 1.21 14.28
CA LYS D 142 -10.79 2.31 14.23
C LYS D 142 -11.51 3.44 13.50
N ASN D 143 -12.18 3.12 12.41
CA ASN D 143 -12.90 4.12 11.59
C ASN D 143 -14.19 4.63 12.16
N TYR D 144 -15.05 3.69 12.49
CA TYR D 144 -16.31 3.99 13.14
C TYR D 144 -16.14 4.99 14.30
N LEU D 145 -15.20 4.67 15.14
CA LEU D 145 -14.93 5.47 16.34
C LEU D 145 -14.55 6.92 15.99
N GLN D 146 -13.76 7.03 14.92
CA GLN D 146 -13.27 8.31 14.44
C GLN D 146 -14.44 9.09 13.83
N TRP D 147 -15.28 8.37 13.12
CA TRP D 147 -16.49 8.90 12.53
C TRP D 147 -17.37 9.46 13.64
N LEU D 148 -17.61 8.62 14.63
CA LEU D 148 -18.46 9.01 15.80
C LEU D 148 -17.92 10.27 16.50
N THR D 149 -16.60 10.31 16.65
CA THR D 149 -15.93 11.43 17.33
C THR D 149 -16.17 12.74 16.62
N GLU D 150 -16.10 12.69 15.28
CA GLU D 150 -16.39 13.85 14.37
C GLU D 150 -17.82 14.29 14.45
N ARG D 151 -18.74 13.34 14.49
CA ARG D 151 -20.16 13.72 14.57
C ARG D 151 -20.38 14.44 15.87
N LEU D 152 -19.89 13.81 16.91
CA LEU D 152 -20.08 14.31 18.28
C LEU D 152 -19.46 15.67 18.42
N THR D 153 -18.26 15.85 17.88
CA THR D 153 -17.56 17.12 18.05
C THR D 153 -18.36 18.25 17.37
N GLU D 154 -19.02 17.94 16.27
CA GLU D 154 -19.82 18.94 15.56
C GLU D 154 -21.03 19.29 16.37
N ARG D 155 -21.45 18.37 17.24
CA ARG D 155 -22.66 18.54 18.04
C ARG D 155 -22.32 19.19 19.36
N GLY D 156 -21.11 19.68 19.45
CA GLY D 156 -20.72 20.44 20.64
C GLY D 156 -20.35 19.55 21.79
N VAL D 157 -20.27 18.26 21.51
CA VAL D 157 -19.90 17.29 22.55
C VAL D 157 -18.42 17.37 22.81
N LYS D 158 -18.11 17.72 24.07
CA LYS D 158 -16.72 17.91 24.55
C LYS D 158 -16.14 16.62 25.10
N PHE D 159 -14.86 16.42 24.85
CA PHE D 159 -14.15 15.21 25.26
C PHE D 159 -13.01 15.50 26.21
N PHE D 160 -12.88 14.68 27.24
CA PHE D 160 -11.85 14.85 28.26
C PHE D 160 -11.19 13.51 28.58
N GLN D 161 -9.88 13.52 28.67
CA GLN D 161 -9.20 12.29 28.96
C GLN D 161 -8.88 12.25 30.43
N ARG D 162 -9.58 11.36 31.10
CA ARG D 162 -9.41 11.16 32.52
C ARG D 162 -9.97 9.84 32.97
N LYS D 163 -9.34 9.29 33.99
CA LYS D 163 -9.81 8.07 34.64
C LYS D 163 -10.65 8.53 35.79
N VAL D 164 -11.92 8.18 35.70
CA VAL D 164 -12.91 8.47 36.72
C VAL D 164 -12.81 7.43 37.81
N GLU D 165 -12.61 7.90 39.04
CA GLU D 165 -12.43 7.02 40.20
C GLU D 165 -13.75 6.60 40.79
N SER D 166 -14.78 7.38 40.57
CA SER D 166 -16.06 7.05 41.16
C SER D 166 -17.16 7.83 40.51
N PHE D 167 -18.35 7.21 40.52
CA PHE D 167 -19.60 7.86 40.07
C PHE D 167 -19.83 9.10 40.92
N GLU D 168 -19.37 9.02 42.16
CA GLU D 168 -19.61 10.10 43.16
C GLU D 168 -18.86 11.37 42.79
N GLU D 169 -17.63 11.20 42.32
CA GLU D 169 -16.81 12.34 41.94
C GLU D 169 -17.44 13.04 40.75
N VAL D 170 -18.09 12.29 39.87
CA VAL D 170 -18.72 12.89 38.70
C VAL D 170 -19.99 13.63 39.10
N ALA D 171 -20.75 12.99 39.97
CA ALA D 171 -22.03 13.55 40.43
C ALA D 171 -21.76 14.83 41.20
N ARG D 172 -20.76 14.76 42.06
CA ARG D 172 -20.36 15.90 42.88
C ARG D 172 -19.98 17.07 42.00
N GLU D 173 -19.55 16.76 40.78
CA GLU D 173 -19.14 17.81 39.83
C GLU D 173 -20.36 18.45 39.13
N GLY D 174 -21.53 17.90 39.44
CA GLY D 174 -22.77 18.47 38.94
C GLY D 174 -23.42 17.78 37.76
N ALA D 175 -23.04 16.53 37.53
CA ALA D 175 -23.68 15.70 36.49
C ALA D 175 -25.10 15.33 36.90
N ASP D 176 -26.03 15.44 35.97
CA ASP D 176 -27.41 15.08 36.25
C ASP D 176 -27.65 13.63 35.83
N VAL D 177 -26.92 13.24 34.80
CA VAL D 177 -26.97 11.85 34.34
C VAL D 177 -25.60 11.34 34.03
N ILE D 178 -25.26 10.19 34.57
CA ILE D 178 -24.00 9.53 34.21
C ILE D 178 -24.39 8.36 33.32
N VAL D 179 -23.83 8.31 32.13
CA VAL D 179 -24.00 7.13 31.29
C VAL D 179 -22.70 6.31 31.39
N ASN D 180 -22.83 5.10 31.94
CA ASN D 180 -21.66 4.26 32.24
C ASN D 180 -21.37 3.24 31.14
N CYS D 181 -20.37 3.55 30.34
CA CYS D 181 -20.07 2.74 29.17
C CYS D 181 -18.65 2.32 29.22
N THR D 182 -18.30 1.73 30.35
CA THR D 182 -16.90 1.49 30.73
C THR D 182 -16.36 0.14 30.39
N GLY D 183 -17.18 -0.68 29.74
CA GLY D 183 -16.75 -1.98 29.21
C GLY D 183 -16.17 -2.84 30.29
N VAL D 184 -15.06 -3.51 29.99
CA VAL D 184 -14.49 -4.52 30.89
C VAL D 184 -14.17 -3.95 32.26
N TRP D 185 -13.95 -2.64 32.36
CA TRP D 185 -13.45 -2.00 33.55
C TRP D 185 -14.54 -1.45 34.44
N ALA D 186 -15.78 -1.85 34.18
CA ALA D 186 -16.93 -1.23 34.88
C ALA D 186 -16.96 -1.55 36.37
N GLY D 187 -16.34 -2.68 36.70
CA GLY D 187 -16.28 -3.19 38.07
C GLY D 187 -15.59 -2.26 39.04
N ALA D 188 -14.65 -1.46 38.54
CA ALA D 188 -13.90 -0.50 39.33
C ALA D 188 -14.78 0.66 39.79
N LEU D 189 -15.97 0.79 39.21
CA LEU D 189 -16.86 1.91 39.56
C LEU D 189 -17.98 1.42 40.44
N GLN D 190 -18.31 0.16 40.27
CA GLN D 190 -19.34 -0.51 41.05
C GLN D 190 -19.13 -1.98 40.86
N ARG D 191 -18.76 -2.69 41.93
CA ARG D 191 -18.30 -4.08 41.78
C ARG D 191 -19.39 -4.93 41.09
N ASP D 192 -18.95 -5.75 40.15
CA ASP D 192 -19.84 -6.59 39.35
C ASP D 192 -19.13 -7.92 39.01
N PRO D 193 -19.34 -8.93 39.83
CA PRO D 193 -18.63 -10.20 39.72
C PRO D 193 -19.03 -10.98 38.47
N LEU D 194 -20.13 -10.57 37.85
CA LEU D 194 -20.63 -11.26 36.66
C LEU D 194 -19.93 -10.76 35.41
N LEU D 195 -19.15 -9.71 35.59
CA LEU D 195 -18.41 -9.12 34.48
C LEU D 195 -16.98 -9.59 34.55
N GLN D 196 -16.48 -10.16 33.46
CA GLN D 196 -15.07 -10.58 33.43
C GLN D 196 -14.47 -10.40 32.03
N PRO D 197 -13.13 -10.39 31.95
CA PRO D 197 -12.49 -10.21 30.71
C PRO D 197 -12.42 -11.48 29.90
N GLY D 198 -12.64 -11.32 28.61
CA GLY D 198 -12.39 -12.38 27.66
C GLY D 198 -11.23 -11.96 26.81
N ARG D 199 -10.05 -12.27 27.31
CA ARG D 199 -8.85 -11.84 26.69
C ARG D 199 -8.73 -12.44 25.32
N GLY D 200 -8.49 -11.54 24.39
CA GLY D 200 -8.22 -11.89 23.01
C GLY D 200 -6.92 -11.29 22.49
N GLN D 201 -6.39 -11.98 21.50
CA GLN D 201 -5.25 -11.57 20.73
C GLN D 201 -5.59 -11.82 19.23
N ILE D 202 -5.05 -10.97 18.37
CA ILE D 202 -5.23 -11.09 16.96
C ILE D 202 -3.97 -10.68 16.23
N MET D 203 -3.80 -11.17 15.01
CA MET D 203 -2.73 -10.70 14.12
C MET D 203 -3.40 -10.04 12.97
N LYS D 204 -2.77 -9.01 12.47
CA LYS D 204 -3.19 -8.38 11.26
C LYS D 204 -2.12 -8.70 10.21
N VAL D 205 -2.58 -9.19 9.07
CA VAL D 205 -1.73 -9.74 8.01
C VAL D 205 -2.09 -9.12 6.64
N ASP D 206 -1.12 -9.04 5.75
CA ASP D 206 -1.42 -8.56 4.40
C ASP D 206 -1.74 -9.74 3.53
N ALA D 207 -3.01 -9.93 3.26
CA ALA D 207 -3.46 -11.06 2.47
C ALA D 207 -4.70 -10.59 1.65
N PRO D 208 -4.48 -9.64 0.76
CA PRO D 208 -5.56 -8.87 0.10
C PRO D 208 -6.37 -9.69 -0.91
N TRP D 209 -5.95 -10.93 -1.13
CA TRP D 209 -6.61 -11.83 -2.06
C TRP D 209 -7.71 -12.53 -1.29
N MET D 210 -7.76 -12.26 -0.01
CA MET D 210 -8.77 -12.87 0.86
C MET D 210 -10.03 -11.99 0.91
N LYS D 211 -11.09 -12.53 0.33
CA LYS D 211 -12.36 -11.80 0.15
C LYS D 211 -13.50 -12.33 1.02
N HIS D 212 -13.27 -13.43 1.72
CA HIS D 212 -14.29 -14.00 2.59
C HIS D 212 -13.85 -14.12 4.02
N PHE D 213 -14.83 -14.22 4.90
CA PHE D 213 -14.52 -14.61 6.27
C PHE D 213 -14.68 -16.11 6.49
N ILE D 214 -13.97 -16.62 7.46
CA ILE D 214 -14.07 -17.99 7.82
C ILE D 214 -13.99 -18.04 9.31
N LEU D 215 -15.09 -18.47 9.90
CA LEU D 215 -15.19 -18.68 11.33
C LEU D 215 -15.37 -20.18 11.60
N THR D 216 -14.53 -20.73 12.44
CA THR D 216 -14.66 -22.14 12.83
C THR D 216 -15.33 -22.25 14.19
N HIS D 217 -16.00 -23.37 14.41
CA HIS D 217 -16.64 -23.63 15.69
C HIS D 217 -16.22 -24.97 16.25
N ASP D 218 -15.80 -24.93 17.49
CA ASP D 218 -15.29 -26.10 18.16
C ASP D 218 -15.81 -26.10 19.59
N PRO D 219 -16.66 -27.09 19.94
CA PRO D 219 -17.22 -27.19 21.31
C PRO D 219 -16.15 -27.42 22.39
N GLU D 220 -15.07 -28.10 22.01
CA GLU D 220 -13.95 -28.36 22.92
C GLU D 220 -13.27 -27.05 23.34
N ARG D 221 -13.09 -26.15 22.38
CA ARG D 221 -12.36 -24.90 22.61
C ARG D 221 -13.27 -23.74 23.03
N GLY D 222 -14.45 -23.74 22.46
CA GLY D 222 -15.50 -22.78 22.81
C GLY D 222 -15.50 -21.53 21.97
N ILE D 223 -16.58 -20.78 22.15
CA ILE D 223 -16.77 -19.47 21.50
C ILE D 223 -15.47 -18.63 21.46
N TYR D 224 -15.25 -18.01 20.31
CA TYR D 224 -14.09 -17.09 20.03
C TYR D 224 -12.74 -17.72 20.20
N ASN D 225 -12.73 -19.05 20.37
CA ASN D 225 -11.51 -19.76 20.78
C ASN D 225 -11.03 -20.77 19.81
N SER D 226 -11.53 -20.64 18.59
CA SER D 226 -11.03 -21.46 17.51
C SER D 226 -10.80 -20.52 16.32
N PRO D 227 -9.92 -20.91 15.39
CA PRO D 227 -9.38 -20.08 14.29
C PRO D 227 -10.43 -19.32 13.48
N TYR D 228 -10.17 -18.05 13.33
CA TYR D 228 -10.92 -17.20 12.44
C TYR D 228 -10.01 -16.26 11.58
N ILE D 229 -10.53 -15.94 10.42
CA ILE D 229 -9.93 -15.10 9.43
C ILE D 229 -11.04 -14.14 9.00
N ILE D 230 -10.78 -12.85 9.12
CA ILE D 230 -11.80 -11.85 8.80
C ILE D 230 -11.09 -10.76 7.99
N PRO D 231 -11.26 -10.74 6.68
CA PRO D 231 -10.70 -9.67 5.90
C PRO D 231 -11.31 -8.33 6.21
N GLY D 232 -10.44 -7.35 6.33
CA GLY D 232 -10.78 -5.97 6.56
C GLY D 232 -10.42 -5.14 5.34
N THR D 233 -10.41 -3.83 5.54
CA THR D 233 -10.09 -2.87 4.48
C THR D 233 -8.63 -2.83 4.19
N GLN D 234 -7.80 -2.88 5.21
CA GLN D 234 -6.37 -2.66 4.93
C GLN D 234 -5.56 -3.92 5.19
N THR D 235 -6.23 -4.92 5.73
CA THR D 235 -5.51 -6.00 6.41
C THR D 235 -6.48 -7.11 6.72
N VAL D 236 -5.98 -8.33 6.85
CA VAL D 236 -6.74 -9.49 7.27
C VAL D 236 -6.43 -9.79 8.77
N THR D 237 -7.50 -9.87 9.56
CA THR D 237 -7.43 -10.24 10.96
C THR D 237 -7.43 -11.74 11.15
N LEU D 238 -6.41 -12.22 11.87
CA LEU D 238 -6.25 -13.63 12.22
C LEU D 238 -6.46 -13.69 13.70
N GLY D 239 -7.39 -14.53 14.14
CA GLY D 239 -7.59 -14.73 15.54
C GLY D 239 -7.99 -16.13 15.91
N GLY D 240 -8.52 -16.24 17.13
CA GLY D 240 -8.93 -17.50 17.70
C GLY D 240 -8.51 -17.69 19.16
N ILE D 241 -8.58 -16.63 19.94
CA ILE D 241 -8.15 -16.68 21.34
C ILE D 241 -9.21 -16.10 22.23
N PHE D 242 -9.61 -16.91 23.20
CA PHE D 242 -10.51 -16.45 24.26
C PHE D 242 -10.07 -16.98 25.64
N GLN D 243 -9.69 -16.08 26.52
CA GLN D 243 -9.14 -16.45 27.82
C GLN D 243 -9.79 -15.71 28.97
N LEU D 244 -10.79 -16.36 29.53
CA LEU D 244 -11.61 -15.77 30.59
C LEU D 244 -10.83 -15.57 31.86
N GLY D 245 -10.96 -14.35 32.39
CA GLY D 245 -10.23 -13.91 33.59
C GLY D 245 -8.81 -13.37 33.35
N ASN D 246 -8.29 -13.49 32.14
CA ASN D 246 -6.90 -13.08 31.91
C ASN D 246 -6.86 -11.58 31.64
N TRP D 247 -6.18 -10.85 32.52
CA TRP D 247 -6.09 -9.38 32.44
C TRP D 247 -4.79 -8.87 31.86
N SER D 248 -4.05 -9.76 31.22
CA SER D 248 -2.76 -9.38 30.58
C SER D 248 -2.94 -8.77 29.19
N GLU D 249 -2.64 -7.48 29.13
CA GLU D 249 -2.69 -6.67 27.93
C GLU D 249 -1.33 -6.67 27.31
N LEU D 250 -0.95 -7.83 26.84
CA LEU D 250 0.41 -8.05 26.33
C LEU D 250 0.28 -9.20 25.32
N ASN D 251 0.85 -9.00 24.16
CA ASN D 251 0.83 -10.06 23.18
C ASN D 251 1.66 -11.21 23.72
N ASN D 252 1.06 -12.40 23.63
CA ASN D 252 1.69 -13.63 24.01
C ASN D 252 2.15 -14.49 22.80
N ILE D 253 3.40 -14.84 22.86
CA ILE D 253 4.04 -15.79 21.89
C ILE D 253 3.30 -17.10 21.65
N GLN D 254 2.91 -17.80 22.71
CA GLN D 254 2.12 -18.99 22.51
C GLN D 254 0.86 -18.69 21.72
N ASP D 255 0.18 -17.60 22.06
CA ASP D 255 -1.10 -17.32 21.44
C ASP D 255 -0.93 -16.96 19.99
N HIS D 256 0.10 -16.21 19.73
CA HIS D 256 0.55 -15.90 18.39
C HIS D 256 0.67 -17.15 17.57
N ASN D 257 1.42 -18.10 18.11
CA ASN D 257 1.66 -19.36 17.39
C ASN D 257 0.35 -20.12 17.17
N THR D 258 -0.51 -20.10 18.17
CA THR D 258 -1.81 -20.81 18.07
C THR D 258 -2.65 -20.24 16.92
N ILE D 259 -2.72 -18.91 16.88
CA ILE D 259 -3.49 -18.22 15.86
C ILE D 259 -2.90 -18.52 14.50
N TRP D 260 -1.61 -18.30 14.42
CA TRP D 260 -0.89 -18.42 13.15
C TRP D 260 -1.07 -19.80 12.56
N GLU D 261 -0.90 -20.82 13.37
CA GLU D 261 -0.92 -22.21 12.89
C GLU D 261 -2.30 -22.71 12.63
N GLY D 262 -3.27 -22.20 13.37
CA GLY D 262 -4.65 -22.59 13.16
C GLY D 262 -5.15 -21.98 11.86
N CYS D 263 -4.85 -20.72 11.66
CA CYS D 263 -5.33 -20.01 10.45
C CYS D 263 -4.60 -20.48 9.19
N CYS D 264 -3.34 -20.85 9.32
CA CYS D 264 -2.57 -21.38 8.18
C CYS D 264 -3.10 -22.73 7.79
N ARG D 265 -3.62 -23.44 8.79
CA ARG D 265 -4.17 -24.75 8.53
C ARG D 265 -5.47 -24.53 7.80
N LEU D 266 -6.24 -23.59 8.31
CA LEU D 266 -7.55 -23.24 7.79
C LEU D 266 -7.47 -22.82 6.32
N GLU D 267 -6.47 -21.98 6.03
CA GLU D 267 -6.21 -21.49 4.70
C GLU D 267 -4.70 -21.34 4.40
N PRO D 268 -4.13 -22.36 3.75
CA PRO D 268 -2.70 -22.50 3.48
C PRO D 268 -2.03 -21.32 2.80
N THR D 269 -2.82 -20.50 2.11
CA THR D 269 -2.30 -19.37 1.35
C THR D 269 -1.73 -18.32 2.29
N LEU D 270 -2.17 -18.39 3.55
CA LEU D 270 -1.68 -17.46 4.59
C LEU D 270 -0.20 -17.57 4.88
N LYS D 271 0.38 -18.74 4.64
CA LYS D 271 1.77 -18.97 5.01
C LYS D 271 2.74 -17.86 4.57
N ASN D 272 2.54 -17.27 3.39
CA ASN D 272 3.44 -16.19 2.96
C ASN D 272 2.84 -14.78 3.13
N ALA D 273 1.86 -14.66 4.02
CA ALA D 273 1.18 -13.38 4.23
C ALA D 273 2.03 -12.61 5.21
N ARG D 274 2.35 -11.39 4.86
CA ARG D 274 3.22 -10.57 5.68
C ARG D 274 2.46 -10.13 6.89
N ILE D 275 3.09 -10.22 8.06
CA ILE D 275 2.52 -9.79 9.36
C ILE D 275 2.69 -8.29 9.58
N ILE D 276 1.57 -7.62 9.88
CA ILE D 276 1.58 -6.16 9.94
C ILE D 276 1.54 -5.70 11.38
N GLY D 277 0.80 -6.43 12.19
CA GLY D 277 0.66 -6.09 13.60
C GLY D 277 -0.12 -7.15 14.38
N GLU D 278 -0.12 -6.95 15.69
CA GLU D 278 -0.62 -7.90 16.67
C GLU D 278 -1.12 -7.15 17.85
N ARG D 279 -2.29 -7.52 18.32
CA ARG D 279 -2.92 -6.77 19.37
C ARG D 279 -3.73 -7.69 20.28
N THR D 280 -3.76 -7.31 21.57
CA THR D 280 -4.59 -7.95 22.60
C THR D 280 -5.73 -7.04 23.03
N GLY D 281 -6.81 -7.62 23.56
CA GLY D 281 -7.91 -6.82 24.04
C GLY D 281 -8.79 -7.58 24.99
N PHE D 282 -9.63 -6.86 25.69
CA PHE D 282 -10.52 -7.48 26.65
C PHE D 282 -11.97 -7.41 26.26
N ARG D 283 -12.52 -8.56 25.90
CA ARG D 283 -13.96 -8.66 25.77
C ARG D 283 -14.61 -8.45 27.15
N PRO D 284 -15.66 -7.58 27.22
CA PRO D 284 -16.37 -7.45 28.48
C PRO D 284 -17.44 -8.52 28.63
N VAL D 285 -17.00 -9.67 29.10
CA VAL D 285 -17.88 -10.85 29.13
C VAL D 285 -18.83 -10.75 30.31
N ARG D 286 -20.09 -11.05 30.02
CA ARG D 286 -21.12 -11.05 31.07
C ARG D 286 -22.30 -11.96 30.64
N PRO D 287 -23.04 -12.51 31.59
CA PRO D 287 -24.12 -13.40 31.11
C PRO D 287 -25.16 -12.62 30.31
N GLN D 288 -25.29 -11.34 30.66
CA GLN D 288 -26.20 -10.42 29.98
C GLN D 288 -25.49 -9.08 29.89
N ILE D 289 -25.85 -8.33 28.88
CA ILE D 289 -25.46 -6.93 28.85
C ILE D 289 -26.17 -6.31 30.02
N ARG D 290 -25.52 -5.37 30.67
CA ARG D 290 -26.19 -4.58 31.66
C ARG D 290 -26.57 -3.26 31.06
N LEU D 291 -27.84 -3.15 30.72
CA LEU D 291 -28.40 -1.94 30.12
C LEU D 291 -29.58 -1.52 30.93
N GLU D 292 -29.36 -0.68 31.91
CA GLU D 292 -30.43 -0.35 32.84
C GLU D 292 -30.11 0.90 33.61
N ARG D 293 -31.14 1.41 34.26
CA ARG D 293 -31.05 2.58 35.12
C ARG D 293 -30.76 2.22 36.56
N GLU D 294 -30.27 3.22 37.25
CA GLU D 294 -29.98 3.14 38.67
C GLU D 294 -29.82 4.56 39.22
N GLN D 295 -30.47 4.85 40.34
CA GLN D 295 -30.24 6.13 40.99
C GLN D 295 -29.19 5.99 42.06
N LEU D 296 -28.09 6.73 41.85
CA LEU D 296 -27.06 6.85 42.86
C LEU D 296 -27.53 7.83 43.91
N ARG D 297 -27.22 7.52 45.15
CA ARG D 297 -27.76 8.25 46.28
C ARG D 297 -27.07 9.55 46.54
N THR D 298 -25.76 9.44 46.67
CA THR D 298 -24.82 10.54 46.92
C THR D 298 -25.41 11.94 47.22
N GLY D 299 -25.47 12.26 48.51
CA GLY D 299 -25.87 13.59 48.98
C GLY D 299 -27.38 13.82 49.02
N PRO D 300 -27.76 15.12 49.11
CA PRO D 300 -29.18 15.50 49.21
C PRO D 300 -29.86 15.26 47.88
N SER D 301 -29.03 14.96 46.89
CA SER D 301 -29.45 14.80 45.50
C SER D 301 -29.09 13.42 45.03
N ASN D 302 -30.05 12.78 44.38
CA ASN D 302 -29.79 11.48 43.77
C ASN D 302 -29.40 11.70 42.32
N THR D 303 -28.43 10.90 41.89
CA THR D 303 -27.92 10.98 40.53
C THR D 303 -28.40 9.79 39.74
N GLU D 304 -28.86 10.08 38.53
CA GLU D 304 -29.34 9.06 37.61
C GLU D 304 -28.15 8.47 36.84
N VAL D 305 -28.18 7.14 36.72
CA VAL D 305 -27.15 6.39 36.04
C VAL D 305 -27.80 5.44 35.08
N ILE D 306 -27.30 5.49 33.84
CA ILE D 306 -27.66 4.53 32.82
C ILE D 306 -26.40 3.64 32.62
N HIS D 307 -26.49 2.37 32.97
CA HIS D 307 -25.36 1.46 32.77
C HIS D 307 -25.47 0.91 31.39
N ASN D 308 -24.38 0.91 30.66
CA ASN D 308 -24.41 0.24 29.38
C ASN D 308 -23.09 -0.46 29.09
N TYR D 309 -22.97 -1.66 29.59
CA TYR D 309 -21.75 -2.46 29.48
C TYR D 309 -21.94 -3.94 29.57
N GLY D 310 -20.84 -4.61 29.24
CA GLY D 310 -20.80 -6.06 29.25
C GLY D 310 -21.24 -6.69 27.95
N HIS D 311 -20.69 -6.20 26.88
CA HIS D 311 -21.17 -6.64 25.54
C HIS D 311 -20.35 -7.77 24.90
N GLY D 312 -19.52 -8.40 25.72
CA GLY D 312 -18.73 -9.57 25.29
C GLY D 312 -17.95 -9.36 24.02
N GLY D 313 -18.06 -10.31 23.13
CA GLY D 313 -17.49 -10.27 21.76
C GLY D 313 -18.50 -9.90 20.67
N TYR D 314 -19.52 -9.11 21.00
CA TYR D 314 -20.50 -8.72 20.01
C TYR D 314 -20.94 -7.28 20.19
N GLY D 315 -20.02 -6.47 20.67
CA GLY D 315 -20.35 -5.09 20.95
C GLY D 315 -20.56 -4.25 19.70
N LEU D 316 -19.78 -4.49 18.66
CA LEU D 316 -20.09 -3.82 17.37
C LEU D 316 -21.39 -4.39 16.76
N THR D 317 -21.50 -5.69 16.81
CA THR D 317 -22.77 -6.40 16.37
C THR D 317 -24.07 -5.85 17.00
N ILE D 318 -23.95 -5.31 18.21
CA ILE D 318 -25.15 -4.99 19.02
C ILE D 318 -25.35 -3.51 19.35
N HIS D 319 -24.31 -2.73 19.16
CA HIS D 319 -24.15 -1.38 19.69
C HIS D 319 -25.27 -0.42 19.40
N TRP D 320 -25.94 -0.56 18.29
CA TRP D 320 -26.86 0.50 17.88
C TRP D 320 -28.21 0.36 18.56
N GLY D 321 -28.63 -0.88 18.72
CA GLY D 321 -29.84 -1.17 19.45
C GLY D 321 -29.68 -0.86 20.93
N CYS D 322 -28.49 -1.09 21.46
CA CYS D 322 -28.23 -0.80 22.85
C CYS D 322 -28.25 0.70 23.02
N ALA D 323 -27.75 1.39 22.02
CA ALA D 323 -27.61 2.83 22.10
C ALA D 323 -28.97 3.48 22.06
N LEU D 324 -29.87 2.88 21.31
CA LEU D 324 -31.21 3.40 21.18
C LEU D 324 -32.00 3.06 22.42
N GLU D 325 -31.74 1.88 22.97
CA GLU D 325 -32.40 1.46 24.23
C GLU D 325 -31.95 2.35 25.38
N ALA D 326 -30.66 2.66 25.41
CA ALA D 326 -30.08 3.62 26.37
C ALA D 326 -30.70 5.00 26.21
N ALA D 327 -31.10 5.30 24.98
CA ALA D 327 -31.73 6.60 24.67
C ALA D 327 -33.16 6.64 25.20
N LYS D 328 -33.83 5.51 25.18
CA LYS D 328 -35.20 5.49 25.72
C LYS D 328 -35.13 5.69 27.22
N LEU D 329 -34.20 5.00 27.85
CA LEU D 329 -34.04 5.09 29.29
C LEU D 329 -33.80 6.53 29.72
N PHE D 330 -33.09 7.27 28.87
CA PHE D 330 -32.74 8.66 29.15
C PHE D 330 -33.97 9.56 29.01
N GLY D 331 -34.81 9.23 28.03
CA GLY D 331 -36.04 9.97 27.76
C GLY D 331 -37.03 9.75 28.90
N ARG D 332 -36.95 8.59 29.52
CA ARG D 332 -37.78 8.26 30.68
C ARG D 332 -37.34 9.05 31.92
N ILE D 333 -36.06 9.21 32.04
CA ILE D 333 -35.49 10.01 33.10
C ILE D 333 -35.99 11.43 32.97
N LEU D 334 -36.06 11.89 31.72
CA LEU D 334 -36.49 13.25 31.43
C LEU D 334 -37.96 13.45 31.80
N GLU D 335 -38.76 12.45 31.44
CA GLU D 335 -40.21 12.46 31.73
C GLU D 335 -40.48 12.38 33.22
N GLU D 336 -39.49 12.00 33.98
CA GLU D 336 -39.62 11.94 35.44
C GLU D 336 -39.27 13.29 36.04
N LYS D 337 -38.31 13.94 35.40
CA LYS D 337 -37.87 15.24 35.86
C LYS D 337 -38.89 16.24 35.34
N LYS D 338 -39.85 15.68 34.60
CA LYS D 338 -40.84 16.49 33.93
C LYS D 338 -40.11 17.59 33.15
N LEU D 339 -39.12 17.14 32.38
CA LEU D 339 -38.29 18.01 31.55
C LEU D 339 -38.66 17.81 30.09
N SER D 340 -39.89 17.38 29.87
CA SER D 340 -40.40 17.22 28.51
C SER D 340 -41.87 16.85 28.47
#